data_5NBG
# 
_entry.id   5NBG 
# 
_audit_conform.dict_name       mmcif_pdbx.dic 
_audit_conform.dict_version    5.383 
_audit_conform.dict_location   http://mmcif.pdb.org/dictionaries/ascii/mmcif_pdbx.dic 
# 
loop_
_database_2.database_id 
_database_2.database_code 
_database_2.pdbx_database_accession 
_database_2.pdbx_DOI 
PDB   5NBG         pdb_00005nbg 10.2210/pdb5nbg/pdb 
WWPDB D_1200003824 ?            ?                   
# 
loop_
_pdbx_audit_revision_history.ordinal 
_pdbx_audit_revision_history.data_content_type 
_pdbx_audit_revision_history.major_revision 
_pdbx_audit_revision_history.minor_revision 
_pdbx_audit_revision_history.revision_date 
1 'Structure model' 1 0 2018-03-21 
2 'Structure model' 1 1 2024-01-17 
# 
_pdbx_audit_revision_details.ordinal             1 
_pdbx_audit_revision_details.revision_ordinal    1 
_pdbx_audit_revision_details.data_content_type   'Structure model' 
_pdbx_audit_revision_details.provider            repository 
_pdbx_audit_revision_details.type                'Initial release' 
_pdbx_audit_revision_details.description         ? 
_pdbx_audit_revision_details.details             ? 
# 
loop_
_pdbx_audit_revision_group.ordinal 
_pdbx_audit_revision_group.revision_ordinal 
_pdbx_audit_revision_group.data_content_type 
_pdbx_audit_revision_group.group 
1 2 'Structure model' 'Data collection'        
2 2 'Structure model' 'Database references'    
3 2 'Structure model' 'Refinement description' 
# 
loop_
_pdbx_audit_revision_category.ordinal 
_pdbx_audit_revision_category.revision_ordinal 
_pdbx_audit_revision_category.data_content_type 
_pdbx_audit_revision_category.category 
1 2 'Structure model' chem_comp_atom                
2 2 'Structure model' chem_comp_bond                
3 2 'Structure model' database_2                    
4 2 'Structure model' pdbx_initial_refinement_model 
# 
loop_
_pdbx_audit_revision_item.ordinal 
_pdbx_audit_revision_item.revision_ordinal 
_pdbx_audit_revision_item.data_content_type 
_pdbx_audit_revision_item.item 
1 2 'Structure model' '_database_2.pdbx_DOI'                
2 2 'Structure model' '_database_2.pdbx_database_accession' 
# 
_pdbx_database_status.status_code                     REL 
_pdbx_database_status.status_code_sf                  REL 
_pdbx_database_status.status_code_mr                  ? 
_pdbx_database_status.entry_id                        5NBG 
_pdbx_database_status.recvd_initial_deposition_date   2017-03-01 
_pdbx_database_status.SG_entry                        N 
_pdbx_database_status.deposit_site                    PDBE 
_pdbx_database_status.process_site                    PDBE 
_pdbx_database_status.status_code_cs                  ? 
_pdbx_database_status.methods_development_category    ? 
_pdbx_database_status.pdb_format_compatible           Y 
_pdbx_database_status.status_code_nmr_data            ? 
# 
loop_
_audit_author.name 
_audit_author.pdbx_ordinal 
_audit_author.identifier_ORCID 
'Zhang, H.' 1 ? 
'Gu, S.'    2 ? 
# 
_citation.abstract                  ? 
_citation.abstract_id_CAS           ? 
_citation.book_id_ISBN              ? 
_citation.book_publisher            ? 
_citation.book_publisher_city       ? 
_citation.book_title                ? 
_citation.coordinate_linkage        ? 
_citation.country                   ? 
_citation.database_id_Medline       ? 
_citation.details                   ? 
_citation.id                        primary 
_citation.journal_abbrev            'To Be Published' 
_citation.journal_id_ASTM           ? 
_citation.journal_id_CSD            0353 
_citation.journal_id_ISSN           ? 
_citation.journal_full              ? 
_citation.journal_issue             ? 
_citation.journal_volume            ? 
_citation.language                  ? 
_citation.page_first                ? 
_citation.page_last                 ? 
_citation.title                     
;Structure of the first cytoplasmic domain of OutF and assembly of the inner-membrane platform proteins of the D. dadantii type II secretion system
;
_citation.year                      ? 
_citation.database_id_CSD           ? 
_citation.pdbx_database_id_DOI      ? 
_citation.pdbx_database_id_PubMed   ? 
_citation.unpublished_flag          ? 
# 
loop_
_citation_author.citation_id 
_citation_author.name 
_citation_author.ordinal 
_citation_author.identifier_ORCID 
primary 'Zhang, H.' 1 ? 
primary 'Gu, S.'    2 ? 
# 
loop_
_entity.id 
_entity.type 
_entity.src_method 
_entity.pdbx_description 
_entity.formula_weight 
_entity.pdbx_number_of_molecules 
_entity.pdbx_ec 
_entity.pdbx_mutation 
_entity.pdbx_fragment 
_entity.details 
1 polymer man 'General secretion pathway protein F' 11667.410 2  ? ? 'UNP residues 65-172' ? 
2 water   nat water                                 18.015    53 ? ? ?                     ? 
# 
_entity_poly.entity_id                      1 
_entity_poly.type                           'polypeptide(L)' 
_entity_poly.nstd_linkage                   no 
_entity_poly.nstd_monomer                   no 
_entity_poly.pdbx_seq_one_letter_code       
;MISASDLALLTRQLATLVAAALPLEEALDAVAKQSEKPKLSALMAAVRAKVVEGHSLAEAMGNFPGSFERLYCAMVAAGE
ASGHLDAVLNRLADYTEQRQQMRSRIQQA
;
_entity_poly.pdbx_seq_one_letter_code_can   
;MISASDLALLTRQLATLVAAALPLEEALDAVAKQSEKPKLSALMAAVRAKVVEGHSLAEAMGNFPGSFERLYCAMVAAGE
ASGHLDAVLNRLADYTEQRQQMRSRIQQA
;
_entity_poly.pdbx_strand_id                 A,B 
_entity_poly.pdbx_target_identifier         ? 
# 
_pdbx_entity_nonpoly.entity_id   2 
_pdbx_entity_nonpoly.name        water 
_pdbx_entity_nonpoly.comp_id     HOH 
# 
loop_
_entity_poly_seq.entity_id 
_entity_poly_seq.num 
_entity_poly_seq.mon_id 
_entity_poly_seq.hetero 
1 1   MET n 
1 2   ILE n 
1 3   SER n 
1 4   ALA n 
1 5   SER n 
1 6   ASP n 
1 7   LEU n 
1 8   ALA n 
1 9   LEU n 
1 10  LEU n 
1 11  THR n 
1 12  ARG n 
1 13  GLN n 
1 14  LEU n 
1 15  ALA n 
1 16  THR n 
1 17  LEU n 
1 18  VAL n 
1 19  ALA n 
1 20  ALA n 
1 21  ALA n 
1 22  LEU n 
1 23  PRO n 
1 24  LEU n 
1 25  GLU n 
1 26  GLU n 
1 27  ALA n 
1 28  LEU n 
1 29  ASP n 
1 30  ALA n 
1 31  VAL n 
1 32  ALA n 
1 33  LYS n 
1 34  GLN n 
1 35  SER n 
1 36  GLU n 
1 37  LYS n 
1 38  PRO n 
1 39  LYS n 
1 40  LEU n 
1 41  SER n 
1 42  ALA n 
1 43  LEU n 
1 44  MET n 
1 45  ALA n 
1 46  ALA n 
1 47  VAL n 
1 48  ARG n 
1 49  ALA n 
1 50  LYS n 
1 51  VAL n 
1 52  VAL n 
1 53  GLU n 
1 54  GLY n 
1 55  HIS n 
1 56  SER n 
1 57  LEU n 
1 58  ALA n 
1 59  GLU n 
1 60  ALA n 
1 61  MET n 
1 62  GLY n 
1 63  ASN n 
1 64  PHE n 
1 65  PRO n 
1 66  GLY n 
1 67  SER n 
1 68  PHE n 
1 69  GLU n 
1 70  ARG n 
1 71  LEU n 
1 72  TYR n 
1 73  CYS n 
1 74  ALA n 
1 75  MET n 
1 76  VAL n 
1 77  ALA n 
1 78  ALA n 
1 79  GLY n 
1 80  GLU n 
1 81  ALA n 
1 82  SER n 
1 83  GLY n 
1 84  HIS n 
1 85  LEU n 
1 86  ASP n 
1 87  ALA n 
1 88  VAL n 
1 89  LEU n 
1 90  ASN n 
1 91  ARG n 
1 92  LEU n 
1 93  ALA n 
1 94  ASP n 
1 95  TYR n 
1 96  THR n 
1 97  GLU n 
1 98  GLN n 
1 99  ARG n 
1 100 GLN n 
1 101 GLN n 
1 102 MET n 
1 103 ARG n 
1 104 SER n 
1 105 ARG n 
1 106 ILE n 
1 107 GLN n 
1 108 GLN n 
1 109 ALA n 
# 
_entity_src_gen.entity_id                          1 
_entity_src_gen.pdbx_src_id                        1 
_entity_src_gen.pdbx_alt_source_flag               sample 
_entity_src_gen.pdbx_seq_type                      'Biological sequence' 
_entity_src_gen.pdbx_beg_seq_num                   1 
_entity_src_gen.pdbx_end_seq_num                   109 
_entity_src_gen.gene_src_common_name               ? 
_entity_src_gen.gene_src_genus                     ? 
_entity_src_gen.pdbx_gene_src_gene                 'outF, Dda3937_02417' 
_entity_src_gen.gene_src_species                   ? 
_entity_src_gen.gene_src_strain                    3937 
_entity_src_gen.gene_src_tissue                    ? 
_entity_src_gen.gene_src_tissue_fraction           ? 
_entity_src_gen.gene_src_details                   ? 
_entity_src_gen.pdbx_gene_src_fragment             ? 
_entity_src_gen.pdbx_gene_src_scientific_name      'Dickeya dadantii (strain 3937)' 
_entity_src_gen.pdbx_gene_src_ncbi_taxonomy_id     198628 
_entity_src_gen.pdbx_gene_src_variant              ? 
_entity_src_gen.pdbx_gene_src_cell_line            ? 
_entity_src_gen.pdbx_gene_src_atcc                 ? 
_entity_src_gen.pdbx_gene_src_organ                ? 
_entity_src_gen.pdbx_gene_src_organelle            ? 
_entity_src_gen.pdbx_gene_src_cell                 ? 
_entity_src_gen.pdbx_gene_src_cellular_location    ? 
_entity_src_gen.host_org_common_name               ? 
_entity_src_gen.pdbx_host_org_scientific_name      'Escherichia coli' 
_entity_src_gen.pdbx_host_org_ncbi_taxonomy_id     562 
_entity_src_gen.host_org_genus                     ? 
_entity_src_gen.pdbx_host_org_gene                 ? 
_entity_src_gen.pdbx_host_org_organ                ? 
_entity_src_gen.host_org_species                   ? 
_entity_src_gen.pdbx_host_org_tissue               ? 
_entity_src_gen.pdbx_host_org_tissue_fraction      ? 
_entity_src_gen.pdbx_host_org_strain               ? 
_entity_src_gen.pdbx_host_org_variant              ? 
_entity_src_gen.pdbx_host_org_cell_line            ? 
_entity_src_gen.pdbx_host_org_atcc                 ? 
_entity_src_gen.pdbx_host_org_culture_collection   ? 
_entity_src_gen.pdbx_host_org_cell                 ? 
_entity_src_gen.pdbx_host_org_organelle            ? 
_entity_src_gen.pdbx_host_org_cellular_location    ? 
_entity_src_gen.pdbx_host_org_vector_type          ? 
_entity_src_gen.pdbx_host_org_vector               ? 
_entity_src_gen.host_org_details                   ? 
_entity_src_gen.expression_system_id               ? 
_entity_src_gen.plasmid_name                       ? 
_entity_src_gen.plasmid_details                    ? 
_entity_src_gen.pdbx_description                   ? 
# 
loop_
_chem_comp.id 
_chem_comp.type 
_chem_comp.mon_nstd_flag 
_chem_comp.name 
_chem_comp.pdbx_synonyms 
_chem_comp.formula 
_chem_comp.formula_weight 
ALA 'L-peptide linking' y ALANINE         ? 'C3 H7 N O2'     89.093  
ARG 'L-peptide linking' y ARGININE        ? 'C6 H15 N4 O2 1' 175.209 
ASN 'L-peptide linking' y ASPARAGINE      ? 'C4 H8 N2 O3'    132.118 
ASP 'L-peptide linking' y 'ASPARTIC ACID' ? 'C4 H7 N O4'     133.103 
CYS 'L-peptide linking' y CYSTEINE        ? 'C3 H7 N O2 S'   121.158 
GLN 'L-peptide linking' y GLUTAMINE       ? 'C5 H10 N2 O3'   146.144 
GLU 'L-peptide linking' y 'GLUTAMIC ACID' ? 'C5 H9 N O4'     147.129 
GLY 'peptide linking'   y GLYCINE         ? 'C2 H5 N O2'     75.067  
HIS 'L-peptide linking' y HISTIDINE       ? 'C6 H10 N3 O2 1' 156.162 
HOH non-polymer         . WATER           ? 'H2 O'           18.015  
ILE 'L-peptide linking' y ISOLEUCINE      ? 'C6 H13 N O2'    131.173 
LEU 'L-peptide linking' y LEUCINE         ? 'C6 H13 N O2'    131.173 
LYS 'L-peptide linking' y LYSINE          ? 'C6 H15 N2 O2 1' 147.195 
MET 'L-peptide linking' y METHIONINE      ? 'C5 H11 N O2 S'  149.211 
PHE 'L-peptide linking' y PHENYLALANINE   ? 'C9 H11 N O2'    165.189 
PRO 'L-peptide linking' y PROLINE         ? 'C5 H9 N O2'     115.130 
SER 'L-peptide linking' y SERINE          ? 'C3 H7 N O3'     105.093 
THR 'L-peptide linking' y THREONINE       ? 'C4 H9 N O3'     119.119 
TYR 'L-peptide linking' y TYROSINE        ? 'C9 H11 N O3'    181.189 
VAL 'L-peptide linking' y VALINE          ? 'C5 H11 N O2'    117.146 
# 
loop_
_pdbx_poly_seq_scheme.asym_id 
_pdbx_poly_seq_scheme.entity_id 
_pdbx_poly_seq_scheme.seq_id 
_pdbx_poly_seq_scheme.mon_id 
_pdbx_poly_seq_scheme.ndb_seq_num 
_pdbx_poly_seq_scheme.pdb_seq_num 
_pdbx_poly_seq_scheme.auth_seq_num 
_pdbx_poly_seq_scheme.pdb_mon_id 
_pdbx_poly_seq_scheme.auth_mon_id 
_pdbx_poly_seq_scheme.pdb_strand_id 
_pdbx_poly_seq_scheme.pdb_ins_code 
_pdbx_poly_seq_scheme.hetero 
A 1 1   MET 1   64  64  MET MET A . n 
A 1 2   ILE 2   65  65  ILE ILE A . n 
A 1 3   SER 3   66  66  SER SER A . n 
A 1 4   ALA 4   67  67  ALA ALA A . n 
A 1 5   SER 5   68  68  SER SER A . n 
A 1 6   ASP 6   69  69  ASP ASP A . n 
A 1 7   LEU 7   70  70  LEU LEU A . n 
A 1 8   ALA 8   71  71  ALA ALA A . n 
A 1 9   LEU 9   72  72  LEU LEU A . n 
A 1 10  LEU 10  73  73  LEU LEU A . n 
A 1 11  THR 11  74  74  THR THR A . n 
A 1 12  ARG 12  75  75  ARG ARG A . n 
A 1 13  GLN 13  76  76  GLN GLN A . n 
A 1 14  LEU 14  77  77  LEU LEU A . n 
A 1 15  ALA 15  78  78  ALA ALA A . n 
A 1 16  THR 16  79  79  THR THR A . n 
A 1 17  LEU 17  80  80  LEU LEU A . n 
A 1 18  VAL 18  81  81  VAL VAL A . n 
A 1 19  ALA 19  82  82  ALA ALA A . n 
A 1 20  ALA 20  83  83  ALA ALA A . n 
A 1 21  ALA 21  84  84  ALA ALA A . n 
A 1 22  LEU 22  85  85  LEU LEU A . n 
A 1 23  PRO 23  86  86  PRO PRO A . n 
A 1 24  LEU 24  87  87  LEU LEU A . n 
A 1 25  GLU 25  88  88  GLU GLU A . n 
A 1 26  GLU 26  89  89  GLU GLU A . n 
A 1 27  ALA 27  90  90  ALA ALA A . n 
A 1 28  LEU 28  91  91  LEU LEU A . n 
A 1 29  ASP 29  92  92  ASP ASP A . n 
A 1 30  ALA 30  93  93  ALA ALA A . n 
A 1 31  VAL 31  94  94  VAL VAL A . n 
A 1 32  ALA 32  95  95  ALA ALA A . n 
A 1 33  LYS 33  96  96  LYS LYS A . n 
A 1 34  GLN 34  97  97  GLN GLN A . n 
A 1 35  SER 35  98  98  SER SER A . n 
A 1 36  GLU 36  99  99  GLU GLU A . n 
A 1 37  LYS 37  100 100 LYS LYS A . n 
A 1 38  PRO 38  101 101 PRO PRO A . n 
A 1 39  LYS 39  102 102 LYS LYS A . n 
A 1 40  LEU 40  103 103 LEU LEU A . n 
A 1 41  SER 41  104 104 SER SER A . n 
A 1 42  ALA 42  105 105 ALA ALA A . n 
A 1 43  LEU 43  106 106 LEU LEU A . n 
A 1 44  MET 44  107 107 MET MET A . n 
A 1 45  ALA 45  108 108 ALA ALA A . n 
A 1 46  ALA 46  109 109 ALA ALA A . n 
A 1 47  VAL 47  110 110 VAL VAL A . n 
A 1 48  ARG 48  111 111 ARG ARG A . n 
A 1 49  ALA 49  112 112 ALA ALA A . n 
A 1 50  LYS 50  113 113 LYS LYS A . n 
A 1 51  VAL 51  114 114 VAL VAL A . n 
A 1 52  VAL 52  115 115 VAL VAL A . n 
A 1 53  GLU 53  116 116 GLU GLU A . n 
A 1 54  GLY 54  117 117 GLY GLY A . n 
A 1 55  HIS 55  118 118 HIS HIS A . n 
A 1 56  SER 56  119 119 SER SER A . n 
A 1 57  LEU 57  120 120 LEU LEU A . n 
A 1 58  ALA 58  121 121 ALA ALA A . n 
A 1 59  GLU 59  122 122 GLU GLU A . n 
A 1 60  ALA 60  123 123 ALA ALA A . n 
A 1 61  MET 61  124 124 MET MET A . n 
A 1 62  GLY 62  125 125 GLY GLY A . n 
A 1 63  ASN 63  126 126 ASN ASN A . n 
A 1 64  PHE 64  127 127 PHE PHE A . n 
A 1 65  PRO 65  128 128 PRO PRO A . n 
A 1 66  GLY 66  129 129 GLY GLY A . n 
A 1 67  SER 67  130 130 SER SER A . n 
A 1 68  PHE 68  131 131 PHE PHE A . n 
A 1 69  GLU 69  132 132 GLU GLU A . n 
A 1 70  ARG 70  133 133 ARG ARG A . n 
A 1 71  LEU 71  134 134 LEU LEU A . n 
A 1 72  TYR 72  135 135 TYR TYR A . n 
A 1 73  CYS 73  136 136 CYS CYS A . n 
A 1 74  ALA 74  137 137 ALA ALA A . n 
A 1 75  MET 75  138 138 MET MET A . n 
A 1 76  VAL 76  139 139 VAL VAL A . n 
A 1 77  ALA 77  140 140 ALA ALA A . n 
A 1 78  ALA 78  141 141 ALA ALA A . n 
A 1 79  GLY 79  142 142 GLY GLY A . n 
A 1 80  GLU 80  143 143 GLU GLU A . n 
A 1 81  ALA 81  144 144 ALA ALA A . n 
A 1 82  SER 82  145 145 SER SER A . n 
A 1 83  GLY 83  146 146 GLY GLY A . n 
A 1 84  HIS 84  147 147 HIS HIS A . n 
A 1 85  LEU 85  148 148 LEU LEU A . n 
A 1 86  ASP 86  149 149 ASP ASP A . n 
A 1 87  ALA 87  150 150 ALA ALA A . n 
A 1 88  VAL 88  151 151 VAL VAL A . n 
A 1 89  LEU 89  152 152 LEU LEU A . n 
A 1 90  ASN 90  153 153 ASN ASN A . n 
A 1 91  ARG 91  154 154 ARG ARG A . n 
A 1 92  LEU 92  155 155 LEU LEU A . n 
A 1 93  ALA 93  156 156 ALA ALA A . n 
A 1 94  ASP 94  157 157 ASP ASP A . n 
A 1 95  TYR 95  158 158 TYR TYR A . n 
A 1 96  THR 96  159 159 THR THR A . n 
A 1 97  GLU 97  160 160 GLU GLU A . n 
A 1 98  GLN 98  161 161 GLN GLN A . n 
A 1 99  ARG 99  162 162 ARG ARG A . n 
A 1 100 GLN 100 163 163 GLN GLN A . n 
A 1 101 GLN 101 164 164 GLN GLN A . n 
A 1 102 MET 102 165 165 MET MET A . n 
A 1 103 ARG 103 166 166 ARG ARG A . n 
A 1 104 SER 104 167 167 SER SER A . n 
A 1 105 ARG 105 168 168 ARG ARG A . n 
A 1 106 ILE 106 169 169 ILE ILE A . n 
A 1 107 GLN 107 170 170 GLN GLN A . n 
A 1 108 GLN 108 171 ?   ?   ?   A . n 
A 1 109 ALA 109 172 ?   ?   ?   A . n 
B 1 1   MET 1   64  ?   ?   ?   B . n 
B 1 2   ILE 2   65  65  ILE ILE B . n 
B 1 3   SER 3   66  66  SER SER B . n 
B 1 4   ALA 4   67  67  ALA ALA B . n 
B 1 5   SER 5   68  68  SER SER B . n 
B 1 6   ASP 6   69  69  ASP ASP B . n 
B 1 7   LEU 7   70  70  LEU LEU B . n 
B 1 8   ALA 8   71  71  ALA ALA B . n 
B 1 9   LEU 9   72  72  LEU LEU B . n 
B 1 10  LEU 10  73  73  LEU LEU B . n 
B 1 11  THR 11  74  74  THR THR B . n 
B 1 12  ARG 12  75  75  ARG ARG B . n 
B 1 13  GLN 13  76  76  GLN GLN B . n 
B 1 14  LEU 14  77  77  LEU LEU B . n 
B 1 15  ALA 15  78  78  ALA ALA B . n 
B 1 16  THR 16  79  79  THR THR B . n 
B 1 17  LEU 17  80  80  LEU LEU B . n 
B 1 18  VAL 18  81  81  VAL VAL B . n 
B 1 19  ALA 19  82  82  ALA ALA B . n 
B 1 20  ALA 20  83  83  ALA ALA B . n 
B 1 21  ALA 21  84  84  ALA ALA B . n 
B 1 22  LEU 22  85  85  LEU LEU B . n 
B 1 23  PRO 23  86  86  PRO PRO B . n 
B 1 24  LEU 24  87  87  LEU LEU B . n 
B 1 25  GLU 25  88  88  GLU GLU B . n 
B 1 26  GLU 26  89  89  GLU GLU B . n 
B 1 27  ALA 27  90  90  ALA ALA B . n 
B 1 28  LEU 28  91  91  LEU LEU B . n 
B 1 29  ASP 29  92  92  ASP ASP B . n 
B 1 30  ALA 30  93  93  ALA ALA B . n 
B 1 31  VAL 31  94  94  VAL VAL B . n 
B 1 32  ALA 32  95  95  ALA ALA B . n 
B 1 33  LYS 33  96  96  LYS LYS B . n 
B 1 34  GLN 34  97  97  GLN GLN B . n 
B 1 35  SER 35  98  98  SER SER B . n 
B 1 36  GLU 36  99  99  GLU GLU B . n 
B 1 37  LYS 37  100 100 LYS LYS B . n 
B 1 38  PRO 38  101 101 PRO PRO B . n 
B 1 39  LYS 39  102 102 LYS LYS B . n 
B 1 40  LEU 40  103 103 LEU LEU B . n 
B 1 41  SER 41  104 104 SER SER B . n 
B 1 42  ALA 42  105 105 ALA ALA B . n 
B 1 43  LEU 43  106 106 LEU LEU B . n 
B 1 44  MET 44  107 107 MET MET B . n 
B 1 45  ALA 45  108 108 ALA ALA B . n 
B 1 46  ALA 46  109 109 ALA ALA B . n 
B 1 47  VAL 47  110 110 VAL VAL B . n 
B 1 48  ARG 48  111 111 ARG ARG B . n 
B 1 49  ALA 49  112 112 ALA ALA B . n 
B 1 50  LYS 50  113 113 LYS LYS B . n 
B 1 51  VAL 51  114 114 VAL VAL B . n 
B 1 52  VAL 52  115 115 VAL VAL B . n 
B 1 53  GLU 53  116 116 GLU GLU B . n 
B 1 54  GLY 54  117 117 GLY GLY B . n 
B 1 55  HIS 55  118 118 HIS HIS B . n 
B 1 56  SER 56  119 119 SER SER B . n 
B 1 57  LEU 57  120 120 LEU LEU B . n 
B 1 58  ALA 58  121 121 ALA ALA B . n 
B 1 59  GLU 59  122 122 GLU GLU B . n 
B 1 60  ALA 60  123 123 ALA ALA B . n 
B 1 61  MET 61  124 124 MET MET B . n 
B 1 62  GLY 62  125 125 GLY GLY B . n 
B 1 63  ASN 63  126 126 ASN ASN B . n 
B 1 64  PHE 64  127 127 PHE PHE B . n 
B 1 65  PRO 65  128 128 PRO PRO B . n 
B 1 66  GLY 66  129 129 GLY GLY B . n 
B 1 67  SER 67  130 130 SER SER B . n 
B 1 68  PHE 68  131 131 PHE PHE B . n 
B 1 69  GLU 69  132 132 GLU GLU B . n 
B 1 70  ARG 70  133 133 ARG ARG B . n 
B 1 71  LEU 71  134 134 LEU LEU B . n 
B 1 72  TYR 72  135 135 TYR TYR B . n 
B 1 73  CYS 73  136 136 CYS CYS B . n 
B 1 74  ALA 74  137 137 ALA ALA B . n 
B 1 75  MET 75  138 138 MET MET B . n 
B 1 76  VAL 76  139 139 VAL VAL B . n 
B 1 77  ALA 77  140 140 ALA ALA B . n 
B 1 78  ALA 78  141 141 ALA ALA B . n 
B 1 79  GLY 79  142 142 GLY GLY B . n 
B 1 80  GLU 80  143 143 GLU GLU B . n 
B 1 81  ALA 81  144 144 ALA ALA B . n 
B 1 82  SER 82  145 145 SER SER B . n 
B 1 83  GLY 83  146 146 GLY GLY B . n 
B 1 84  HIS 84  147 147 HIS HIS B . n 
B 1 85  LEU 85  148 148 LEU LEU B . n 
B 1 86  ASP 86  149 149 ASP ASP B . n 
B 1 87  ALA 87  150 150 ALA ALA B . n 
B 1 88  VAL 88  151 151 VAL VAL B . n 
B 1 89  LEU 89  152 152 LEU LEU B . n 
B 1 90  ASN 90  153 153 ASN ASN B . n 
B 1 91  ARG 91  154 154 ARG ARG B . n 
B 1 92  LEU 92  155 155 LEU LEU B . n 
B 1 93  ALA 93  156 156 ALA ALA B . n 
B 1 94  ASP 94  157 157 ASP ASP B . n 
B 1 95  TYR 95  158 158 TYR TYR B . n 
B 1 96  THR 96  159 159 THR THR B . n 
B 1 97  GLU 97  160 160 GLU GLU B . n 
B 1 98  GLN 98  161 161 GLN GLN B . n 
B 1 99  ARG 99  162 162 ARG ARG B . n 
B 1 100 GLN 100 163 163 GLN GLN B . n 
B 1 101 GLN 101 164 164 GLN GLN B . n 
B 1 102 MET 102 165 165 MET MET B . n 
B 1 103 ARG 103 166 166 ARG ARG B . n 
B 1 104 SER 104 167 167 SER SER B . n 
B 1 105 ARG 105 168 168 ARG ARG B . n 
B 1 106 ILE 106 169 169 ILE ILE B . n 
B 1 107 GLN 107 170 170 GLN GLN B . n 
B 1 108 GLN 108 171 171 GLN GLN B . n 
B 1 109 ALA 109 172 ?   ?   ?   B . n 
# 
loop_
_pdbx_nonpoly_scheme.asym_id 
_pdbx_nonpoly_scheme.entity_id 
_pdbx_nonpoly_scheme.mon_id 
_pdbx_nonpoly_scheme.ndb_seq_num 
_pdbx_nonpoly_scheme.pdb_seq_num 
_pdbx_nonpoly_scheme.auth_seq_num 
_pdbx_nonpoly_scheme.pdb_mon_id 
_pdbx_nonpoly_scheme.auth_mon_id 
_pdbx_nonpoly_scheme.pdb_strand_id 
_pdbx_nonpoly_scheme.pdb_ins_code 
C 2 HOH 1  201 19 HOH HOH A . 
C 2 HOH 2  202 22 HOH HOH A . 
C 2 HOH 3  203 41 HOH HOH A . 
C 2 HOH 4  204 29 HOH HOH A . 
C 2 HOH 5  205 21 HOH HOH A . 
C 2 HOH 6  206 12 HOH HOH A . 
C 2 HOH 7  207 14 HOH HOH A . 
C 2 HOH 8  208 43 HOH HOH A . 
C 2 HOH 9  209 20 HOH HOH A . 
C 2 HOH 10 210 23 HOH HOH A . 
C 2 HOH 11 211 2  HOH HOH A . 
C 2 HOH 12 212 31 HOH HOH A . 
C 2 HOH 13 213 24 HOH HOH A . 
C 2 HOH 14 214 5  HOH HOH A . 
C 2 HOH 15 215 3  HOH HOH A . 
C 2 HOH 16 216 8  HOH HOH A . 
C 2 HOH 17 217 30 HOH HOH A . 
C 2 HOH 18 218 40 HOH HOH A . 
C 2 HOH 19 219 49 HOH HOH A . 
C 2 HOH 20 220 15 HOH HOH A . 
C 2 HOH 21 221 10 HOH HOH A . 
C 2 HOH 22 222 4  HOH HOH A . 
C 2 HOH 23 223 46 HOH HOH A . 
C 2 HOH 24 224 54 HOH HOH A . 
C 2 HOH 25 225 53 HOH HOH A . 
D 2 HOH 1  201 39 HOH HOH B . 
D 2 HOH 2  202 42 HOH HOH B . 
D 2 HOH 3  203 18 HOH HOH B . 
D 2 HOH 4  204 37 HOH HOH B . 
D 2 HOH 5  205 34 HOH HOH B . 
D 2 HOH 6  206 36 HOH HOH B . 
D 2 HOH 7  207 28 HOH HOH B . 
D 2 HOH 8  208 33 HOH HOH B . 
D 2 HOH 9  209 47 HOH HOH B . 
D 2 HOH 10 210 25 HOH HOH B . 
D 2 HOH 11 211 1  HOH HOH B . 
D 2 HOH 12 212 35 HOH HOH B . 
D 2 HOH 13 213 16 HOH HOH B . 
D 2 HOH 14 214 48 HOH HOH B . 
D 2 HOH 15 215 17 HOH HOH B . 
D 2 HOH 16 216 7  HOH HOH B . 
D 2 HOH 17 217 11 HOH HOH B . 
D 2 HOH 18 218 51 HOH HOH B . 
D 2 HOH 19 219 26 HOH HOH B . 
D 2 HOH 20 220 9  HOH HOH B . 
D 2 HOH 21 221 45 HOH HOH B . 
D 2 HOH 22 222 6  HOH HOH B . 
D 2 HOH 23 223 38 HOH HOH B . 
D 2 HOH 24 224 32 HOH HOH B . 
D 2 HOH 25 225 44 HOH HOH B . 
D 2 HOH 26 226 27 HOH HOH B . 
D 2 HOH 27 227 52 HOH HOH B . 
D 2 HOH 28 228 13 HOH HOH B . 
# 
loop_
_software.citation_id 
_software.classification 
_software.compiler_name 
_software.compiler_version 
_software.contact_author 
_software.contact_author_email 
_software.date 
_software.description 
_software.dependencies 
_software.hardware 
_software.language 
_software.location 
_software.mods 
_software.name 
_software.os 
_software.os_version 
_software.type 
_software.version 
_software.pdbx_ordinal 
? refinement       ? ? ? ? ? ? ? ? ? ? ? REFMAC  ? ? ? 5.8.0135 1 
? 'data reduction' ? ? ? ? ? ? ? ? ? ? ? XDS     ? ? ? .        2 
? phasing          ? ? ? ? ? ? ? ? ? ? ? MOLREP  ? ? ? .        3 
? 'data scaling'   ? ? ? ? ? ? ? ? ? ? ? Aimless ? ? ? .        4 
# 
_cell.entry_id           5NBG 
_cell.length_a           116.175 
_cell.length_b           116.175 
_cell.length_c           47.998 
_cell.angle_alpha        90.00 
_cell.angle_beta         90.00 
_cell.angle_gamma        90.00 
_cell.Z_PDB              16 
_cell.pdbx_unique_axis   ? 
# 
_symmetry.entry_id                         5NBG 
_symmetry.space_group_name_H-M             'P 4 21 2' 
_symmetry.pdbx_full_space_group_name_H-M   ? 
_symmetry.cell_setting                     ? 
_symmetry.Int_Tables_number                90 
# 
_exptl.absorpt_coefficient_mu     ? 
_exptl.absorpt_correction_T_max   ? 
_exptl.absorpt_correction_T_min   ? 
_exptl.absorpt_correction_type    ? 
_exptl.absorpt_process_details    ? 
_exptl.entry_id                   5NBG 
_exptl.crystals_number            1 
_exptl.details                    ? 
_exptl.method                     'X-RAY DIFFRACTION' 
_exptl.method_details             ? 
# 
_exptl_crystal.colour                      ? 
_exptl_crystal.density_diffrn              ? 
_exptl_crystal.density_Matthews            3.50 
_exptl_crystal.density_method              ? 
_exptl_crystal.density_percent_sol         64.86 
_exptl_crystal.description                 ? 
_exptl_crystal.F_000                       ? 
_exptl_crystal.id                          1 
_exptl_crystal.preparation                 ? 
_exptl_crystal.size_max                    ? 
_exptl_crystal.size_mid                    ? 
_exptl_crystal.size_min                    ? 
_exptl_crystal.size_rad                    ? 
_exptl_crystal.colour_lustre               ? 
_exptl_crystal.colour_modifier             ? 
_exptl_crystal.colour_primary              ? 
_exptl_crystal.density_meas                ? 
_exptl_crystal.density_meas_esd            ? 
_exptl_crystal.density_meas_gt             ? 
_exptl_crystal.density_meas_lt             ? 
_exptl_crystal.density_meas_temp           ? 
_exptl_crystal.density_meas_temp_esd       ? 
_exptl_crystal.density_meas_temp_gt        ? 
_exptl_crystal.density_meas_temp_lt        ? 
_exptl_crystal.pdbx_crystal_image_url      ? 
_exptl_crystal.pdbx_crystal_image_format   ? 
_exptl_crystal.pdbx_mosaicity              ? 
_exptl_crystal.pdbx_mosaicity_esd          ? 
# 
_exptl_crystal_grow.apparatus       ? 
_exptl_crystal_grow.atmosphere      ? 
_exptl_crystal_grow.crystal_id      1 
_exptl_crystal_grow.details         ? 
_exptl_crystal_grow.method          'VAPOR DIFFUSION, HANGING DROP' 
_exptl_crystal_grow.method_ref      ? 
_exptl_crystal_grow.pH              ? 
_exptl_crystal_grow.pressure        ? 
_exptl_crystal_grow.pressure_esd    ? 
_exptl_crystal_grow.seeding         ? 
_exptl_crystal_grow.seeding_ref     ? 
_exptl_crystal_grow.temp            291 
_exptl_crystal_grow.temp_details    ? 
_exptl_crystal_grow.temp_esd        ? 
_exptl_crystal_grow.time            ? 
_exptl_crystal_grow.pdbx_details    '100mM sodium cacodyl ate pH 6.5, 200mM Li2SO4 and 30% PEG-400' 
_exptl_crystal_grow.pdbx_pH_range   ? 
# 
_diffrn.ambient_environment    ? 
_diffrn.ambient_temp           100 
_diffrn.ambient_temp_details   ? 
_diffrn.ambient_temp_esd       ? 
_diffrn.crystal_id             1 
_diffrn.crystal_support        ? 
_diffrn.crystal_treatment      ? 
_diffrn.details                ? 
_diffrn.id                     1 
_diffrn.ambient_pressure       ? 
_diffrn.ambient_pressure_esd   ? 
_diffrn.ambient_pressure_gt    ? 
_diffrn.ambient_pressure_lt    ? 
_diffrn.ambient_temp_gt        ? 
_diffrn.ambient_temp_lt        ? 
# 
_diffrn_detector.details                      ? 
_diffrn_detector.detector                     PIXEL 
_diffrn_detector.diffrn_id                    1 
_diffrn_detector.type                         'DECTRIS PILATUS 6M-F' 
_diffrn_detector.area_resol_mean              ? 
_diffrn_detector.dtime                        ? 
_diffrn_detector.pdbx_frames_total            ? 
_diffrn_detector.pdbx_collection_time_total   ? 
_diffrn_detector.pdbx_collection_date         2015-10-30 
# 
_diffrn_radiation.collimation                      ? 
_diffrn_radiation.diffrn_id                        1 
_diffrn_radiation.filter_edge                      ? 
_diffrn_radiation.inhomogeneity                    ? 
_diffrn_radiation.monochromator                    ? 
_diffrn_radiation.polarisn_norm                    ? 
_diffrn_radiation.polarisn_ratio                   ? 
_diffrn_radiation.probe                            ? 
_diffrn_radiation.type                             ? 
_diffrn_radiation.xray_symbol                      ? 
_diffrn_radiation.wavelength_id                    1 
_diffrn_radiation.pdbx_monochromatic_or_laue_m_l   M 
_diffrn_radiation.pdbx_wavelength_list             ? 
_diffrn_radiation.pdbx_wavelength                  ? 
_diffrn_radiation.pdbx_diffrn_protocol             'SINGLE WAVELENGTH' 
_diffrn_radiation.pdbx_analyzer                    ? 
_diffrn_radiation.pdbx_scattering_type             x-ray 
# 
_diffrn_radiation_wavelength.id           1 
_diffrn_radiation_wavelength.wavelength   0.972422 
_diffrn_radiation_wavelength.wt           1.0 
# 
_diffrn_source.current                     ? 
_diffrn_source.details                     ? 
_diffrn_source.diffrn_id                   1 
_diffrn_source.power                       ? 
_diffrn_source.size                        ? 
_diffrn_source.source                      SYNCHROTRON 
_diffrn_source.target                      ? 
_diffrn_source.type                        'ESRF BEAMLINE ID23-1' 
_diffrn_source.voltage                     ? 
_diffrn_source.take-off_angle              ? 
_diffrn_source.pdbx_wavelength_list        0.972422 
_diffrn_source.pdbx_wavelength             ? 
_diffrn_source.pdbx_synchrotron_beamline   ID23-1 
_diffrn_source.pdbx_synchrotron_site       ESRF 
# 
_reflns.B_iso_Wilson_estimate            ? 
_reflns.entry_id                         5NBG 
_reflns.data_reduction_details           ? 
_reflns.data_reduction_method            ? 
_reflns.d_resolution_high                2.15 
_reflns.d_resolution_low                 41.44 
_reflns.details                          ? 
_reflns.limit_h_max                      ? 
_reflns.limit_h_min                      ? 
_reflns.limit_k_max                      ? 
_reflns.limit_k_min                      ? 
_reflns.limit_l_max                      ? 
_reflns.limit_l_min                      ? 
_reflns.number_all                       ? 
_reflns.number_obs                       18300 
_reflns.observed_criterion               ? 
_reflns.observed_criterion_F_max         ? 
_reflns.observed_criterion_F_min         ? 
_reflns.observed_criterion_I_max         ? 
_reflns.observed_criterion_I_min         ? 
_reflns.observed_criterion_sigma_F       ? 
_reflns.observed_criterion_sigma_I       ? 
_reflns.percent_possible_obs             99.15 
_reflns.R_free_details                   ? 
_reflns.Rmerge_F_all                     ? 
_reflns.Rmerge_F_obs                     ? 
_reflns.Friedel_coverage                 ? 
_reflns.number_gt                        ? 
_reflns.threshold_expression             ? 
_reflns.pdbx_redundancy                  5.5 
_reflns.pdbx_Rmerge_I_obs                0.062 
_reflns.pdbx_Rmerge_I_all                ? 
_reflns.pdbx_Rsym_value                  ? 
_reflns.pdbx_netI_over_av_sigmaI         ? 
_reflns.pdbx_netI_over_sigmaI            1.35 
_reflns.pdbx_res_netI_over_av_sigmaI_2   ? 
_reflns.pdbx_res_netI_over_sigmaI_2      ? 
_reflns.pdbx_chi_squared                 ? 
_reflns.pdbx_scaling_rejects             ? 
_reflns.pdbx_d_res_high_opt              ? 
_reflns.pdbx_d_res_low_opt               ? 
_reflns.pdbx_d_res_opt_method            ? 
_reflns.phase_calculation_details        ? 
_reflns.pdbx_Rrim_I_all                  ? 
_reflns.pdbx_Rpim_I_all                  0.037 
_reflns.pdbx_d_opt                       ? 
_reflns.pdbx_number_measured_all         ? 
_reflns.pdbx_diffrn_id                   1 
_reflns.pdbx_ordinal                     1 
_reflns.pdbx_CC_half                     0.999 
_reflns.pdbx_R_split                     ? 
# 
_reflns_shell.d_res_high                  2.15 
_reflns_shell.d_res_low                   2.23 
_reflns_shell.meanI_over_sigI_all         ? 
_reflns_shell.meanI_over_sigI_obs         ? 
_reflns_shell.number_measured_all         ? 
_reflns_shell.number_measured_obs         ? 
_reflns_shell.number_possible             ? 
_reflns_shell.number_unique_all           ? 
_reflns_shell.number_unique_obs           1764 
_reflns_shell.percent_possible_all        99.8 
_reflns_shell.percent_possible_obs        ? 
_reflns_shell.Rmerge_F_all                ? 
_reflns_shell.Rmerge_F_obs                ? 
_reflns_shell.Rmerge_I_all                ? 
_reflns_shell.Rmerge_I_obs                0.024 
_reflns_shell.meanI_over_sigI_gt          ? 
_reflns_shell.meanI_over_uI_all           ? 
_reflns_shell.meanI_over_uI_gt            ? 
_reflns_shell.number_measured_gt          ? 
_reflns_shell.number_unique_gt            ? 
_reflns_shell.percent_possible_gt         ? 
_reflns_shell.Rmerge_F_gt                 ? 
_reflns_shell.Rmerge_I_gt                 ? 
_reflns_shell.pdbx_redundancy             5.9 
_reflns_shell.pdbx_Rsym_value             ? 
_reflns_shell.pdbx_chi_squared            ? 
_reflns_shell.pdbx_netI_over_sigmaI_all   ? 
_reflns_shell.pdbx_netI_over_sigmaI_obs   ? 
_reflns_shell.pdbx_Rrim_I_all             ? 
_reflns_shell.pdbx_Rpim_I_all             0.016 
_reflns_shell.pdbx_rejects                ? 
_reflns_shell.pdbx_ordinal                1 
_reflns_shell.pdbx_diffrn_id              1 
_reflns_shell.pdbx_CC_half                0.668 
_reflns_shell.pdbx_R_split                ? 
# 
_refine.pdbx_refine_id                           'X-RAY DIFFRACTION' 
_refine.entry_id                                 5NBG 
_refine.pdbx_diffrn_id                           1 
_refine.pdbx_TLS_residual_ADP_flag               ? 
_refine.ls_number_reflns_obs                     16469 
_refine.ls_number_reflns_all                     ? 
_refine.pdbx_ls_sigma_I                          ? 
_refine.pdbx_ls_sigma_F                          ? 
_refine.pdbx_data_cutoff_high_absF               ? 
_refine.pdbx_data_cutoff_low_absF                ? 
_refine.pdbx_data_cutoff_high_rms_absF           ? 
_refine.ls_d_res_low                             82.15 
_refine.ls_d_res_high                            2.15 
_refine.ls_percent_reflns_obs                    99.15 
_refine.ls_R_factor_obs                          0.21518 
_refine.ls_R_factor_all                          ? 
_refine.ls_R_factor_R_work                       0.20964 
_refine.ls_R_factor_R_free                       0.26495 
_refine.ls_R_factor_R_free_error                 ? 
_refine.ls_R_factor_R_free_error_details         ? 
_refine.ls_percent_reflns_R_free                 10.0 
_refine.ls_number_reflns_R_free                  1831 
_refine.ls_number_parameters                     ? 
_refine.ls_number_restraints                     ? 
_refine.occupancy_min                            ? 
_refine.occupancy_max                            ? 
_refine.correlation_coeff_Fo_to_Fc               0.953 
_refine.correlation_coeff_Fo_to_Fc_free          0.924 
_refine.B_iso_mean                               51.982 
_refine.aniso_B[1][1]                            0.02 
_refine.aniso_B[2][2]                            0.02 
_refine.aniso_B[3][3]                            -0.03 
_refine.aniso_B[1][2]                            -0.00 
_refine.aniso_B[1][3]                            -0.00 
_refine.aniso_B[2][3]                            -0.00 
_refine.solvent_model_details                    MASK 
_refine.solvent_model_param_ksol                 ? 
_refine.solvent_model_param_bsol                 ? 
_refine.pdbx_solvent_vdw_probe_radii             1.20 
_refine.pdbx_solvent_ion_probe_radii             0.80 
_refine.pdbx_solvent_shrinkage_radii             0.80 
_refine.pdbx_ls_cross_valid_method               THROUGHOUT 
_refine.details                                  'HYDROGENS HAVE BEEN ADDED IN THE RIDING POSITIONS' 
_refine.pdbx_starting_model                      3C1Q 
_refine.pdbx_method_to_determine_struct          'MOLECULAR REPLACEMENT' 
_refine.pdbx_isotropic_thermal_model             ? 
_refine.pdbx_stereochemistry_target_values       'MAXIMUM LIKELIHOOD' 
_refine.pdbx_stereochem_target_val_spec_case     ? 
_refine.pdbx_R_Free_selection_details            RANDOM 
_refine.pdbx_overall_ESU_R                       0.192 
_refine.pdbx_overall_ESU_R_Free                  0.187 
_refine.overall_SU_ML                            0.150 
_refine.pdbx_overall_phase_error                 ? 
_refine.overall_SU_B                             5.980 
_refine.overall_SU_R_Cruickshank_DPI             ? 
_refine.pdbx_overall_SU_R_free_Cruickshank_DPI   ? 
_refine.pdbx_overall_SU_R_Blow_DPI               ? 
_refine.pdbx_overall_SU_R_free_Blow_DPI          ? 
# 
_refine_hist.pdbx_refine_id                   'X-RAY DIFFRACTION' 
_refine_hist.cycle_id                         1 
_refine_hist.pdbx_number_atoms_protein        1599 
_refine_hist.pdbx_number_atoms_nucleic_acid   0 
_refine_hist.pdbx_number_atoms_ligand         0 
_refine_hist.number_atoms_solvent             53 
_refine_hist.number_atoms_total               1652 
_refine_hist.d_res_high                       2.15 
_refine_hist.d_res_low                        82.15 
# 
loop_
_refine_ls_restr.type 
_refine_ls_restr.dev_ideal 
_refine_ls_restr.dev_ideal_target 
_refine_ls_restr.weight 
_refine_ls_restr.number 
_refine_ls_restr.pdbx_refine_id 
_refine_ls_restr.pdbx_restraint_function 
r_bond_refined_d             0.017  0.019  ? 1615 'X-RAY DIFFRACTION' ? 
r_bond_other_d               0.002  0.020  ? 1617 'X-RAY DIFFRACTION' ? 
r_angle_refined_deg          1.665  1.982  ? 2178 'X-RAY DIFFRACTION' ? 
r_angle_other_deg            1.035  3.000  ? 3701 'X-RAY DIFFRACTION' ? 
r_dihedral_angle_1_deg       5.534  5.000  ? 212  'X-RAY DIFFRACTION' ? 
r_dihedral_angle_2_deg       35.880 24.030 ? 67   'X-RAY DIFFRACTION' ? 
r_dihedral_angle_3_deg       17.020 15.000 ? 289  'X-RAY DIFFRACTION' ? 
r_dihedral_angle_4_deg       19.072 15.000 ? 14   'X-RAY DIFFRACTION' ? 
r_chiral_restr               0.092  0.200  ? 258  'X-RAY DIFFRACTION' ? 
r_gen_planes_refined         0.007  0.020  ? 1842 'X-RAY DIFFRACTION' ? 
r_gen_planes_other           0.002  0.020  ? 348  'X-RAY DIFFRACTION' ? 
r_nbd_refined                ?      ?      ? ?    'X-RAY DIFFRACTION' ? 
r_nbd_other                  ?      ?      ? ?    'X-RAY DIFFRACTION' ? 
r_nbtor_refined              ?      ?      ? ?    'X-RAY DIFFRACTION' ? 
r_nbtor_other                ?      ?      ? ?    'X-RAY DIFFRACTION' ? 
r_xyhbond_nbd_refined        ?      ?      ? ?    'X-RAY DIFFRACTION' ? 
r_xyhbond_nbd_other          ?      ?      ? ?    'X-RAY DIFFRACTION' ? 
r_metal_ion_refined          ?      ?      ? ?    'X-RAY DIFFRACTION' ? 
r_metal_ion_other            ?      ?      ? ?    'X-RAY DIFFRACTION' ? 
r_symmetry_vdw_refined       ?      ?      ? ?    'X-RAY DIFFRACTION' ? 
r_symmetry_vdw_other         ?      ?      ? ?    'X-RAY DIFFRACTION' ? 
r_symmetry_hbond_refined     ?      ?      ? ?    'X-RAY DIFFRACTION' ? 
r_symmetry_hbond_other       ?      ?      ? ?    'X-RAY DIFFRACTION' ? 
r_symmetry_metal_ion_refined ?      ?      ? ?    'X-RAY DIFFRACTION' ? 
r_symmetry_metal_ion_other   ?      ?      ? ?    'X-RAY DIFFRACTION' ? 
r_mcbond_it                  4.529  4.792  ? 854  'X-RAY DIFFRACTION' ? 
r_mcbond_other               4.511  4.788  ? 853  'X-RAY DIFFRACTION' ? 
r_mcangle_it                 6.043  7.166  ? 1064 'X-RAY DIFFRACTION' ? 
r_mcangle_other              6.052  7.173  ? 1065 'X-RAY DIFFRACTION' ? 
r_scbond_it                  5.823  5.587  ? 761  'X-RAY DIFFRACTION' ? 
r_scbond_other               5.820  5.595  ? 762  'X-RAY DIFFRACTION' ? 
r_scangle_it                 ?      ?      ? ?    'X-RAY DIFFRACTION' ? 
r_scangle_other              8.564  8.075  ? 1115 'X-RAY DIFFRACTION' ? 
r_long_range_B_refined       10.342 38.660 ? 1902 'X-RAY DIFFRACTION' ? 
r_long_range_B_other         10.355 38.615 ? 1890 'X-RAY DIFFRACTION' ? 
r_rigid_bond_restr           ?      ?      ? ?    'X-RAY DIFFRACTION' ? 
r_sphericity_free            ?      ?      ? ?    'X-RAY DIFFRACTION' ? 
r_sphericity_bonded          ?      ?      ? ?    'X-RAY DIFFRACTION' ? 
# 
_refine_ls_shell.pdbx_refine_id                   'X-RAY DIFFRACTION' 
_refine_ls_shell.pdbx_total_number_of_bins_used   20 
_refine_ls_shell.d_res_high                       2.150 
_refine_ls_shell.d_res_low                        2.206 
_refine_ls_shell.number_reflns_R_work             1195 
_refine_ls_shell.R_factor_R_work                  0.290 
_refine_ls_shell.percent_reflns_obs               99.48 
_refine_ls_shell.R_factor_R_free                  0.329 
_refine_ls_shell.R_factor_R_free_error            ? 
_refine_ls_shell.percent_reflns_R_free            ? 
_refine_ls_shell.number_reflns_R_free             133 
_refine_ls_shell.number_reflns_all                ? 
_refine_ls_shell.R_factor_all                     ? 
_refine_ls_shell.R_factor_obs                     ? 
_refine_ls_shell.number_reflns_obs                ? 
# 
_struct.entry_id                     5NBG 
_struct.title                        'Structure of the cytoplasmic domain I of OutF in the D. dadantii type II secretion system' 
_struct.pdbx_model_details           ? 
_struct.pdbx_formula_weight          ? 
_struct.pdbx_formula_weight_method   ? 
_struct.pdbx_model_type_details      ? 
_struct.pdbx_CASP_flag               N 
# 
_struct_keywords.entry_id        5NBG 
_struct_keywords.text            'inner membrane protein, MEMBRANE PROTEIN' 
_struct_keywords.pdbx_keywords   'MEMBRANE PROTEIN' 
# 
loop_
_struct_asym.id 
_struct_asym.pdbx_blank_PDB_chainid_flag 
_struct_asym.pdbx_modified 
_struct_asym.entity_id 
_struct_asym.details 
A N N 1 ? 
B N N 1 ? 
C N N 2 ? 
D N N 2 ? 
# 
_struct_ref.id                         1 
_struct_ref.db_name                    UNP 
_struct_ref.db_code                    E0SM39_DICD3 
_struct_ref.pdbx_db_accession          E0SM39 
_struct_ref.pdbx_db_isoform            ? 
_struct_ref.entity_id                  1 
_struct_ref.pdbx_seq_one_letter_code   
;ISASDLALLTRQLATLVAAALPLEEALDAVAKQSEKPKLSALMAAVRAKVVEGHSLAEAMGNFPGSFERLYCAMVAAGEA
SGHLDAVLNRLADYTEQRQQMRSRIQQA
;
_struct_ref.pdbx_align_begin           65 
# 
loop_
_struct_ref_seq.align_id 
_struct_ref_seq.ref_id 
_struct_ref_seq.pdbx_PDB_id_code 
_struct_ref_seq.pdbx_strand_id 
_struct_ref_seq.seq_align_beg 
_struct_ref_seq.pdbx_seq_align_beg_ins_code 
_struct_ref_seq.seq_align_end 
_struct_ref_seq.pdbx_seq_align_end_ins_code 
_struct_ref_seq.pdbx_db_accession 
_struct_ref_seq.db_align_beg 
_struct_ref_seq.pdbx_db_align_beg_ins_code 
_struct_ref_seq.db_align_end 
_struct_ref_seq.pdbx_db_align_end_ins_code 
_struct_ref_seq.pdbx_auth_seq_align_beg 
_struct_ref_seq.pdbx_auth_seq_align_end 
1 1 5NBG A 2 ? 109 ? E0SM39 65 ? 172 ? 65 172 
2 1 5NBG B 2 ? 109 ? E0SM39 65 ? 172 ? 65 172 
# 
loop_
_struct_ref_seq_dif.align_id 
_struct_ref_seq_dif.pdbx_pdb_id_code 
_struct_ref_seq_dif.mon_id 
_struct_ref_seq_dif.pdbx_pdb_strand_id 
_struct_ref_seq_dif.seq_num 
_struct_ref_seq_dif.pdbx_pdb_ins_code 
_struct_ref_seq_dif.pdbx_seq_db_name 
_struct_ref_seq_dif.pdbx_seq_db_accession_code 
_struct_ref_seq_dif.db_mon_id 
_struct_ref_seq_dif.pdbx_seq_db_seq_num 
_struct_ref_seq_dif.details 
_struct_ref_seq_dif.pdbx_auth_seq_num 
_struct_ref_seq_dif.pdbx_ordinal 
1 5NBG MET A 1 ? UNP E0SM39 ? ? 'initiating methionine' 64 1 
2 5NBG MET B 1 ? UNP E0SM39 ? ? 'initiating methionine' 64 2 
# 
_pdbx_struct_assembly.id                   1 
_pdbx_struct_assembly.details              author_and_software_defined_assembly 
_pdbx_struct_assembly.method_details       PISA 
_pdbx_struct_assembly.oligomeric_details   dimeric 
_pdbx_struct_assembly.oligomeric_count     2 
# 
loop_
_pdbx_struct_assembly_prop.biol_id 
_pdbx_struct_assembly_prop.type 
_pdbx_struct_assembly_prop.value 
_pdbx_struct_assembly_prop.details 
1 'ABSA (A^2)' 1370  ? 
1 MORE         -3    ? 
1 'SSA (A^2)'  10730 ? 
# 
_pdbx_struct_assembly_gen.assembly_id       1 
_pdbx_struct_assembly_gen.oper_expression   1 
_pdbx_struct_assembly_gen.asym_id_list      A,B,C,D 
# 
_pdbx_struct_assembly_auth_evidence.id                     1 
_pdbx_struct_assembly_auth_evidence.assembly_id            1 
_pdbx_struct_assembly_auth_evidence.experimental_support   'light scattering' 
_pdbx_struct_assembly_auth_evidence.details                
'the size of the molecular is 26kDa which is double times of the monomer' 
# 
_pdbx_struct_oper_list.id                   1 
_pdbx_struct_oper_list.type                 'identity operation' 
_pdbx_struct_oper_list.name                 1_555 
_pdbx_struct_oper_list.symmetry_operation   x,y,z 
_pdbx_struct_oper_list.matrix[1][1]         1.0000000000 
_pdbx_struct_oper_list.matrix[1][2]         0.0000000000 
_pdbx_struct_oper_list.matrix[1][3]         0.0000000000 
_pdbx_struct_oper_list.vector[1]            0.0000000000 
_pdbx_struct_oper_list.matrix[2][1]         0.0000000000 
_pdbx_struct_oper_list.matrix[2][2]         1.0000000000 
_pdbx_struct_oper_list.matrix[2][3]         0.0000000000 
_pdbx_struct_oper_list.vector[2]            0.0000000000 
_pdbx_struct_oper_list.matrix[3][1]         0.0000000000 
_pdbx_struct_oper_list.matrix[3][2]         0.0000000000 
_pdbx_struct_oper_list.matrix[3][3]         1.0000000000 
_pdbx_struct_oper_list.vector[3]            0.0000000000 
# 
loop_
_struct_conf.conf_type_id 
_struct_conf.id 
_struct_conf.pdbx_PDB_helix_id 
_struct_conf.beg_label_comp_id 
_struct_conf.beg_label_asym_id 
_struct_conf.beg_label_seq_id 
_struct_conf.pdbx_beg_PDB_ins_code 
_struct_conf.end_label_comp_id 
_struct_conf.end_label_asym_id 
_struct_conf.end_label_seq_id 
_struct_conf.pdbx_end_PDB_ins_code 
_struct_conf.beg_auth_comp_id 
_struct_conf.beg_auth_asym_id 
_struct_conf.beg_auth_seq_id 
_struct_conf.end_auth_comp_id 
_struct_conf.end_auth_asym_id 
_struct_conf.end_auth_seq_id 
_struct_conf.pdbx_PDB_helix_class 
_struct_conf.details 
_struct_conf.pdbx_PDB_helix_length 
HELX_P HELX_P1  AA1 SER A 3  ? ALA A 20  ? SER A 66  ALA A 83  1 ? 18 
HELX_P HELX_P2  AA2 PRO A 23 ? SER A 35  ? PRO A 86  SER A 98  1 ? 13 
HELX_P HELX_P3  AA3 LYS A 37 ? GLU A 53  ? LYS A 100 GLU A 116 1 ? 17 
HELX_P HELX_P4  AA4 SER A 56 ? ASN A 63  ? SER A 119 ASN A 126 1 ? 8  
HELX_P HELX_P5  AA5 GLU A 69 ? GLY A 83  ? GLU A 132 GLY A 146 1 ? 15 
HELX_P HELX_P6  AA6 HIS A 84 ? GLN A 107 ? HIS A 147 GLN A 170 1 ? 24 
HELX_P HELX_P7  AA7 SER B 3  ? ALA B 20  ? SER B 66  ALA B 83  1 ? 18 
HELX_P HELX_P8  AA8 PRO B 23 ? SER B 35  ? PRO B 86  SER B 98  1 ? 13 
HELX_P HELX_P9  AA9 LYS B 37 ? GLU B 53  ? LYS B 100 GLU B 116 1 ? 17 
HELX_P HELX_P10 AB1 SER B 56 ? ASN B 63  ? SER B 119 ASN B 126 1 ? 8  
HELX_P HELX_P11 AB2 GLU B 69 ? SER B 82  ? GLU B 132 SER B 145 1 ? 14 
HELX_P HELX_P12 AB3 HIS B 84 ? GLN B 108 ? HIS B 147 GLN B 171 1 ? 25 
# 
_struct_conf_type.id          HELX_P 
_struct_conf_type.criteria    ? 
_struct_conf_type.reference   ? 
# 
_pdbx_validate_close_contact.id               1 
_pdbx_validate_close_contact.PDB_model_num    1 
_pdbx_validate_close_contact.auth_atom_id_1   OE2 
_pdbx_validate_close_contact.auth_asym_id_1   B 
_pdbx_validate_close_contact.auth_comp_id_1   GLU 
_pdbx_validate_close_contact.auth_seq_id_1    143 
_pdbx_validate_close_contact.PDB_ins_code_1   ? 
_pdbx_validate_close_contact.label_alt_id_1   ? 
_pdbx_validate_close_contact.auth_atom_id_2   O 
_pdbx_validate_close_contact.auth_asym_id_2   B 
_pdbx_validate_close_contact.auth_comp_id_2   HOH 
_pdbx_validate_close_contact.auth_seq_id_2    201 
_pdbx_validate_close_contact.PDB_ins_code_2   ? 
_pdbx_validate_close_contact.label_alt_id_2   ? 
_pdbx_validate_close_contact.dist             2.14 
# 
_pdbx_validate_rmsd_angle.id                         1 
_pdbx_validate_rmsd_angle.PDB_model_num              1 
_pdbx_validate_rmsd_angle.auth_atom_id_1             NE 
_pdbx_validate_rmsd_angle.auth_asym_id_1             A 
_pdbx_validate_rmsd_angle.auth_comp_id_1             ARG 
_pdbx_validate_rmsd_angle.auth_seq_id_1              162 
_pdbx_validate_rmsd_angle.PDB_ins_code_1             ? 
_pdbx_validate_rmsd_angle.label_alt_id_1             ? 
_pdbx_validate_rmsd_angle.auth_atom_id_2             CZ 
_pdbx_validate_rmsd_angle.auth_asym_id_2             A 
_pdbx_validate_rmsd_angle.auth_comp_id_2             ARG 
_pdbx_validate_rmsd_angle.auth_seq_id_2              162 
_pdbx_validate_rmsd_angle.PDB_ins_code_2             ? 
_pdbx_validate_rmsd_angle.label_alt_id_2             ? 
_pdbx_validate_rmsd_angle.auth_atom_id_3             NH2 
_pdbx_validate_rmsd_angle.auth_asym_id_3             A 
_pdbx_validate_rmsd_angle.auth_comp_id_3             ARG 
_pdbx_validate_rmsd_angle.auth_seq_id_3              162 
_pdbx_validate_rmsd_angle.PDB_ins_code_3             ? 
_pdbx_validate_rmsd_angle.label_alt_id_3             ? 
_pdbx_validate_rmsd_angle.angle_value                116.85 
_pdbx_validate_rmsd_angle.angle_target_value         120.30 
_pdbx_validate_rmsd_angle.angle_deviation            -3.45 
_pdbx_validate_rmsd_angle.angle_standard_deviation   0.50 
_pdbx_validate_rmsd_angle.linker_flag                N 
# 
_pdbx_validate_torsion.id              1 
_pdbx_validate_torsion.PDB_model_num   1 
_pdbx_validate_torsion.auth_comp_id    GLU 
_pdbx_validate_torsion.auth_asym_id    B 
_pdbx_validate_torsion.auth_seq_id     116 
_pdbx_validate_torsion.PDB_ins_code    ? 
_pdbx_validate_torsion.label_alt_id    ? 
_pdbx_validate_torsion.phi             -63.54 
_pdbx_validate_torsion.psi             11.85 
# 
loop_
_pdbx_distant_solvent_atoms.id 
_pdbx_distant_solvent_atoms.PDB_model_num 
_pdbx_distant_solvent_atoms.auth_atom_id 
_pdbx_distant_solvent_atoms.label_alt_id 
_pdbx_distant_solvent_atoms.auth_asym_id 
_pdbx_distant_solvent_atoms.auth_comp_id 
_pdbx_distant_solvent_atoms.auth_seq_id 
_pdbx_distant_solvent_atoms.PDB_ins_code 
_pdbx_distant_solvent_atoms.neighbor_macromolecule_distance 
_pdbx_distant_solvent_atoms.neighbor_ligand_distance 
1 1 O ? A HOH 224 ? 6.95 . 
2 1 O ? A HOH 225 ? 7.66 . 
# 
loop_
_pdbx_unobs_or_zero_occ_residues.id 
_pdbx_unobs_or_zero_occ_residues.PDB_model_num 
_pdbx_unobs_or_zero_occ_residues.polymer_flag 
_pdbx_unobs_or_zero_occ_residues.occupancy_flag 
_pdbx_unobs_or_zero_occ_residues.auth_asym_id 
_pdbx_unobs_or_zero_occ_residues.auth_comp_id 
_pdbx_unobs_or_zero_occ_residues.auth_seq_id 
_pdbx_unobs_or_zero_occ_residues.PDB_ins_code 
_pdbx_unobs_or_zero_occ_residues.label_asym_id 
_pdbx_unobs_or_zero_occ_residues.label_comp_id 
_pdbx_unobs_or_zero_occ_residues.label_seq_id 
1 1 Y 1 A GLN 171 ? A GLN 108 
2 1 Y 1 A ALA 172 ? A ALA 109 
3 1 Y 1 B MET 64  ? B MET 1   
4 1 Y 1 B ALA 172 ? B ALA 109 
# 
loop_
_chem_comp_atom.comp_id 
_chem_comp_atom.atom_id 
_chem_comp_atom.type_symbol 
_chem_comp_atom.pdbx_aromatic_flag 
_chem_comp_atom.pdbx_stereo_config 
_chem_comp_atom.pdbx_ordinal 
ALA N    N N N 1   
ALA CA   C N S 2   
ALA C    C N N 3   
ALA O    O N N 4   
ALA CB   C N N 5   
ALA OXT  O N N 6   
ALA H    H N N 7   
ALA H2   H N N 8   
ALA HA   H N N 9   
ALA HB1  H N N 10  
ALA HB2  H N N 11  
ALA HB3  H N N 12  
ALA HXT  H N N 13  
ARG N    N N N 14  
ARG CA   C N S 15  
ARG C    C N N 16  
ARG O    O N N 17  
ARG CB   C N N 18  
ARG CG   C N N 19  
ARG CD   C N N 20  
ARG NE   N N N 21  
ARG CZ   C N N 22  
ARG NH1  N N N 23  
ARG NH2  N N N 24  
ARG OXT  O N N 25  
ARG H    H N N 26  
ARG H2   H N N 27  
ARG HA   H N N 28  
ARG HB2  H N N 29  
ARG HB3  H N N 30  
ARG HG2  H N N 31  
ARG HG3  H N N 32  
ARG HD2  H N N 33  
ARG HD3  H N N 34  
ARG HE   H N N 35  
ARG HH11 H N N 36  
ARG HH12 H N N 37  
ARG HH21 H N N 38  
ARG HH22 H N N 39  
ARG HXT  H N N 40  
ASN N    N N N 41  
ASN CA   C N S 42  
ASN C    C N N 43  
ASN O    O N N 44  
ASN CB   C N N 45  
ASN CG   C N N 46  
ASN OD1  O N N 47  
ASN ND2  N N N 48  
ASN OXT  O N N 49  
ASN H    H N N 50  
ASN H2   H N N 51  
ASN HA   H N N 52  
ASN HB2  H N N 53  
ASN HB3  H N N 54  
ASN HD21 H N N 55  
ASN HD22 H N N 56  
ASN HXT  H N N 57  
ASP N    N N N 58  
ASP CA   C N S 59  
ASP C    C N N 60  
ASP O    O N N 61  
ASP CB   C N N 62  
ASP CG   C N N 63  
ASP OD1  O N N 64  
ASP OD2  O N N 65  
ASP OXT  O N N 66  
ASP H    H N N 67  
ASP H2   H N N 68  
ASP HA   H N N 69  
ASP HB2  H N N 70  
ASP HB3  H N N 71  
ASP HD2  H N N 72  
ASP HXT  H N N 73  
CYS N    N N N 74  
CYS CA   C N R 75  
CYS C    C N N 76  
CYS O    O N N 77  
CYS CB   C N N 78  
CYS SG   S N N 79  
CYS OXT  O N N 80  
CYS H    H N N 81  
CYS H2   H N N 82  
CYS HA   H N N 83  
CYS HB2  H N N 84  
CYS HB3  H N N 85  
CYS HG   H N N 86  
CYS HXT  H N N 87  
GLN N    N N N 88  
GLN CA   C N S 89  
GLN C    C N N 90  
GLN O    O N N 91  
GLN CB   C N N 92  
GLN CG   C N N 93  
GLN CD   C N N 94  
GLN OE1  O N N 95  
GLN NE2  N N N 96  
GLN OXT  O N N 97  
GLN H    H N N 98  
GLN H2   H N N 99  
GLN HA   H N N 100 
GLN HB2  H N N 101 
GLN HB3  H N N 102 
GLN HG2  H N N 103 
GLN HG3  H N N 104 
GLN HE21 H N N 105 
GLN HE22 H N N 106 
GLN HXT  H N N 107 
GLU N    N N N 108 
GLU CA   C N S 109 
GLU C    C N N 110 
GLU O    O N N 111 
GLU CB   C N N 112 
GLU CG   C N N 113 
GLU CD   C N N 114 
GLU OE1  O N N 115 
GLU OE2  O N N 116 
GLU OXT  O N N 117 
GLU H    H N N 118 
GLU H2   H N N 119 
GLU HA   H N N 120 
GLU HB2  H N N 121 
GLU HB3  H N N 122 
GLU HG2  H N N 123 
GLU HG3  H N N 124 
GLU HE2  H N N 125 
GLU HXT  H N N 126 
GLY N    N N N 127 
GLY CA   C N N 128 
GLY C    C N N 129 
GLY O    O N N 130 
GLY OXT  O N N 131 
GLY H    H N N 132 
GLY H2   H N N 133 
GLY HA2  H N N 134 
GLY HA3  H N N 135 
GLY HXT  H N N 136 
HIS N    N N N 137 
HIS CA   C N S 138 
HIS C    C N N 139 
HIS O    O N N 140 
HIS CB   C N N 141 
HIS CG   C Y N 142 
HIS ND1  N Y N 143 
HIS CD2  C Y N 144 
HIS CE1  C Y N 145 
HIS NE2  N Y N 146 
HIS OXT  O N N 147 
HIS H    H N N 148 
HIS H2   H N N 149 
HIS HA   H N N 150 
HIS HB2  H N N 151 
HIS HB3  H N N 152 
HIS HD1  H N N 153 
HIS HD2  H N N 154 
HIS HE1  H N N 155 
HIS HE2  H N N 156 
HIS HXT  H N N 157 
HOH O    O N N 158 
HOH H1   H N N 159 
HOH H2   H N N 160 
ILE N    N N N 161 
ILE CA   C N S 162 
ILE C    C N N 163 
ILE O    O N N 164 
ILE CB   C N S 165 
ILE CG1  C N N 166 
ILE CG2  C N N 167 
ILE CD1  C N N 168 
ILE OXT  O N N 169 
ILE H    H N N 170 
ILE H2   H N N 171 
ILE HA   H N N 172 
ILE HB   H N N 173 
ILE HG12 H N N 174 
ILE HG13 H N N 175 
ILE HG21 H N N 176 
ILE HG22 H N N 177 
ILE HG23 H N N 178 
ILE HD11 H N N 179 
ILE HD12 H N N 180 
ILE HD13 H N N 181 
ILE HXT  H N N 182 
LEU N    N N N 183 
LEU CA   C N S 184 
LEU C    C N N 185 
LEU O    O N N 186 
LEU CB   C N N 187 
LEU CG   C N N 188 
LEU CD1  C N N 189 
LEU CD2  C N N 190 
LEU OXT  O N N 191 
LEU H    H N N 192 
LEU H2   H N N 193 
LEU HA   H N N 194 
LEU HB2  H N N 195 
LEU HB3  H N N 196 
LEU HG   H N N 197 
LEU HD11 H N N 198 
LEU HD12 H N N 199 
LEU HD13 H N N 200 
LEU HD21 H N N 201 
LEU HD22 H N N 202 
LEU HD23 H N N 203 
LEU HXT  H N N 204 
LYS N    N N N 205 
LYS CA   C N S 206 
LYS C    C N N 207 
LYS O    O N N 208 
LYS CB   C N N 209 
LYS CG   C N N 210 
LYS CD   C N N 211 
LYS CE   C N N 212 
LYS NZ   N N N 213 
LYS OXT  O N N 214 
LYS H    H N N 215 
LYS H2   H N N 216 
LYS HA   H N N 217 
LYS HB2  H N N 218 
LYS HB3  H N N 219 
LYS HG2  H N N 220 
LYS HG3  H N N 221 
LYS HD2  H N N 222 
LYS HD3  H N N 223 
LYS HE2  H N N 224 
LYS HE3  H N N 225 
LYS HZ1  H N N 226 
LYS HZ2  H N N 227 
LYS HZ3  H N N 228 
LYS HXT  H N N 229 
MET N    N N N 230 
MET CA   C N S 231 
MET C    C N N 232 
MET O    O N N 233 
MET CB   C N N 234 
MET CG   C N N 235 
MET SD   S N N 236 
MET CE   C N N 237 
MET OXT  O N N 238 
MET H    H N N 239 
MET H2   H N N 240 
MET HA   H N N 241 
MET HB2  H N N 242 
MET HB3  H N N 243 
MET HG2  H N N 244 
MET HG3  H N N 245 
MET HE1  H N N 246 
MET HE2  H N N 247 
MET HE3  H N N 248 
MET HXT  H N N 249 
PHE N    N N N 250 
PHE CA   C N S 251 
PHE C    C N N 252 
PHE O    O N N 253 
PHE CB   C N N 254 
PHE CG   C Y N 255 
PHE CD1  C Y N 256 
PHE CD2  C Y N 257 
PHE CE1  C Y N 258 
PHE CE2  C Y N 259 
PHE CZ   C Y N 260 
PHE OXT  O N N 261 
PHE H    H N N 262 
PHE H2   H N N 263 
PHE HA   H N N 264 
PHE HB2  H N N 265 
PHE HB3  H N N 266 
PHE HD1  H N N 267 
PHE HD2  H N N 268 
PHE HE1  H N N 269 
PHE HE2  H N N 270 
PHE HZ   H N N 271 
PHE HXT  H N N 272 
PRO N    N N N 273 
PRO CA   C N S 274 
PRO C    C N N 275 
PRO O    O N N 276 
PRO CB   C N N 277 
PRO CG   C N N 278 
PRO CD   C N N 279 
PRO OXT  O N N 280 
PRO H    H N N 281 
PRO HA   H N N 282 
PRO HB2  H N N 283 
PRO HB3  H N N 284 
PRO HG2  H N N 285 
PRO HG3  H N N 286 
PRO HD2  H N N 287 
PRO HD3  H N N 288 
PRO HXT  H N N 289 
SER N    N N N 290 
SER CA   C N S 291 
SER C    C N N 292 
SER O    O N N 293 
SER CB   C N N 294 
SER OG   O N N 295 
SER OXT  O N N 296 
SER H    H N N 297 
SER H2   H N N 298 
SER HA   H N N 299 
SER HB2  H N N 300 
SER HB3  H N N 301 
SER HG   H N N 302 
SER HXT  H N N 303 
THR N    N N N 304 
THR CA   C N S 305 
THR C    C N N 306 
THR O    O N N 307 
THR CB   C N R 308 
THR OG1  O N N 309 
THR CG2  C N N 310 
THR OXT  O N N 311 
THR H    H N N 312 
THR H2   H N N 313 
THR HA   H N N 314 
THR HB   H N N 315 
THR HG1  H N N 316 
THR HG21 H N N 317 
THR HG22 H N N 318 
THR HG23 H N N 319 
THR HXT  H N N 320 
TYR N    N N N 321 
TYR CA   C N S 322 
TYR C    C N N 323 
TYR O    O N N 324 
TYR CB   C N N 325 
TYR CG   C Y N 326 
TYR CD1  C Y N 327 
TYR CD2  C Y N 328 
TYR CE1  C Y N 329 
TYR CE2  C Y N 330 
TYR CZ   C Y N 331 
TYR OH   O N N 332 
TYR OXT  O N N 333 
TYR H    H N N 334 
TYR H2   H N N 335 
TYR HA   H N N 336 
TYR HB2  H N N 337 
TYR HB3  H N N 338 
TYR HD1  H N N 339 
TYR HD2  H N N 340 
TYR HE1  H N N 341 
TYR HE2  H N N 342 
TYR HH   H N N 343 
TYR HXT  H N N 344 
VAL N    N N N 345 
VAL CA   C N S 346 
VAL C    C N N 347 
VAL O    O N N 348 
VAL CB   C N N 349 
VAL CG1  C N N 350 
VAL CG2  C N N 351 
VAL OXT  O N N 352 
VAL H    H N N 353 
VAL H2   H N N 354 
VAL HA   H N N 355 
VAL HB   H N N 356 
VAL HG11 H N N 357 
VAL HG12 H N N 358 
VAL HG13 H N N 359 
VAL HG21 H N N 360 
VAL HG22 H N N 361 
VAL HG23 H N N 362 
VAL HXT  H N N 363 
# 
loop_
_chem_comp_bond.comp_id 
_chem_comp_bond.atom_id_1 
_chem_comp_bond.atom_id_2 
_chem_comp_bond.value_order 
_chem_comp_bond.pdbx_aromatic_flag 
_chem_comp_bond.pdbx_stereo_config 
_chem_comp_bond.pdbx_ordinal 
ALA N   CA   sing N N 1   
ALA N   H    sing N N 2   
ALA N   H2   sing N N 3   
ALA CA  C    sing N N 4   
ALA CA  CB   sing N N 5   
ALA CA  HA   sing N N 6   
ALA C   O    doub N N 7   
ALA C   OXT  sing N N 8   
ALA CB  HB1  sing N N 9   
ALA CB  HB2  sing N N 10  
ALA CB  HB3  sing N N 11  
ALA OXT HXT  sing N N 12  
ARG N   CA   sing N N 13  
ARG N   H    sing N N 14  
ARG N   H2   sing N N 15  
ARG CA  C    sing N N 16  
ARG CA  CB   sing N N 17  
ARG CA  HA   sing N N 18  
ARG C   O    doub N N 19  
ARG C   OXT  sing N N 20  
ARG CB  CG   sing N N 21  
ARG CB  HB2  sing N N 22  
ARG CB  HB3  sing N N 23  
ARG CG  CD   sing N N 24  
ARG CG  HG2  sing N N 25  
ARG CG  HG3  sing N N 26  
ARG CD  NE   sing N N 27  
ARG CD  HD2  sing N N 28  
ARG CD  HD3  sing N N 29  
ARG NE  CZ   sing N N 30  
ARG NE  HE   sing N N 31  
ARG CZ  NH1  sing N N 32  
ARG CZ  NH2  doub N N 33  
ARG NH1 HH11 sing N N 34  
ARG NH1 HH12 sing N N 35  
ARG NH2 HH21 sing N N 36  
ARG NH2 HH22 sing N N 37  
ARG OXT HXT  sing N N 38  
ASN N   CA   sing N N 39  
ASN N   H    sing N N 40  
ASN N   H2   sing N N 41  
ASN CA  C    sing N N 42  
ASN CA  CB   sing N N 43  
ASN CA  HA   sing N N 44  
ASN C   O    doub N N 45  
ASN C   OXT  sing N N 46  
ASN CB  CG   sing N N 47  
ASN CB  HB2  sing N N 48  
ASN CB  HB3  sing N N 49  
ASN CG  OD1  doub N N 50  
ASN CG  ND2  sing N N 51  
ASN ND2 HD21 sing N N 52  
ASN ND2 HD22 sing N N 53  
ASN OXT HXT  sing N N 54  
ASP N   CA   sing N N 55  
ASP N   H    sing N N 56  
ASP N   H2   sing N N 57  
ASP CA  C    sing N N 58  
ASP CA  CB   sing N N 59  
ASP CA  HA   sing N N 60  
ASP C   O    doub N N 61  
ASP C   OXT  sing N N 62  
ASP CB  CG   sing N N 63  
ASP CB  HB2  sing N N 64  
ASP CB  HB3  sing N N 65  
ASP CG  OD1  doub N N 66  
ASP CG  OD2  sing N N 67  
ASP OD2 HD2  sing N N 68  
ASP OXT HXT  sing N N 69  
CYS N   CA   sing N N 70  
CYS N   H    sing N N 71  
CYS N   H2   sing N N 72  
CYS CA  C    sing N N 73  
CYS CA  CB   sing N N 74  
CYS CA  HA   sing N N 75  
CYS C   O    doub N N 76  
CYS C   OXT  sing N N 77  
CYS CB  SG   sing N N 78  
CYS CB  HB2  sing N N 79  
CYS CB  HB3  sing N N 80  
CYS SG  HG   sing N N 81  
CYS OXT HXT  sing N N 82  
GLN N   CA   sing N N 83  
GLN N   H    sing N N 84  
GLN N   H2   sing N N 85  
GLN CA  C    sing N N 86  
GLN CA  CB   sing N N 87  
GLN CA  HA   sing N N 88  
GLN C   O    doub N N 89  
GLN C   OXT  sing N N 90  
GLN CB  CG   sing N N 91  
GLN CB  HB2  sing N N 92  
GLN CB  HB3  sing N N 93  
GLN CG  CD   sing N N 94  
GLN CG  HG2  sing N N 95  
GLN CG  HG3  sing N N 96  
GLN CD  OE1  doub N N 97  
GLN CD  NE2  sing N N 98  
GLN NE2 HE21 sing N N 99  
GLN NE2 HE22 sing N N 100 
GLN OXT HXT  sing N N 101 
GLU N   CA   sing N N 102 
GLU N   H    sing N N 103 
GLU N   H2   sing N N 104 
GLU CA  C    sing N N 105 
GLU CA  CB   sing N N 106 
GLU CA  HA   sing N N 107 
GLU C   O    doub N N 108 
GLU C   OXT  sing N N 109 
GLU CB  CG   sing N N 110 
GLU CB  HB2  sing N N 111 
GLU CB  HB3  sing N N 112 
GLU CG  CD   sing N N 113 
GLU CG  HG2  sing N N 114 
GLU CG  HG3  sing N N 115 
GLU CD  OE1  doub N N 116 
GLU CD  OE2  sing N N 117 
GLU OE2 HE2  sing N N 118 
GLU OXT HXT  sing N N 119 
GLY N   CA   sing N N 120 
GLY N   H    sing N N 121 
GLY N   H2   sing N N 122 
GLY CA  C    sing N N 123 
GLY CA  HA2  sing N N 124 
GLY CA  HA3  sing N N 125 
GLY C   O    doub N N 126 
GLY C   OXT  sing N N 127 
GLY OXT HXT  sing N N 128 
HIS N   CA   sing N N 129 
HIS N   H    sing N N 130 
HIS N   H2   sing N N 131 
HIS CA  C    sing N N 132 
HIS CA  CB   sing N N 133 
HIS CA  HA   sing N N 134 
HIS C   O    doub N N 135 
HIS C   OXT  sing N N 136 
HIS CB  CG   sing N N 137 
HIS CB  HB2  sing N N 138 
HIS CB  HB3  sing N N 139 
HIS CG  ND1  sing Y N 140 
HIS CG  CD2  doub Y N 141 
HIS ND1 CE1  doub Y N 142 
HIS ND1 HD1  sing N N 143 
HIS CD2 NE2  sing Y N 144 
HIS CD2 HD2  sing N N 145 
HIS CE1 NE2  sing Y N 146 
HIS CE1 HE1  sing N N 147 
HIS NE2 HE2  sing N N 148 
HIS OXT HXT  sing N N 149 
HOH O   H1   sing N N 150 
HOH O   H2   sing N N 151 
ILE N   CA   sing N N 152 
ILE N   H    sing N N 153 
ILE N   H2   sing N N 154 
ILE CA  C    sing N N 155 
ILE CA  CB   sing N N 156 
ILE CA  HA   sing N N 157 
ILE C   O    doub N N 158 
ILE C   OXT  sing N N 159 
ILE CB  CG1  sing N N 160 
ILE CB  CG2  sing N N 161 
ILE CB  HB   sing N N 162 
ILE CG1 CD1  sing N N 163 
ILE CG1 HG12 sing N N 164 
ILE CG1 HG13 sing N N 165 
ILE CG2 HG21 sing N N 166 
ILE CG2 HG22 sing N N 167 
ILE CG2 HG23 sing N N 168 
ILE CD1 HD11 sing N N 169 
ILE CD1 HD12 sing N N 170 
ILE CD1 HD13 sing N N 171 
ILE OXT HXT  sing N N 172 
LEU N   CA   sing N N 173 
LEU N   H    sing N N 174 
LEU N   H2   sing N N 175 
LEU CA  C    sing N N 176 
LEU CA  CB   sing N N 177 
LEU CA  HA   sing N N 178 
LEU C   O    doub N N 179 
LEU C   OXT  sing N N 180 
LEU CB  CG   sing N N 181 
LEU CB  HB2  sing N N 182 
LEU CB  HB3  sing N N 183 
LEU CG  CD1  sing N N 184 
LEU CG  CD2  sing N N 185 
LEU CG  HG   sing N N 186 
LEU CD1 HD11 sing N N 187 
LEU CD1 HD12 sing N N 188 
LEU CD1 HD13 sing N N 189 
LEU CD2 HD21 sing N N 190 
LEU CD2 HD22 sing N N 191 
LEU CD2 HD23 sing N N 192 
LEU OXT HXT  sing N N 193 
LYS N   CA   sing N N 194 
LYS N   H    sing N N 195 
LYS N   H2   sing N N 196 
LYS CA  C    sing N N 197 
LYS CA  CB   sing N N 198 
LYS CA  HA   sing N N 199 
LYS C   O    doub N N 200 
LYS C   OXT  sing N N 201 
LYS CB  CG   sing N N 202 
LYS CB  HB2  sing N N 203 
LYS CB  HB3  sing N N 204 
LYS CG  CD   sing N N 205 
LYS CG  HG2  sing N N 206 
LYS CG  HG3  sing N N 207 
LYS CD  CE   sing N N 208 
LYS CD  HD2  sing N N 209 
LYS CD  HD3  sing N N 210 
LYS CE  NZ   sing N N 211 
LYS CE  HE2  sing N N 212 
LYS CE  HE3  sing N N 213 
LYS NZ  HZ1  sing N N 214 
LYS NZ  HZ2  sing N N 215 
LYS NZ  HZ3  sing N N 216 
LYS OXT HXT  sing N N 217 
MET N   CA   sing N N 218 
MET N   H    sing N N 219 
MET N   H2   sing N N 220 
MET CA  C    sing N N 221 
MET CA  CB   sing N N 222 
MET CA  HA   sing N N 223 
MET C   O    doub N N 224 
MET C   OXT  sing N N 225 
MET CB  CG   sing N N 226 
MET CB  HB2  sing N N 227 
MET CB  HB3  sing N N 228 
MET CG  SD   sing N N 229 
MET CG  HG2  sing N N 230 
MET CG  HG3  sing N N 231 
MET SD  CE   sing N N 232 
MET CE  HE1  sing N N 233 
MET CE  HE2  sing N N 234 
MET CE  HE3  sing N N 235 
MET OXT HXT  sing N N 236 
PHE N   CA   sing N N 237 
PHE N   H    sing N N 238 
PHE N   H2   sing N N 239 
PHE CA  C    sing N N 240 
PHE CA  CB   sing N N 241 
PHE CA  HA   sing N N 242 
PHE C   O    doub N N 243 
PHE C   OXT  sing N N 244 
PHE CB  CG   sing N N 245 
PHE CB  HB2  sing N N 246 
PHE CB  HB3  sing N N 247 
PHE CG  CD1  doub Y N 248 
PHE CG  CD2  sing Y N 249 
PHE CD1 CE1  sing Y N 250 
PHE CD1 HD1  sing N N 251 
PHE CD2 CE2  doub Y N 252 
PHE CD2 HD2  sing N N 253 
PHE CE1 CZ   doub Y N 254 
PHE CE1 HE1  sing N N 255 
PHE CE2 CZ   sing Y N 256 
PHE CE2 HE2  sing N N 257 
PHE CZ  HZ   sing N N 258 
PHE OXT HXT  sing N N 259 
PRO N   CA   sing N N 260 
PRO N   CD   sing N N 261 
PRO N   H    sing N N 262 
PRO CA  C    sing N N 263 
PRO CA  CB   sing N N 264 
PRO CA  HA   sing N N 265 
PRO C   O    doub N N 266 
PRO C   OXT  sing N N 267 
PRO CB  CG   sing N N 268 
PRO CB  HB2  sing N N 269 
PRO CB  HB3  sing N N 270 
PRO CG  CD   sing N N 271 
PRO CG  HG2  sing N N 272 
PRO CG  HG3  sing N N 273 
PRO CD  HD2  sing N N 274 
PRO CD  HD3  sing N N 275 
PRO OXT HXT  sing N N 276 
SER N   CA   sing N N 277 
SER N   H    sing N N 278 
SER N   H2   sing N N 279 
SER CA  C    sing N N 280 
SER CA  CB   sing N N 281 
SER CA  HA   sing N N 282 
SER C   O    doub N N 283 
SER C   OXT  sing N N 284 
SER CB  OG   sing N N 285 
SER CB  HB2  sing N N 286 
SER CB  HB3  sing N N 287 
SER OG  HG   sing N N 288 
SER OXT HXT  sing N N 289 
THR N   CA   sing N N 290 
THR N   H    sing N N 291 
THR N   H2   sing N N 292 
THR CA  C    sing N N 293 
THR CA  CB   sing N N 294 
THR CA  HA   sing N N 295 
THR C   O    doub N N 296 
THR C   OXT  sing N N 297 
THR CB  OG1  sing N N 298 
THR CB  CG2  sing N N 299 
THR CB  HB   sing N N 300 
THR OG1 HG1  sing N N 301 
THR CG2 HG21 sing N N 302 
THR CG2 HG22 sing N N 303 
THR CG2 HG23 sing N N 304 
THR OXT HXT  sing N N 305 
TYR N   CA   sing N N 306 
TYR N   H    sing N N 307 
TYR N   H2   sing N N 308 
TYR CA  C    sing N N 309 
TYR CA  CB   sing N N 310 
TYR CA  HA   sing N N 311 
TYR C   O    doub N N 312 
TYR C   OXT  sing N N 313 
TYR CB  CG   sing N N 314 
TYR CB  HB2  sing N N 315 
TYR CB  HB3  sing N N 316 
TYR CG  CD1  doub Y N 317 
TYR CG  CD2  sing Y N 318 
TYR CD1 CE1  sing Y N 319 
TYR CD1 HD1  sing N N 320 
TYR CD2 CE2  doub Y N 321 
TYR CD2 HD2  sing N N 322 
TYR CE1 CZ   doub Y N 323 
TYR CE1 HE1  sing N N 324 
TYR CE2 CZ   sing Y N 325 
TYR CE2 HE2  sing N N 326 
TYR CZ  OH   sing N N 327 
TYR OH  HH   sing N N 328 
TYR OXT HXT  sing N N 329 
VAL N   CA   sing N N 330 
VAL N   H    sing N N 331 
VAL N   H2   sing N N 332 
VAL CA  C    sing N N 333 
VAL CA  CB   sing N N 334 
VAL CA  HA   sing N N 335 
VAL C   O    doub N N 336 
VAL C   OXT  sing N N 337 
VAL CB  CG1  sing N N 338 
VAL CB  CG2  sing N N 339 
VAL CB  HB   sing N N 340 
VAL CG1 HG11 sing N N 341 
VAL CG1 HG12 sing N N 342 
VAL CG1 HG13 sing N N 343 
VAL CG2 HG21 sing N N 344 
VAL CG2 HG22 sing N N 345 
VAL CG2 HG23 sing N N 346 
VAL OXT HXT  sing N N 347 
# 
_pdbx_initial_refinement_model.id               1 
_pdbx_initial_refinement_model.entity_id_list   ? 
_pdbx_initial_refinement_model.type             'experimental model' 
_pdbx_initial_refinement_model.source_name      PDB 
_pdbx_initial_refinement_model.accession_code   3C1Q 
_pdbx_initial_refinement_model.details          ? 
# 
_atom_sites.entry_id                    5NBG 
_atom_sites.fract_transf_matrix[1][1]   0.00615231 
_atom_sites.fract_transf_matrix[1][2]   -0.00262876 
_atom_sites.fract_transf_matrix[1][3]   -0.00541630 
_atom_sites.fract_transf_matrix[2][1]   -0.00427145 
_atom_sites.fract_transf_matrix[2][2]   -0.00736334 
_atom_sites.fract_transf_matrix[2][3]   -0.00127814 
_atom_sites.fract_transf_matrix[3][1]   -0.01026890 
_atom_sites.fract_transf_matrix[3][2]   0.00871596 
_atom_sites.fract_transf_matrix[3][3]   -0.01589457 
_atom_sites.fract_transf_vector[1]      0.341538 
_atom_sites.fract_transf_vector[2]      0.183371 
_atom_sites.fract_transf_vector[3]      0.256387 
# 
loop_
_atom_type.symbol 
C 
N 
O 
S 
# 
loop_
_atom_site.group_PDB 
_atom_site.id 
_atom_site.type_symbol 
_atom_site.label_atom_id 
_atom_site.label_alt_id 
_atom_site.label_comp_id 
_atom_site.label_asym_id 
_atom_site.label_entity_id 
_atom_site.label_seq_id 
_atom_site.pdbx_PDB_ins_code 
_atom_site.Cartn_x 
_atom_site.Cartn_y 
_atom_site.Cartn_z 
_atom_site.occupancy 
_atom_site.B_iso_or_equiv 
_atom_site.pdbx_formal_charge 
_atom_site.auth_seq_id 
_atom_site.auth_comp_id 
_atom_site.auth_asym_id 
_atom_site.auth_atom_id 
_atom_site.pdbx_PDB_model_num 
ATOM   1    N N   . MET A 1 1   ? -9.812  10.556  16.953  1.00 75.26  ? 64  MET A N   1 
ATOM   2    C CA  . MET A 1 1   ? -10.481 9.228   16.856  1.00 82.80  ? 64  MET A CA  1 
ATOM   3    C C   . MET A 1 1   ? -10.578 8.685   15.403  1.00 78.95  ? 64  MET A C   1 
ATOM   4    O O   . MET A 1 1   ? -11.485 9.080   14.650  1.00 82.40  ? 64  MET A O   1 
ATOM   5    C CB  . MET A 1 1   ? -11.878 9.282   17.525  1.00 88.57  ? 64  MET A CB  1 
ATOM   6    C CG  . MET A 1 1   ? -11.938 8.741   18.946  1.00 98.11  ? 64  MET A CG  1 
ATOM   7    S SD  . MET A 1 1   ? -10.767 7.404   19.334  1.00 116.66 ? 64  MET A SD  1 
ATOM   8    C CE  . MET A 1 1   ? -11.100 6.131   18.110  1.00 111.71 ? 64  MET A CE  1 
ATOM   9    N N   . ILE A 1 2   ? -9.677  7.762   15.027  1.00 62.57  ? 65  ILE A N   1 
ATOM   10   C CA  . ILE A 1 2   ? -9.498  7.384   13.597  1.00 61.28  ? 65  ILE A CA  1 
ATOM   11   C C   . ILE A 1 2   ? -10.327 6.175   13.199  1.00 54.35  ? 65  ILE A C   1 
ATOM   12   O O   . ILE A 1 2   ? -10.416 5.172   13.944  1.00 58.50  ? 65  ILE A O   1 
ATOM   13   C CB  . ILE A 1 2   ? -7.987  7.173   13.233  1.00 61.53  ? 65  ILE A CB  1 
ATOM   14   C CG1 . ILE A 1 2   ? -7.731  7.482   11.750  1.00 65.75  ? 65  ILE A CG1 1 
ATOM   15   C CG2 . ILE A 1 2   ? -7.485  5.797   13.666  1.00 56.15  ? 65  ILE A CG2 1 
ATOM   16   C CD1 . ILE A 1 2   ? -6.298  7.247   11.307  1.00 67.83  ? 65  ILE A CD1 1 
ATOM   17   N N   . SER A 1 3   ? -10.935 6.237   12.022  1.00 46.00  ? 66  SER A N   1 
ATOM   18   C CA  . SER A 1 3   ? -11.625 5.046   11.528  1.00 54.13  ? 66  SER A CA  1 
ATOM   19   C C   . SER A 1 3   ? -10.597 3.920   11.290  1.00 50.22  ? 66  SER A C   1 
ATOM   20   O O   . SER A 1 3   ? -9.454  4.160   10.859  1.00 47.02  ? 66  SER A O   1 
ATOM   21   C CB  . SER A 1 3   ? -12.488 5.350   10.285  1.00 50.55  ? 66  SER A CB  1 
ATOM   22   O OG  . SER A 1 3   ? -11.802 5.183   9.068   1.00 51.47  ? 66  SER A OG  1 
ATOM   23   N N   . ALA A 1 4   ? -10.991 2.711   11.600  1.00 44.86  ? 67  ALA A N   1 
ATOM   24   C CA  . ALA A 1 4   ? -10.136 1.586   11.395  1.00 45.08  ? 67  ALA A CA  1 
ATOM   25   C C   . ALA A 1 4   ? -9.776  1.370   9.908   1.00 49.99  ? 67  ALA A C   1 
ATOM   26   O O   . ALA A 1 4   ? -8.696  0.848   9.611   1.00 50.93  ? 67  ALA A O   1 
ATOM   27   C CB  . ALA A 1 4   ? -10.760 0.332   11.969  1.00 45.95  ? 67  ALA A CB  1 
ATOM   28   N N   . SER A 1 5   ? -10.639 1.740   8.971   1.00 48.02  ? 68  SER A N   1 
ATOM   29   C CA  . SER A 1 5   ? -10.299 1.552   7.560   1.00 50.47  ? 68  SER A CA  1 
ATOM   30   C C   . SER A 1 5   ? -9.251  2.603   7.168   1.00 51.82  ? 68  SER A C   1 
ATOM   31   O O   . SER A 1 5   ? -8.318  2.265   6.451   1.00 41.21  ? 68  SER A O   1 
ATOM   32   C CB  . SER A 1 5   ? -11.517 1.575   6.624   1.00 49.00  ? 68  SER A CB  1 
ATOM   33   O OG  . SER A 1 5   ? -12.203 2.787   6.781   1.00 47.79  ? 68  SER A OG  1 
ATOM   34   N N   . ASP A 1 6   ? -9.403  3.839   7.668   1.00 45.30  ? 69  ASP A N   1 
ATOM   35   C CA  . ASP A 1 6   ? -8.450  4.898   7.412   1.00 42.20  ? 69  ASP A CA  1 
ATOM   36   C C   . ASP A 1 6   ? -7.047  4.616   7.986   1.00 49.56  ? 69  ASP A C   1 
ATOM   37   O O   . ASP A 1 6   ? -6.045  4.948   7.328   1.00 42.75  ? 69  ASP A O   1 
ATOM   38   C CB  . ASP A 1 6   ? -8.915  6.232   7.979   1.00 46.68  ? 69  ASP A CB  1 
ATOM   39   C CG  . ASP A 1 6   ? -10.027 6.939   7.140   1.00 57.84  ? 69  ASP A CG  1 
ATOM   40   O OD1 . ASP A 1 6   ? -10.248 6.614   5.950   1.00 61.09  ? 69  ASP A OD1 1 
ATOM   41   O OD2 . ASP A 1 6   ? -10.652 7.882   7.706   1.00 62.54  ? 69  ASP A OD2 1 
ATOM   42   N N   . LEU A 1 7   ? -6.960  4.081   9.206   1.00 45.38  ? 70  LEU A N   1 
ATOM   43   C CA  . LEU A 1 7   ? -5.679  3.634   9.757   1.00 45.81  ? 70  LEU A CA  1 
ATOM   44   C C   . LEU A 1 7   ? -5.092  2.513   8.945   1.00 41.47  ? 70  LEU A C   1 
ATOM   45   O O   . LEU A 1 7   ? -3.902  2.491   8.717   1.00 43.18  ? 70  LEU A O   1 
ATOM   46   C CB  . LEU A 1 7   ? -5.815  3.115   11.178  1.00 44.20  ? 70  LEU A CB  1 
ATOM   47   C CG  . LEU A 1 7   ? -4.487  2.764   11.877  1.00 45.70  ? 70  LEU A CG  1 
ATOM   48   C CD1 . LEU A 1 7   ? -3.517  3.942   11.910  1.00 49.30  ? 70  LEU A CD1 1 
ATOM   49   C CD2 . LEU A 1 7   ? -4.782  2.339   13.265  1.00 43.65  ? 70  LEU A CD2 1 
ATOM   50   N N   . ALA A 1 8   ? -5.903  1.526   8.587   1.00 34.70  ? 71  ALA A N   1 
ATOM   51   C CA  . ALA A 1 8   ? -5.385  0.449   7.751   1.00 38.80  ? 71  ALA A CA  1 
ATOM   52   C C   . ALA A 1 8   ? -4.839  0.950   6.382   1.00 37.67  ? 71  ALA A C   1 
ATOM   53   O O   . ALA A 1 8   ? -3.853  0.413   5.904   1.00 30.38  ? 71  ALA A O   1 
ATOM   54   C CB  . ALA A 1 8   ? -6.388  -0.649  7.524   1.00 35.04  ? 71  ALA A CB  1 
ATOM   55   N N   . LEU A 1 9   ? -5.491  1.948   5.772   1.00 32.81  ? 72  LEU A N   1 
ATOM   56   C CA  . LEU A 1 9   ? -5.019  2.459   4.518   1.00 34.40  ? 72  LEU A CA  1 
ATOM   57   C C   . LEU A 1 9   ? -3.678  3.142   4.754   1.00 35.13  ? 72  LEU A C   1 
ATOM   58   O O   . LEU A 1 9   ? -2.699  2.773   4.106   1.00 34.41  ? 72  LEU A O   1 
ATOM   59   C CB  . LEU A 1 9   ? -6.029  3.346   3.793   1.00 38.61  ? 72  LEU A CB  1 
ATOM   60   C CG  . LEU A 1 9   ? -5.573  3.951   2.441   1.00 41.63  ? 72  LEU A CG  1 
ATOM   61   C CD1 . LEU A 1 9   ? -5.317  2.798   1.477   1.00 40.56  ? 72  LEU A CD1 1 
ATOM   62   C CD2 . LEU A 1 9   ? -6.645  4.882   1.875   1.00 38.93  ? 72  LEU A CD2 1 
ATOM   63   N N   . LEU A 1 10  ? -3.602  4.072   5.695   1.00 34.74  ? 73  LEU A N   1 
ATOM   64   C CA  . LEU A 1 10  ? -2.336  4.806   5.969   1.00 38.02  ? 73  LEU A CA  1 
ATOM   65   C C   . LEU A 1 10  ? -1.199  3.860   6.238   1.00 34.04  ? 73  LEU A C   1 
ATOM   66   O O   . LEU A 1 10  ? -0.063  4.084   5.807   1.00 31.82  ? 73  LEU A O   1 
ATOM   67   C CB  . LEU A 1 10  ? -2.454  5.728   7.199   1.00 39.21  ? 73  LEU A CB  1 
ATOM   68   C CG  . LEU A 1 10  ? -3.461  6.859   7.028   1.00 41.63  ? 73  LEU A CG  1 
ATOM   69   C CD1 . LEU A 1 10  ? -3.575  7.547   8.380   1.00 45.17  ? 73  LEU A CD1 1 
ATOM   70   C CD2 . LEU A 1 10  ? -3.093  7.826   5.881   1.00 43.00  ? 73  LEU A CD2 1 
ATOM   71   N N   . THR A 1 11  ? -1.479  2.819   7.003   1.00 29.27  ? 74  THR A N   1 
ATOM   72   C CA  . THR A 1 11  ? -0.390  1.954   7.473   1.00 31.30  ? 74  THR A CA  1 
ATOM   73   C C   . THR A 1 11  ? 0.090   1.076   6.330   1.00 30.51  ? 74  THR A C   1 
ATOM   74   O O   . THR A 1 11  ? 1.302   0.863   6.171   1.00 28.83  ? 74  THR A O   1 
ATOM   75   C CB  . THR A 1 11  ? -0.851  1.083   8.707   1.00 32.35  ? 74  THR A CB  1 
ATOM   76   O OG1 . THR A 1 11  ? -1.353  1.953   9.724   1.00 32.84  ? 74  THR A OG1 1 
ATOM   77   C CG2 . THR A 1 11  ? 0.295   0.191   9.263   1.00 32.87  ? 74  THR A CG2 1 
ATOM   78   N N   . ARG A 1 12  ? -0.819  0.551   5.531   1.00 27.44  ? 75  ARG A N   1 
ATOM   79   C CA  . ARG A 1 12  ? -0.392  -0.245  4.312   1.00 29.39  ? 75  ARG A CA  1 
ATOM   80   C C   . ARG A 1 12  ? 0.455   0.649   3.376   1.00 29.52  ? 75  ARG A C   1 
ATOM   81   O O   . ARG A 1 12  ? 1.482   0.216   2.830   1.00 27.39  ? 75  ARG A O   1 
ATOM   82   C CB  . ARG A 1 12  ? -1.590  -0.724  3.560   1.00 29.46  ? 75  ARG A CB  1 
ATOM   83   C CG  . ARG A 1 12  ? -1.367  -1.462  2.239   1.00 33.47  ? 75  ARG A CG  1 
ATOM   84   C CD  . ARG A 1 12  ? -0.397  -2.626  2.335   1.00 37.29  ? 75  ARG A CD  1 
ATOM   85   N NE  . ARG A 1 12  ? -0.905  -3.688  3.198   1.00 36.48  ? 75  ARG A NE  1 
ATOM   86   C CZ  . ARG A 1 12  ? -0.176  -4.680  3.710   1.00 38.42  ? 75  ARG A CZ  1 
ATOM   87   N NH1 . ARG A 1 12  ? 1.119   -4.812  3.404   1.00 34.04  ? 75  ARG A NH1 1 
ATOM   88   N NH2 . ARG A 1 12  ? -0.776  -5.616  4.470   1.00 35.09  ? 75  ARG A NH2 1 
ATOM   89   N N   . GLN A 1 13  ? -0.022  1.865   3.117   1.00 25.15  ? 76  GLN A N   1 
ATOM   90   C CA  . GLN A 1 13  ? 0.718   2.768   2.185   1.00 27.99  ? 76  GLN A CA  1 
ATOM   91   C C   . GLN A 1 13  ? 2.141   3.061   2.724   1.00 25.68  ? 76  GLN A C   1 
ATOM   92   O O   . GLN A 1 13  ? 3.117   2.967   2.000   1.00 28.41  ? 76  GLN A O   1 
ATOM   93   C CB  . GLN A 1 13  ? -0.031  4.106   1.975   1.00 27.47  ? 76  GLN A CB  1 
ATOM   94   C CG  . GLN A 1 13  ? -1.341  3.928   1.260   1.00 28.12  ? 76  GLN A CG  1 
ATOM   95   C CD  . GLN A 1 13  ? -2.179  5.167   1.324   1.00 29.52  ? 76  GLN A CD  1 
ATOM   96   O OE1 . GLN A 1 13  ? -2.257  5.811   2.319   1.00 32.88  ? 76  GLN A OE1 1 
ATOM   97   N NE2 . GLN A 1 13  ? -2.829  5.471   0.253   1.00 30.58  ? 76  GLN A NE2 1 
ATOM   98   N N   . LEU A 1 14  ? 2.213   3.418   4.008   1.00 27.67  ? 77  LEU A N   1 
ATOM   99   C CA  . LEU A 1 14  ? 3.465   3.754   4.653   1.00 28.56  ? 77  LEU A CA  1 
ATOM   100  C C   . LEU A 1 14  ? 4.410   2.560   4.664   1.00 31.70  ? 77  LEU A C   1 
ATOM   101  O O   . LEU A 1 14  ? 5.644   2.694   4.447   1.00 31.32  ? 77  LEU A O   1 
ATOM   102  C CB  . LEU A 1 14  ? 3.244   4.215   6.092   1.00 30.81  ? 77  LEU A CB  1 
ATOM   103  C CG  . LEU A 1 14  ? 4.471   4.780   6.804   1.00 35.67  ? 77  LEU A CG  1 
ATOM   104  C CD1 . LEU A 1 14  ? 4.998   6.004   6.071   1.00 39.47  ? 77  LEU A CD1 1 
ATOM   105  C CD2 . LEU A 1 14  ? 4.116   5.109   8.246   1.00 34.19  ? 77  LEU A CD2 1 
ATOM   106  N N   . ALA A 1 15  ? 3.861   1.387   4.913   1.00 25.86  ? 78  ALA A N   1 
ATOM   107  C CA  . ALA A 1 15  ? 4.660   0.153   4.975   1.00 27.56  ? 78  ALA A CA  1 
ATOM   108  C C   . ALA A 1 15  ? 5.205   -0.134  3.622   1.00 29.88  ? 78  ALA A C   1 
ATOM   109  O O   . ALA A 1 15  ? 6.418   -0.455  3.490   1.00 30.43  ? 78  ALA A O   1 
ATOM   110  C CB  . ALA A 1 15  ? 3.837   -1.031  5.501   1.00 31.98  ? 78  ALA A CB  1 
ATOM   111  N N   . THR A 1 16  ? 4.396   0.097   2.587   1.00 26.02  ? 79  THR A N   1 
ATOM   112  C CA  . THR A 1 16  ? 4.851   -0.151  1.209   1.00 27.13  ? 79  THR A CA  1 
ATOM   113  C C   . THR A 1 16  ? 6.046   0.792   0.839   1.00 31.22  ? 79  THR A C   1 
ATOM   114  O O   . THR A 1 16  ? 7.049   0.380   0.211   1.00 30.13  ? 79  THR A O   1 
ATOM   115  C CB  . THR A 1 16  ? 3.684   0.026   0.216   1.00 25.09  ? 79  THR A CB  1 
ATOM   116  O OG1 . THR A 1 16  ? 2.564   -0.784  0.629   1.00 24.85  ? 79  THR A OG1 1 
ATOM   117  C CG2 . THR A 1 16  ? 4.102   -0.388  -1.146  1.00 26.79  ? 79  THR A CG2 1 
ATOM   118  N N   . LEU A 1 17  ? 5.913   2.055   1.202   1.00 30.13  ? 80  LEU A N   1 
ATOM   119  C CA  . LEU A 1 17  ? 6.902   3.083   0.816   1.00 31.27  ? 80  LEU A CA  1 
ATOM   120  C C   . LEU A 1 17  ? 8.159   2.956   1.625   1.00 31.84  ? 80  LEU A C   1 
ATOM   121  O O   . LEU A 1 17  ? 9.264   3.155   1.086   1.00 30.97  ? 80  LEU A O   1 
ATOM   122  C CB  . LEU A 1 17  ? 6.330   4.488   0.924   1.00 29.80  ? 80  LEU A CB  1 
ATOM   123  C CG  . LEU A 1 17  ? 5.164   4.751   -0.054  1.00 32.56  ? 80  LEU A CG  1 
ATOM   124  C CD1 . LEU A 1 17  ? 4.409   5.988   0.313   1.00 33.06  ? 80  LEU A CD1 1 
ATOM   125  C CD2 . LEU A 1 17  ? 5.616   4.939   -1.466  1.00 39.37  ? 80  LEU A CD2 1 
ATOM   126  N N   . VAL A 1 18  ? 8.025   2.667   2.904   1.00 30.47  ? 81  VAL A N   1 
ATOM   127  C CA  . VAL A 1 18  ? 9.209   2.471   3.738   1.00 34.11  ? 81  VAL A CA  1 
ATOM   128  C C   . VAL A 1 18  ? 9.928   1.211   3.296   1.00 39.67  ? 81  VAL A C   1 
ATOM   129  O O   . VAL A 1 18  ? 11.149  1.206   3.259   1.00 33.40  ? 81  VAL A O   1 
ATOM   130  C CB  . VAL A 1 18  ? 8.892   2.424   5.208   1.00 32.40  ? 81  VAL A CB  1 
ATOM   131  C CG1 . VAL A 1 18  ? 10.120  2.052   6.054   1.00 34.77  ? 81  VAL A CG1 1 
ATOM   132  C CG2 . VAL A 1 18  ? 8.407   3.780   5.650   1.00 35.00  ? 81  VAL A CG2 1 
ATOM   133  N N   . ALA A 1 19  ? 9.193   0.170   2.911   1.00 33.95  ? 82  ALA A N   1 
ATOM   134  C CA  . ALA A 1 19  ? 9.836   -1.046  2.444   1.00 39.31  ? 82  ALA A CA  1 
ATOM   135  C C   . ALA A 1 19  ? 10.539  -0.825  1.134   1.00 41.15  ? 82  ALA A C   1 
ATOM   136  O O   . ALA A 1 19  ? 11.476  -1.518  0.882   1.00 36.12  ? 82  ALA A O   1 
ATOM   137  C CB  . ALA A 1 19  ? 8.843   -2.195  2.262   1.00 37.39  ? 82  ALA A CB  1 
ATOM   138  N N   . ALA A 1 20  ? 10.045  0.088   0.295   1.00 37.53  ? 83  ALA A N   1 
ATOM   139  C CA  . ALA A 1 20  ? 10.669  0.425   -0.933  1.00 37.01  ? 83  ALA A CA  1 
ATOM   140  C C   . ALA A 1 20  ? 11.897  1.361   -0.767  1.00 40.27  ? 83  ALA A C   1 
ATOM   141  O O   . ALA A 1 20  ? 12.411  1.867   -1.763  1.00 37.67  ? 83  ALA A O   1 
ATOM   142  C CB  . ALA A 1 20  ? 9.669   1.014   -1.898  1.00 34.83  ? 83  ALA A CB  1 
ATOM   143  N N   . ALA A 1 21  ? 12.313  1.610   0.484   1.00 39.79  ? 84  ALA A N   1 
ATOM   144  C CA  . ALA A 1 21  ? 13.508  2.347   0.814   1.00 44.47  ? 84  ALA A CA  1 
ATOM   145  C C   . ALA A 1 21  ? 13.342  3.847   0.572   1.00 44.34  ? 84  ALA A C   1 
ATOM   146  O O   . ALA A 1 21  ? 14.337  4.538   0.460   1.00 42.53  ? 84  ALA A O   1 
ATOM   147  C CB  . ALA A 1 21  ? 14.735  1.780   0.050   1.00 47.17  ? 84  ALA A CB  1 
ATOM   148  N N   . LEU A 1 22  ? 12.114  4.373   0.522   1.00 38.94  ? 85  LEU A N   1 
ATOM   149  C CA  . LEU A 1 22  ? 11.967  5.831   0.598   1.00 39.33  ? 85  LEU A CA  1 
ATOM   150  C C   . LEU A 1 22  ? 12.387  6.277   1.984   1.00 38.84  ? 85  LEU A C   1 
ATOM   151  O O   . LEU A 1 22  ? 11.906  5.715   2.937   1.00 37.82  ? 85  LEU A O   1 
ATOM   152  C CB  . LEU A 1 22  ? 10.539  6.308   0.390   1.00 37.12  ? 85  LEU A CB  1 
ATOM   153  C CG  . LEU A 1 22  ? 10.166  6.699   -0.996  1.00 43.99  ? 85  LEU A CG  1 
ATOM   154  C CD1 . LEU A 1 22  ? 10.251  5.480   -1.888  1.00 46.02  ? 85  LEU A CD1 1 
ATOM   155  C CD2 . LEU A 1 22  ? 8.784   7.316   -0.987  1.00 42.29  ? 85  LEU A CD2 1 
ATOM   156  N N   . PRO A 1 23  ? 13.220  7.341   2.105   1.00 40.56  ? 86  PRO A N   1 
ATOM   157  C CA  . PRO A 1 23  ? 13.418  7.974   3.414   1.00 39.57  ? 86  PRO A CA  1 
ATOM   158  C C   . PRO A 1 23  ? 12.115  8.247   4.108   1.00 36.88  ? 86  PRO A C   1 
ATOM   159  O O   . PRO A 1 23  ? 11.116  8.523   3.468   1.00 37.03  ? 86  PRO A O   1 
ATOM   160  C CB  . PRO A 1 23  ? 14.131  9.297   3.090   1.00 46.41  ? 86  PRO A CB  1 
ATOM   161  C CG  . PRO A 1 23  ? 14.299  9.297   1.591   1.00 46.88  ? 86  PRO A CG  1 
ATOM   162  C CD  . PRO A 1 23  ? 14.092  7.930   1.084   1.00 41.50  ? 86  PRO A CD  1 
ATOM   163  N N   . LEU A 1 24  ? 12.103  8.085   5.418   1.00 32.66  ? 87  LEU A N   1 
ATOM   164  C CA  . LEU A 1 24  ? 10.893  8.269   6.168   1.00 36.27  ? 87  LEU A CA  1 
ATOM   165  C C   . LEU A 1 24  ? 10.073  9.553   5.909   1.00 39.84  ? 87  LEU A C   1 
ATOM   166  O O   . LEU A 1 24  ? 8.838   9.525   5.770   1.00 33.71  ? 87  LEU A O   1 
ATOM   167  C CB  . LEU A 1 24  ? 11.239  8.124   7.611   1.00 38.11  ? 87  LEU A CB  1 
ATOM   168  C CG  . LEU A 1 24  ? 10.048  8.049   8.568   1.00 41.20  ? 87  LEU A CG  1 
ATOM   169  C CD1 . LEU A 1 24  ? 9.039   6.985   8.135   1.00 46.25  ? 87  LEU A CD1 1 
ATOM   170  C CD2 . LEU A 1 24  ? 10.599  7.801   9.959   1.00 37.01  ? 87  LEU A CD2 1 
ATOM   171  N N   . GLU A 1 25  ? 10.789  10.664  5.823   1.00 40.34  ? 88  GLU A N   1 
ATOM   172  C CA  . GLU A 1 25  ? 10.246  12.008  5.574   1.00 41.49  ? 88  GLU A CA  1 
ATOM   173  C C   . GLU A 1 25  ? 9.526   12.026  4.231   1.00 35.80  ? 88  GLU A C   1 
ATOM   174  O O   . GLU A 1 25  ? 8.463   12.624  4.107   1.00 37.07  ? 88  GLU A O   1 
ATOM   175  C CB  . GLU A 1 25  ? 11.404  13.072  5.517   1.00 48.76  ? 88  GLU A CB  1 
ATOM   176  C CG  . GLU A 1 25  ? 12.253  13.211  6.791   1.00 62.86  ? 88  GLU A CG  1 
ATOM   177  C CD  . GLU A 1 25  ? 13.273  12.079  7.076   1.00 72.34  ? 88  GLU A CD  1 
ATOM   178  O OE1 . GLU A 1 25  ? 13.631  11.291  6.149   1.00 69.73  ? 88  GLU A OE1 1 
ATOM   179  O OE2 . GLU A 1 25  ? 13.709  11.965  8.260   1.00 78.61  ? 88  GLU A OE2 1 
ATOM   180  N N   . GLU A 1 26  ? 10.096  11.344  3.243   1.00 32.17  ? 89  GLU A N   1 
ATOM   181  C CA  . GLU A 1 26  ? 9.503   11.262  1.907   1.00 37.85  ? 89  GLU A CA  1 
ATOM   182  C C   . GLU A 1 26  ? 8.313   10.335  1.841   1.00 35.09  ? 89  GLU A C   1 
ATOM   183  O O   . GLU A 1 26  ? 7.350   10.604  1.158   1.00 32.75  ? 89  GLU A O   1 
ATOM   184  C CB  . GLU A 1 26  ? 10.522  10.842  0.848   1.00 44.44  ? 89  GLU A CB  1 
ATOM   185  C CG  . GLU A 1 26  ? 11.718  11.788  0.766   1.00 53.40  ? 89  GLU A CG  1 
ATOM   186  C CD  . GLU A 1 26  ? 12.703  11.486  -0.370  1.00 64.69  ? 89  GLU A CD  1 
ATOM   187  O OE1 . GLU A 1 26  ? 12.384  10.745  -1.335  1.00 57.80  ? 89  GLU A OE1 1 
ATOM   188  O OE2 . GLU A 1 26  ? 13.834  12.018  -0.262  1.00 76.76  ? 89  GLU A OE2 1 
ATOM   189  N N   . ALA A 1 27  ? 8.400   9.250   2.561   1.00 32.12  ? 90  ALA A N   1 
ATOM   190  C CA  . ALA A 1 27  ? 7.308   8.310   2.706   1.00 34.23  ? 90  ALA A CA  1 
ATOM   191  C C   . ALA A 1 27  ? 6.099   8.932   3.383   1.00 32.13  ? 90  ALA A C   1 
ATOM   192  O O   . ALA A 1 27  ? 5.002   8.819   2.865   1.00 35.31  ? 90  ALA A O   1 
ATOM   193  C CB  . ALA A 1 27  ? 7.796   7.093   3.472   1.00 30.84  ? 90  ALA A CB  1 
ATOM   194  N N   . LEU A 1 28  ? 6.297   9.631   4.515   1.00 33.17  ? 91  LEU A N   1 
ATOM   195  C CA  . LEU A 1 28  ? 5.203   10.337  5.154   1.00 33.87  ? 91  LEU A CA  1 
ATOM   196  C C   . LEU A 1 28  ? 4.603   11.419  4.231   1.00 33.69  ? 91  LEU A C   1 
ATOM   197  O O   . LEU A 1 28  ? 3.388   11.624  4.166   1.00 39.75  ? 91  LEU A O   1 
ATOM   198  C CB  . LEU A 1 28  ? 5.674   10.937  6.501   1.00 38.19  ? 91  LEU A CB  1 
ATOM   199  C CG  . LEU A 1 28  ? 6.129   9.922   7.591   1.00 35.51  ? 91  LEU A CG  1 
ATOM   200  C CD1 . LEU A 1 28  ? 6.999   10.597  8.666   1.00 34.65  ? 91  LEU A CD1 1 
ATOM   201  C CD2 . LEU A 1 28  ? 4.929   9.231   8.249   1.00 38.14  ? 91  LEU A CD2 1 
ATOM   202  N N   . ASP A 1 29  ? 5.448   12.087  3.472   1.00 37.99  ? 92  ASP A N   1 
ATOM   203  C CA  . ASP A 1 29  ? 5.002   13.045  2.450   1.00 38.60  ? 92  ASP A CA  1 
ATOM   204  C C   . ASP A 1 29  ? 4.117   12.396  1.387   1.00 36.34  ? 92  ASP A C   1 
ATOM   205  O O   . ASP A 1 29  ? 3.081   12.964  1.023   1.00 30.96  ? 92  ASP A O   1 
ATOM   206  C CB  . ASP A 1 29  ? 6.207   13.687  1.715   1.00 46.96  ? 92  ASP A CB  1 
ATOM   207  C CG  . ASP A 1 29  ? 6.277   15.210  1.877   1.00 58.61  ? 92  ASP A CG  1 
ATOM   208  O OD1 . ASP A 1 29  ? 5.644   15.784  2.799   1.00 53.39  ? 92  ASP A OD1 1 
ATOM   209  O OD2 . ASP A 1 29  ? 6.990   15.827  1.047   1.00 59.68  ? 92  ASP A OD2 1 
ATOM   210  N N   . ALA A 1 30  ? 4.541   11.215  0.877   1.00 34.75  ? 93  ALA A N   1 
ATOM   211  C CA  . ALA A 1 30  ? 3.772   10.570  -0.134  1.00 32.30  ? 93  ALA A CA  1 
ATOM   212  C C   . ALA A 1 30  ? 2.434   10.111  0.424   1.00 34.96  ? 93  ALA A C   1 
ATOM   213  O O   . ALA A 1 30  ? 1.414   10.259  -0.255  1.00 33.59  ? 93  ALA A O   1 
ATOM   214  C CB  . ALA A 1 30  ? 4.554   9.455   -0.806  1.00 37.04  ? 93  ALA A CB  1 
ATOM   215  N N   . VAL A 1 31  ? 2.404   9.641   1.675   1.00 33.99  ? 94  VAL A N   1 
ATOM   216  C CA  . VAL A 1 31  ? 1.113   9.191   2.228   1.00 37.37  ? 94  VAL A CA  1 
ATOM   217  C C   . VAL A 1 31  ? 0.136   10.423  2.457   1.00 42.92  ? 94  VAL A C   1 
ATOM   218  O O   . VAL A 1 31  ? -1.108  10.364  2.177   1.00 35.50  ? 94  VAL A O   1 
ATOM   219  C CB  . VAL A 1 31  ? 1.285   8.431   3.537   1.00 36.34  ? 94  VAL A CB  1 
ATOM   220  C CG1 . VAL A 1 31  ? -0.088  8.150   4.112   1.00 39.99  ? 94  VAL A CG1 1 
ATOM   221  C CG2 . VAL A 1 31  ? 2.132   7.165   3.379   1.00 36.62  ? 94  VAL A CG2 1 
ATOM   222  N N   . ALA A 1 32  ? 0.691   11.526  2.971   1.00 41.53  ? 95  ALA A N   1 
ATOM   223  C CA  . ALA A 1 32  ? -0.083  12.789  3.069   1.00 43.69  ? 95  ALA A CA  1 
ATOM   224  C C   . ALA A 1 32  ? -0.573  13.264  1.688   1.00 42.80  ? 95  ALA A C   1 
ATOM   225  O O   . ALA A 1 32  ? -1.740  13.486  1.535   1.00 43.18  ? 95  ALA A O   1 
ATOM   226  C CB  . ALA A 1 32  ? 0.685   13.889  3.789   1.00 36.77  ? 95  ALA A CB  1 
ATOM   227  N N   . LYS A 1 33  ? 0.288   13.296  0.676   1.00 45.86  ? 96  LYS A N   1 
ATOM   228  C CA  . LYS A 1 33  ? -0.144  13.697  -0.646  1.00 45.29  ? 96  LYS A CA  1 
ATOM   229  C C   . LYS A 1 33  ? -1.181  12.810  -1.266  1.00 49.79  ? 96  LYS A C   1 
ATOM   230  O O   . LYS A 1 33  ? -1.890  13.261  -2.157  1.00 48.13  ? 96  LYS A O   1 
ATOM   231  C CB  . LYS A 1 33  ? 1.005   13.704  -1.631  1.00 50.68  ? 96  LYS A CB  1 
ATOM   232  C CG  . LYS A 1 33  ? 2.007   14.832  -1.485  1.00 52.63  ? 96  LYS A CG  1 
ATOM   233  C CD  . LYS A 1 33  ? 2.808   14.834  -2.779  1.00 50.00  ? 96  LYS A CD  1 
ATOM   234  C CE  . LYS A 1 33  ? 4.219   15.293  -2.566  1.00 54.11  ? 96  LYS A CE  1 
ATOM   235  N NZ  . LYS A 1 33  ? 4.895   15.306  -3.885  1.00 57.36  ? 96  LYS A NZ  1 
ATOM   236  N N   . GLN A 1 34  ? -1.216  11.524  -0.913  1.00 44.21  ? 97  GLN A N   1 
ATOM   237  C CA  . GLN A 1 34  ? -2.100  10.583  -1.627  1.00 41.01  ? 97  GLN A CA  1 
ATOM   238  C C   . GLN A 1 34  ? -3.436  10.462  -0.943  1.00 38.24  ? 97  GLN A C   1 
ATOM   239  O O   . GLN A 1 34  ? -4.306  9.746   -1.435  1.00 38.43  ? 97  GLN A O   1 
ATOM   240  C CB  . GLN A 1 34  ? -1.478  9.182   -1.668  1.00 40.62  ? 97  GLN A CB  1 
ATOM   241  C CG  . GLN A 1 34  ? -0.398  9.053   -2.691  1.00 43.29  ? 97  GLN A CG  1 
ATOM   242  C CD  . GLN A 1 34  ? 0.250   7.655   -2.660  1.00 40.50  ? 97  GLN A CD  1 
ATOM   243  O OE1 . GLN A 1 34  ? -0.439  6.638   -2.512  1.00 35.52  ? 97  GLN A OE1 1 
ATOM   244  N NE2 . GLN A 1 34  ? 1.573   7.606   -2.882  1.00 37.38  ? 97  GLN A NE2 1 
ATOM   245  N N   . SER A 1 35  ? -3.583  11.094  0.211   1.00 39.42  ? 98  SER A N   1 
ATOM   246  C CA  . SER A 1 35  ? -4.786  10.947  0.997   1.00 46.18  ? 98  SER A CA  1 
ATOM   247  C C   . SER A 1 35  ? -5.979  11.649  0.339   1.00 50.79  ? 98  SER A C   1 
ATOM   248  O O   . SER A 1 35  ? -5.851  12.733  -0.199  1.00 61.14  ? 98  SER A O   1 
ATOM   249  C CB  . SER A 1 35  ? -4.565  11.475  2.395   1.00 50.60  ? 98  SER A CB  1 
ATOM   250  O OG  . SER A 1 35  ? -5.688  11.156  3.224   1.00 54.56  ? 98  SER A OG  1 
ATOM   251  N N   . GLU A 1 36  ? -7.128  10.998  0.362   1.00 54.19  ? 99  GLU A N   1 
ATOM   252  C CA  . GLU A 1 36  ? -8.382  11.626  -0.077  1.00 59.00  ? 99  GLU A CA  1 
ATOM   253  C C   . GLU A 1 36  ? -9.043  12.424  1.073   1.00 58.87  ? 99  GLU A C   1 
ATOM   254  O O   . GLU A 1 36  ? -9.845  13.274  0.818   1.00 62.52  ? 99  GLU A O   1 
ATOM   255  C CB  . GLU A 1 36  ? -9.327  10.572  -0.625  1.00 53.02  ? 99  GLU A CB  1 
ATOM   256  C CG  . GLU A 1 36  ? -8.924  10.093  -2.012  1.00 63.85  ? 99  GLU A CG  1 
ATOM   257  C CD  . GLU A 1 36  ? -9.800  8.960   -2.528  1.00 70.61  ? 99  GLU A CD  1 
ATOM   258  O OE1 . GLU A 1 36  ? -9.408  8.274   -3.504  1.00 73.37  ? 99  GLU A OE1 1 
ATOM   259  O OE2 . GLU A 1 36  ? -10.893 8.746   -1.953  1.00 85.67  ? 99  GLU A OE2 1 
ATOM   260  N N   . LYS A 1 37  ? -8.693  12.164  2.326   1.00 57.93  ? 100 LYS A N   1 
ATOM   261  C CA  . LYS A 1 37  ? -9.338  12.845  3.438   1.00 57.77  ? 100 LYS A CA  1 
ATOM   262  C C   . LYS A 1 37  ? -8.427  13.889  4.020   1.00 60.60  ? 100 LYS A C   1 
ATOM   263  O O   . LYS A 1 37  ? -7.396  13.550  4.603   1.00 53.50  ? 100 LYS A O   1 
ATOM   264  C CB  . LYS A 1 37  ? -9.742  11.860  4.528   1.00 51.87  ? 100 LYS A CB  1 
ATOM   265  C CG  . LYS A 1 37  ? -10.778 10.838  4.082   1.00 53.38  ? 100 LYS A CG  1 
ATOM   266  C CD  . LYS A 1 37  ? -11.411 10.193  5.294   1.00 50.11  ? 100 LYS A CD  1 
ATOM   267  C CE  . LYS A 1 37  ? -12.213 8.976   4.892   1.00 55.73  ? 100 LYS A CE  1 
ATOM   268  N NZ  . LYS A 1 37  ? -12.786 8.369   6.134   1.00 67.58  ? 100 LYS A NZ  1 
ATOM   269  N N   . PRO A 1 38  ? -8.821  15.169  3.927   1.00 66.50  ? 101 PRO A N   1 
ATOM   270  C CA  . PRO A 1 38  ? -7.967  16.242  4.455   1.00 64.60  ? 101 PRO A CA  1 
ATOM   271  C C   . PRO A 1 38  ? -7.452  16.020  5.879   1.00 56.45  ? 101 PRO A C   1 
ATOM   272  O O   . PRO A 1 38  ? -6.304  16.352  6.192   1.00 58.26  ? 101 PRO A O   1 
ATOM   273  C CB  . PRO A 1 38  ? -8.887  17.461  4.389   1.00 65.27  ? 101 PRO A CB  1 
ATOM   274  C CG  . PRO A 1 38  ? -9.697  17.192  3.167   1.00 64.01  ? 101 PRO A CG  1 
ATOM   275  C CD  . PRO A 1 38  ? -9.988  15.716  3.205   1.00 64.39  ? 101 PRO A CD  1 
ATOM   276  N N   . LYS A 1 39  ? -8.303  15.474  6.728   1.00 57.22  ? 102 LYS A N   1 
ATOM   277  C CA  . LYS A 1 39  ? -7.924  15.146  8.089   1.00 56.10  ? 102 LYS A CA  1 
ATOM   278  C C   . LYS A 1 39  ? -6.766  14.119  8.121   1.00 58.37  ? 102 LYS A C   1 
ATOM   279  O O   . LYS A 1 39  ? -5.876  14.209  8.964   1.00 56.15  ? 102 LYS A O   1 
ATOM   280  C CB  . LYS A 1 39  ? -9.132  14.658  8.905   1.00 61.28  ? 102 LYS A CB  1 
ATOM   281  C CG  . LYS A 1 39  ? -10.031 13.614  8.237   1.00 70.51  ? 102 LYS A CG  1 
ATOM   282  C CD  . LYS A 1 39  ? -10.976 12.977  9.250   1.00 77.92  ? 102 LYS A CD  1 
ATOM   283  C CE  . LYS A 1 39  ? -11.905 11.969  8.591   1.00 81.61  ? 102 LYS A CE  1 
ATOM   284  N NZ  . LYS A 1 39  ? -12.835 11.359  9.575   1.00 83.88  ? 102 LYS A NZ  1 
ATOM   285  N N   . LEU A 1 40  ? -6.776  13.160  7.194   1.00 58.85  ? 103 LEU A N   1 
ATOM   286  C CA  . LEU A 1 40  ? -5.674  12.183  7.115   1.00 56.72  ? 103 LEU A CA  1 
ATOM   287  C C   . LEU A 1 40  ? -4.385  12.829  6.582   1.00 50.37  ? 103 LEU A C   1 
ATOM   288  O O   . LEU A 1 40  ? -3.348  12.598  7.172   1.00 51.63  ? 103 LEU A O   1 
ATOM   289  C CB  . LEU A 1 40  ? -6.087  10.956  6.311   1.00 53.36  ? 103 LEU A CB  1 
ATOM   290  C CG  . LEU A 1 40  ? -7.291  10.130  6.776   1.00 57.10  ? 103 LEU A CG  1 
ATOM   291  C CD1 . LEU A 1 40  ? -7.700  9.119   5.710   1.00 59.23  ? 103 LEU A CD1 1 
ATOM   292  C CD2 . LEU A 1 40  ? -7.030  9.438   8.106   1.00 64.66  ? 103 LEU A CD2 1 
ATOM   293  N N   . SER A 1 41  ? -4.448  13.672  5.531   1.00 44.21  ? 104 SER A N   1 
ATOM   294  C CA  . SER A 1 41  ? -3.284  14.437  5.084   1.00 44.63  ? 104 SER A CA  1 
ATOM   295  C C   . SER A 1 41  ? -2.670  15.221  6.208   1.00 49.00  ? 104 SER A C   1 
ATOM   296  O O   . SER A 1 41  ? -1.461  15.229  6.357   1.00 44.31  ? 104 SER A O   1 
ATOM   297  C CB  . SER A 1 41  ? -3.597  15.447  3.992   1.00 48.21  ? 104 SER A CB  1 
ATOM   298  O OG  . SER A 1 41  ? -3.869  14.820  2.778   1.00 59.10  ? 104 SER A OG  1 
ATOM   299  N N   . ALA A 1 42  ? -3.495  15.934  6.969   1.00 50.87  ? 105 ALA A N   1 
ATOM   300  C CA  . ALA A 1 42  ? -2.987  16.788  8.032   1.00 46.73  ? 105 ALA A CA  1 
ATOM   301  C C   . ALA A 1 42  ? -2.276  15.946  9.056   1.00 45.79  ? 105 ALA A C   1 
ATOM   302  O O   . ALA A 1 42  ? -1.175  16.285  9.532   1.00 57.09  ? 105 ALA A O   1 
ATOM   303  C CB  . ALA A 1 42  ? -4.146  17.545  8.690   1.00 53.01  ? 105 ALA A CB  1 
ATOM   304  N N   . LEU A 1 43  ? -2.911  14.837  9.410   1.00 52.79  ? 106 LEU A N   1 
ATOM   305  C CA  . LEU A 1 43  ? -2.357  13.902  10.430  1.00 49.02  ? 106 LEU A CA  1 
ATOM   306  C C   . LEU A 1 43  ? -0.966  13.425  10.060  1.00 45.18  ? 106 LEU A C   1 
ATOM   307  O O   . LEU A 1 43  ? -0.007  13.493  10.880  1.00 46.78  ? 106 LEU A O   1 
ATOM   308  C CB  . LEU A 1 43  ? -3.308  12.703  10.656  1.00 47.62  ? 106 LEU A CB  1 
ATOM   309  C CG  . LEU A 1 43  ? -2.688  11.577  11.535  1.00 44.82  ? 106 LEU A CG  1 
ATOM   310  C CD1 . LEU A 1 43  ? -2.454  12.036  12.983  1.00 45.54  ? 106 LEU A CD1 1 
ATOM   311  C CD2 . LEU A 1 43  ? -3.550  10.359  11.478  1.00 44.08  ? 106 LEU A CD2 1 
ATOM   312  N N   . MET A 1 44  ? -0.840  12.977  8.808   1.00 48.38  ? 107 MET A N   1 
ATOM   313  C CA  . MET A 1 44  ? 0.452   12.475  8.314   1.00 47.94  ? 107 MET A CA  1 
ATOM   314  C C   . MET A 1 44  ? 1.523   13.554  8.213   1.00 44.19  ? 107 MET A C   1 
ATOM   315  O O   . MET A 1 44  ? 2.713   13.325  8.500   1.00 46.68  ? 107 MET A O   1 
ATOM   316  C CB  . MET A 1 44  ? 0.254   11.718  6.976   1.00 44.43  ? 107 MET A CB  1 
ATOM   317  C CG  . MET A 1 44  ? -0.500  10.400  7.149   1.00 46.66  ? 107 MET A CG  1 
ATOM   318  S SD  . MET A 1 44  ? -0.074  9.323   8.563   1.00 53.11  ? 107 MET A SD  1 
ATOM   319  C CE  . MET A 1 44  ? 1.422   8.619   7.924   1.00 54.91  ? 107 MET A CE  1 
ATOM   320  N N   . ALA A 1 45  ? 1.118   14.741  7.792   1.00 50.78  ? 108 ALA A N   1 
ATOM   321  C CA  . ALA A 1 45  ? 2.050   15.888  7.734   1.00 46.53  ? 108 ALA A CA  1 
ATOM   322  C C   . ALA A 1 45  ? 2.510   16.324  9.133   1.00 41.06  ? 108 ALA A C   1 
ATOM   323  O O   . ALA A 1 45  ? 3.660   16.763  9.310   1.00 41.69  ? 108 ALA A O   1 
ATOM   324  C CB  . ALA A 1 45  ? 1.395   17.069  7.007   1.00 49.15  ? 108 ALA A CB  1 
ATOM   325  N N   . ALA A 1 46  ? 1.602   16.237  10.108  1.00 45.83  ? 109 ALA A N   1 
ATOM   326  C CA  . ALA A 1 46  ? 1.892   16.551  11.528  1.00 46.86  ? 109 ALA A CA  1 
ATOM   327  C C   . ALA A 1 46  ? 2.888   15.592  12.167  1.00 47.08  ? 109 ALA A C   1 
ATOM   328  O O   . ALA A 1 46  ? 3.866   15.982  12.835  1.00 55.21  ? 109 ALA A O   1 
ATOM   329  C CB  . ALA A 1 46  ? 0.577   16.542  12.323  1.00 50.04  ? 109 ALA A CB  1 
ATOM   330  N N   . VAL A 1 47  ? 2.629   14.312  11.969  1.00 52.75  ? 110 VAL A N   1 
ATOM   331  C CA  . VAL A 1 47  ? 3.628   13.277  12.275  1.00 46.68  ? 110 VAL A CA  1 
ATOM   332  C C   . VAL A 1 47  ? 4.932   13.585  11.556  1.00 35.27  ? 110 VAL A C   1 
ATOM   333  O O   . VAL A 1 47  ? 5.997   13.491  12.128  1.00 37.79  ? 110 VAL A O   1 
ATOM   334  C CB  . VAL A 1 47  ? 3.147   11.872  11.825  1.00 45.77  ? 110 VAL A CB  1 
ATOM   335  C CG1 . VAL A 1 47  ? 4.261   10.847  12.011  1.00 44.87  ? 110 VAL A CG1 1 
ATOM   336  C CG2 . VAL A 1 47  ? 1.913   11.437  12.605  1.00 49.01  ? 110 VAL A CG2 1 
ATOM   337  N N   . ARG A 1 48  ? 4.881   13.892  10.265  1.00 39.42  ? 111 ARG A N   1 
ATOM   338  C CA  . ARG A 1 48  ? 6.138   14.241  9.583   1.00 39.25  ? 111 ARG A CA  1 
ATOM   339  C C   . ARG A 1 48  ? 6.855   15.449  10.212  1.00 41.09  ? 111 ARG A C   1 
ATOM   340  O O   . ARG A 1 48  ? 8.094   15.491  10.272  1.00 45.50  ? 111 ARG A O   1 
ATOM   341  C CB  . ARG A 1 48  ? 5.906   14.528  8.124   1.00 40.42  ? 111 ARG A CB  1 
ATOM   342  C CG  . ARG A 1 48  ? 7.171   14.797  7.323   1.00 38.98  ? 111 ARG A CG  1 
ATOM   343  C CD  . ARG A 1 48  ? 6.815   15.135  5.881   1.00 39.72  ? 111 ARG A CD  1 
ATOM   344  N NE  . ARG A 1 48  ? 7.988   15.355  5.029   1.00 38.83  ? 111 ARG A NE  1 
ATOM   345  C CZ  . ARG A 1 48  ? 8.715   16.463  5.018   1.00 48.73  ? 111 ARG A CZ  1 
ATOM   346  N NH1 . ARG A 1 48  ? 8.441   17.467  5.853   1.00 53.88  ? 111 ARG A NH1 1 
ATOM   347  N NH2 . ARG A 1 48  ? 9.754   16.566  4.199   1.00 47.25  ? 111 ARG A NH2 1 
ATOM   348  N N   . ALA A 1 49  ? 6.096   16.448  10.634  1.00 42.69  ? 112 ALA A N   1 
ATOM   349  C CA  . ALA A 1 49  ? 6.725   17.640  11.213  1.00 50.18  ? 112 ALA A CA  1 
ATOM   350  C C   . ALA A 1 49  ? 7.577   17.190  12.392  1.00 48.78  ? 112 ALA A C   1 
ATOM   351  O O   . ALA A 1 49  ? 8.782   17.479  12.456  1.00 52.64  ? 112 ALA A O   1 
ATOM   352  C CB  . ALA A 1 49  ? 5.671   18.636  11.614  1.00 47.70  ? 112 ALA A CB  1 
ATOM   353  N N   . LYS A 1 50  ? 7.000   16.354  13.254  1.00 53.50  ? 113 LYS A N   1 
ATOM   354  C CA  . LYS A 1 50  ? 7.736   15.864  14.416  1.00 47.88  ? 113 LYS A CA  1 
ATOM   355  C C   . LYS A 1 50  ? 8.989   15.067  14.080  1.00 50.20  ? 113 LYS A C   1 
ATOM   356  O O   . LYS A 1 50  ? 9.988   15.200  14.779  1.00 49.20  ? 113 LYS A O   1 
ATOM   357  C CB  . LYS A 1 50  ? 6.824   15.105  15.357  1.00 54.22  ? 113 LYS A CB  1 
ATOM   358  C CG  . LYS A 1 50  ? 5.752   15.970  16.024  1.00 63.49  ? 113 LYS A CG  1 
ATOM   359  C CD  . LYS A 1 50  ? 6.321   16.922  17.071  1.00 69.82  ? 113 LYS A CD  1 
ATOM   360  C CE  . LYS A 1 50  ? 5.513   18.209  17.155  1.00 76.23  ? 113 LYS A CE  1 
ATOM   361  N NZ  . LYS A 1 50  ? 4.090   17.937  17.499  1.00 79.22  ? 113 LYS A NZ  1 
ATOM   362  N N   . VAL A 1 51  ? 8.945   14.252  13.013  1.00 50.60  ? 114 VAL A N   1 
ATOM   363  C CA  . VAL A 1 51  ? 10.098  13.443  12.595  1.00 49.21  ? 114 VAL A CA  1 
ATOM   364  C C   . VAL A 1 51  ? 11.226  14.327  12.042  1.00 57.87  ? 114 VAL A C   1 
ATOM   365  O O   . VAL A 1 51  ? 12.426  14.073  12.266  1.00 53.69  ? 114 VAL A O   1 
ATOM   366  C CB  . VAL A 1 51  ? 9.720   12.397  11.507  1.00 44.90  ? 114 VAL A CB  1 
ATOM   367  C CG1 . VAL A 1 51  ? 10.943  11.753  10.894  1.00 46.66  ? 114 VAL A CG1 1 
ATOM   368  C CG2 . VAL A 1 51  ? 8.821   11.294  12.070  1.00 48.38  ? 114 VAL A CG2 1 
ATOM   369  N N   . VAL A 1 52  ? 10.826  15.321  11.252  1.00 65.03  ? 115 VAL A N   1 
ATOM   370  C CA  . VAL A 1 52  ? 11.752  16.316  10.675  1.00 62.00  ? 115 VAL A CA  1 
ATOM   371  C C   . VAL A 1 52  ? 12.336  17.149  11.844  1.00 61.07  ? 115 VAL A C   1 
ATOM   372  O O   . VAL A 1 52  ? 13.544  17.315  11.914  1.00 57.01  ? 115 VAL A O   1 
ATOM   373  C CB  . VAL A 1 52  ? 11.014  17.138  9.560   1.00 56.09  ? 115 VAL A CB  1 
ATOM   374  C CG1 . VAL A 1 52  ? 11.559  18.523  9.357   1.00 62.39  ? 115 VAL A CG1 1 
ATOM   375  C CG2 . VAL A 1 52  ? 11.072  16.374  8.243   1.00 58.14  ? 115 VAL A CG2 1 
ATOM   376  N N   . GLU A 1 53  ? 11.459  17.597  12.761  1.00 58.84  ? 116 GLU A N   1 
ATOM   377  C CA  . GLU A 1 53  ? 11.817  18.231  14.051  1.00 57.88  ? 116 GLU A CA  1 
ATOM   378  C C   . GLU A 1 53  ? 12.783  17.423  14.899  1.00 59.10  ? 116 GLU A C   1 
ATOM   379  O O   . GLU A 1 53  ? 13.194  17.931  15.898  1.00 62.75  ? 116 GLU A O   1 
ATOM   380  C CB  . GLU A 1 53  ? 10.552  18.486  14.930  1.00 67.85  ? 116 GLU A CB  1 
ATOM   381  C CG  . GLU A 1 53  ? 9.822   19.843  14.890  1.00 72.69  ? 116 GLU A CG  1 
ATOM   382  C CD  . GLU A 1 53  ? 8.585   19.870  15.830  1.00 80.84  ? 116 GLU A CD  1 
ATOM   383  O OE1 . GLU A 1 53  ? 8.746   19.684  17.056  1.00 86.26  ? 116 GLU A OE1 1 
ATOM   384  O OE2 . GLU A 1 53  ? 7.430   20.057  15.363  1.00 82.72  ? 116 GLU A OE2 1 
ATOM   385  N N   . GLY A 1 54  ? 13.078  16.153  14.574  1.00 69.19  ? 117 GLY A N   1 
ATOM   386  C CA  . GLY A 1 54  ? 14.083  15.301  15.276  1.00 54.29  ? 117 GLY A CA  1 
ATOM   387  C C   . GLY A 1 54  ? 13.529  14.087  16.050  1.00 57.61  ? 117 GLY A C   1 
ATOM   388  O O   . GLY A 1 54  ? 14.273  13.170  16.386  1.00 47.23  ? 117 GLY A O   1 
ATOM   389  N N   . HIS A 1 55  ? 12.221  14.059  16.325  1.00 59.33  ? 118 HIS A N   1 
ATOM   390  C CA  . HIS A 1 55  ? 11.599  12.915  17.035  1.00 55.55  ? 118 HIS A CA  1 
ATOM   391  C C   . HIS A 1 55  ? 11.593  11.628  16.226  1.00 53.88  ? 118 HIS A C   1 
ATOM   392  O O   . HIS A 1 55  ? 11.629  11.636  14.990  1.00 56.04  ? 118 HIS A O   1 
ATOM   393  C CB  . HIS A 1 55  ? 10.186  13.247  17.435  1.00 60.21  ? 118 HIS A CB  1 
ATOM   394  C CG  . HIS A 1 55  ? 10.098  14.495  18.241  1.00 71.21  ? 118 HIS A CG  1 
ATOM   395  N ND1 . HIS A 1 55  ? 10.695  14.615  19.476  1.00 68.16  ? 118 HIS A ND1 1 
ATOM   396  C CD2 . HIS A 1 55  ? 9.538   15.697  17.967  1.00 74.01  ? 118 HIS A CD2 1 
ATOM   397  C CE1 . HIS A 1 55  ? 10.463  15.826  19.951  1.00 78.95  ? 118 HIS A CE1 1 
ATOM   398  N NE2 . HIS A 1 55  ? 9.765   16.505  19.055  1.00 73.26  ? 118 HIS A NE2 1 
ATOM   399  N N   . SER A 1 56  ? 11.588  10.510  16.933  1.00 56.12  ? 119 SER A N   1 
ATOM   400  C CA  . SER A 1 56  ? 11.424  9.212   16.288  1.00 48.79  ? 119 SER A CA  1 
ATOM   401  C C   . SER A 1 56  ? 9.980   9.098   15.796  1.00 36.87  ? 119 SER A C   1 
ATOM   402  O O   . SER A 1 56  ? 9.063   9.842   16.246  1.00 39.54  ? 119 SER A O   1 
ATOM   403  C CB  . SER A 1 56  ? 11.765  8.082   17.267  1.00 47.84  ? 119 SER A CB  1 
ATOM   404  O OG  . SER A 1 56  ? 10.755  7.942   18.235  1.00 49.17  ? 119 SER A OG  1 
ATOM   405  N N   . LEU A 1 57  ? 9.748   8.118   14.924  1.00 40.76  ? 120 LEU A N   1 
ATOM   406  C CA  . LEU A 1 57  ? 8.414   7.924   14.360  1.00 38.19  ? 120 LEU A CA  1 
ATOM   407  C C   . LEU A 1 57  ? 7.441   7.620   15.462  1.00 41.24  ? 120 LEU A C   1 
ATOM   408  O O   . LEU A 1 57  ? 6.321   8.153   15.460  1.00 41.14  ? 120 LEU A O   1 
ATOM   409  C CB  . LEU A 1 57  ? 8.387   6.817   13.294  1.00 43.34  ? 120 LEU A CB  1 
ATOM   410  C CG  . LEU A 1 57  ? 7.017   6.616   12.620  1.00 38.47  ? 120 LEU A CG  1 
ATOM   411  C CD1 . LEU A 1 57  ? 6.577   7.959   12.017  1.00 45.75  ? 120 LEU A CD1 1 
ATOM   412  C CD2 . LEU A 1 57  ? 7.065   5.520   11.557  1.00 39.39  ? 120 LEU A CD2 1 
ATOM   413  N N   . ALA A 1 58  ? 7.881   6.817   16.431  1.00 39.38  ? 121 ALA A N   1 
ATOM   414  C CA  . ALA A 1 58  ? 7.027   6.407   17.572  1.00 48.10  ? 121 ALA A CA  1 
ATOM   415  C C   . ALA A 1 58  ? 6.599   7.597   18.417  1.00 44.74  ? 121 ALA A C   1 
ATOM   416  O O   . ALA A 1 58  ? 5.409   7.746   18.806  1.00 43.66  ? 121 ALA A O   1 
ATOM   417  C CB  . ALA A 1 58  ? 7.753   5.334   18.444  1.00 45.34  ? 121 ALA A CB  1 
ATOM   418  N N   . GLU A 1 59  ? 7.571   8.470   18.682  1.00 54.49  ? 122 GLU A N   1 
ATOM   419  C CA  . GLU A 1 59  ? 7.321   9.674   19.466  1.00 51.71  ? 122 GLU A CA  1 
ATOM   420  C C   . GLU A 1 59  ? 6.434   10.565  18.674  1.00 48.69  ? 122 GLU A C   1 
ATOM   421  O O   . GLU A 1 59  ? 5.485   11.116  19.200  1.00 51.47  ? 122 GLU A O   1 
ATOM   422  C CB  . GLU A 1 59  ? 8.600   10.433  19.763  1.00 60.64  ? 122 GLU A CB  1 
ATOM   423  C CG  . GLU A 1 59  ? 9.616   9.714   20.625  1.00 66.60  ? 122 GLU A CG  1 
ATOM   424  C CD  . GLU A 1 59  ? 10.877  10.567  20.781  1.00 77.11  ? 122 GLU A CD  1 
ATOM   425  O OE1 . GLU A 1 59  ? 10.802  11.524  21.589  1.00 75.88  ? 122 GLU A OE1 1 
ATOM   426  O OE2 . GLU A 1 59  ? 11.907  10.319  20.084  1.00 70.70  ? 122 GLU A OE2 1 
ATOM   427  N N   . ALA A 1 60  ? 6.723   10.698  17.385  1.00 52.10  ? 123 ALA A N   1 
ATOM   428  C CA  . ALA A 1 60  ? 5.866   11.531  16.532  1.00 49.18  ? 123 ALA A CA  1 
ATOM   429  C C   . ALA A 1 60  ? 4.465   10.969  16.574  1.00 43.78  ? 123 ALA A C   1 
ATOM   430  O O   . ALA A 1 60  ? 3.515   11.631  16.961  1.00 47.64  ? 123 ALA A O   1 
ATOM   431  C CB  . ALA A 1 60  ? 6.406   11.592  15.112  1.00 52.41  ? 123 ALA A CB  1 
ATOM   432  N N   . MET A 1 61  ? 4.327   9.710   16.228  1.00 46.86  ? 124 MET A N   1 
ATOM   433  C CA  . MET A 1 61  ? 3.006   9.086   16.257  1.00 44.76  ? 124 MET A CA  1 
ATOM   434  C C   . MET A 1 61  ? 2.333   9.176   17.605  1.00 48.64  ? 124 MET A C   1 
ATOM   435  O O   . MET A 1 61  ? 1.111   9.395   17.660  1.00 47.75  ? 124 MET A O   1 
ATOM   436  C CB  . MET A 1 61  ? 3.103   7.627   15.844  1.00 45.03  ? 124 MET A CB  1 
ATOM   437  C CG  . MET A 1 61  ? 3.142   7.497   14.333  1.00 44.61  ? 124 MET A CG  1 
ATOM   438  S SD  . MET A 1 61  ? 3.647   5.855   13.926  1.00 44.18  ? 124 MET A SD  1 
ATOM   439  C CE  . MET A 1 61  ? 3.221   5.789   12.179  1.00 50.86  ? 124 MET A CE  1 
ATOM   440  N N   . GLY A 1 62  ? 3.148   8.999   18.666  1.00 48.95  ? 125 GLY A N   1 
ATOM   441  C CA  . GLY A 1 62  ? 2.740   9.158   20.069  1.00 53.93  ? 125 GLY A CA  1 
ATOM   442  C C   . GLY A 1 62  ? 2.018   10.448  20.398  1.00 53.50  ? 125 GLY A C   1 
ATOM   443  O O   . GLY A 1 62  ? 1.140   10.470  21.264  1.00 52.71  ? 125 GLY A O   1 
ATOM   444  N N   . ASN A 1 63  ? 2.329   11.515  19.667  1.00 52.58  ? 126 ASN A N   1 
ATOM   445  C CA  . ASN A 1 63  ? 1.541   12.736  19.791  1.00 55.05  ? 126 ASN A CA  1 
ATOM   446  C C   . ASN A 1 63  ? 0.059   12.590  19.417  1.00 56.42  ? 126 ASN A C   1 
ATOM   447  O O   . ASN A 1 63  ? -0.661  13.539  19.627  1.00 54.18  ? 126 ASN A O   1 
ATOM   448  C CB  . ASN A 1 63  ? 2.195   13.898  19.026  1.00 57.60  ? 126 ASN A CB  1 
ATOM   449  C CG  . ASN A 1 63  ? 3.303   14.576  19.832  1.00 60.04  ? 126 ASN A CG  1 
ATOM   450  O OD1 . ASN A 1 63  ? 4.488   14.373  19.584  1.00 68.41  ? 126 ASN A OD1 1 
ATOM   451  N ND2 . ASN A 1 63  ? 2.914   15.386  20.803  1.00 62.25  ? 126 ASN A ND2 1 
ATOM   452  N N   . PHE A 1 64  ? -0.415  11.434  18.894  1.00 51.08  ? 127 PHE A N   1 
ATOM   453  C CA  . PHE A 1 64  ? -1.817  11.313  18.431  1.00 48.93  ? 127 PHE A CA  1 
ATOM   454  C C   . PHE A 1 64  ? -2.470  9.985   18.820  1.00 51.76  ? 127 PHE A C   1 
ATOM   455  O O   . PHE A 1 64  ? -2.843  9.178   17.955  1.00 53.85  ? 127 PHE A O   1 
ATOM   456  C CB  . PHE A 1 64  ? -1.917  11.568  16.916  1.00 49.30  ? 127 PHE A CB  1 
ATOM   457  C CG  . PHE A 1 64  ? -1.205  12.817  16.463  1.00 53.01  ? 127 PHE A CG  1 
ATOM   458  C CD1 . PHE A 1 64  ? -1.884  14.033  16.346  1.00 59.08  ? 127 PHE A CD1 1 
ATOM   459  C CD2 . PHE A 1 64  ? 0.171   12.789  16.178  1.00 50.78  ? 127 PHE A CD2 1 
ATOM   460  C CE1 . PHE A 1 64  ? -1.199  15.182  15.944  1.00 52.69  ? 127 PHE A CE1 1 
ATOM   461  C CE2 . PHE A 1 64  ? 0.849   13.930  15.765  1.00 55.77  ? 127 PHE A CE2 1 
ATOM   462  C CZ  . PHE A 1 64  ? 0.162   15.132  15.663  1.00 55.58  ? 127 PHE A CZ  1 
ATOM   463  N N   . PRO A 1 65  ? -2.670  9.760   20.133  1.00 58.56  ? 128 PRO A N   1 
ATOM   464  C CA  . PRO A 1 65  ? -3.062  8.426   20.617  1.00 56.74  ? 128 PRO A CA  1 
ATOM   465  C C   . PRO A 1 65  ? -4.477  8.029   20.196  1.00 51.88  ? 128 PRO A C   1 
ATOM   466  O O   . PRO A 1 65  ? -4.778  6.862   20.174  1.00 52.31  ? 128 PRO A O   1 
ATOM   467  C CB  . PRO A 1 65  ? -2.923  8.556   22.132  1.00 62.84  ? 128 PRO A CB  1 
ATOM   468  C CG  . PRO A 1 65  ? -3.259  9.988   22.389  1.00 64.37  ? 128 PRO A CG  1 
ATOM   469  C CD  . PRO A 1 65  ? -2.653  10.746  21.231  1.00 64.08  ? 128 PRO A CD  1 
ATOM   470  N N   . GLY A 1 66  ? -5.310  9.003   19.830  1.00 49.31  ? 129 GLY A N   1 
ATOM   471  C CA  . GLY A 1 66  ? -6.588  8.766   19.156  1.00 50.85  ? 129 GLY A CA  1 
ATOM   472  C C   . GLY A 1 66  ? -6.491  8.149   17.766  1.00 57.19  ? 129 GLY A C   1 
ATOM   473  O O   . GLY A 1 66  ? -7.462  7.550   17.274  1.00 55.84  ? 129 GLY A O   1 
ATOM   474  N N   . SER A 1 67  ? -5.315  8.287   17.139  1.00 53.99  ? 130 SER A N   1 
ATOM   475  C CA  . SER A 1 67  ? -5.022  7.667   15.843  1.00 48.10  ? 130 SER A CA  1 
ATOM   476  C C   . SER A 1 67  ? -4.131  6.446   15.937  1.00 42.13  ? 130 SER A C   1 
ATOM   477  O O   . SER A 1 67  ? -4.347  5.457   15.232  1.00 46.20  ? 130 SER A O   1 
ATOM   478  C CB  . SER A 1 67  ? -4.342  8.698   14.930  1.00 46.63  ? 130 SER A CB  1 
ATOM   479  O OG  . SER A 1 67  ? -5.280  9.595   14.434  1.00 41.09  ? 130 SER A OG  1 
ATOM   480  N N   . PHE A 1 68  ? -3.097  6.554   16.760  1.00 40.76  ? 131 PHE A N   1 
ATOM   481  C CA  . PHE A 1 68  ? -2.021  5.611   16.841  1.00 39.75  ? 131 PHE A CA  1 
ATOM   482  C C   . PHE A 1 68  ? -1.948  5.136   18.278  1.00 49.03  ? 131 PHE A C   1 
ATOM   483  O O   . PHE A 1 68  ? -1.340  5.808   19.097  1.00 45.61  ? 131 PHE A O   1 
ATOM   484  C CB  . PHE A 1 68  ? -0.689  6.306   16.442  1.00 43.07  ? 131 PHE A CB  1 
ATOM   485  C CG  . PHE A 1 68  ? -0.698  6.881   15.056  1.00 42.01  ? 131 PHE A CG  1 
ATOM   486  C CD1 . PHE A 1 68  ? -0.750  6.050   13.933  1.00 42.65  ? 131 PHE A CD1 1 
ATOM   487  C CD2 . PHE A 1 68  ? -0.734  8.222   14.867  1.00 39.90  ? 131 PHE A CD2 1 
ATOM   488  C CE1 . PHE A 1 68  ? -0.767  6.595   12.640  1.00 41.41  ? 131 PHE A CE1 1 
ATOM   489  C CE2 . PHE A 1 68  ? -0.758  8.774   13.599  1.00 41.52  ? 131 PHE A CE2 1 
ATOM   490  C CZ  . PHE A 1 68  ? -0.765  7.962   12.479  1.00 39.88  ? 131 PHE A CZ  1 
ATOM   491  N N   . GLU A 1 69  ? -2.603  3.995   18.566  1.00 53.46  ? 132 GLU A N   1 
ATOM   492  C CA  . GLU A 1 69  ? -2.704  3.434   19.914  1.00 47.37  ? 132 GLU A CA  1 
ATOM   493  C C   . GLU A 1 69  ? -1.339  3.092   20.469  1.00 44.44  ? 132 GLU A C   1 
ATOM   494  O O   . GLU A 1 69  ? -0.295  3.047   19.744  1.00 44.58  ? 132 GLU A O   1 
ATOM   495  C CB  . GLU A 1 69  ? -3.650  2.205   19.940  1.00 52.63  ? 132 GLU A CB  1 
ATOM   496  C CG  . GLU A 1 69  ? -3.126  0.891   19.322  1.00 54.63  ? 132 GLU A CG  1 
ATOM   497  C CD  . GLU A 1 69  ? -4.199  -0.218  19.186  1.00 66.40  ? 132 GLU A CD  1 
ATOM   498  O OE1 . GLU A 1 69  ? -4.638  -0.740  20.246  1.00 70.78  ? 132 GLU A OE1 1 
ATOM   499  O OE2 . GLU A 1 69  ? -4.589  -0.617  18.039  1.00 64.76  ? 132 GLU A OE2 1 
ATOM   500  N N   . ARG A 1 70  ? -1.332  2.806   21.765  1.00 43.39  ? 133 ARG A N   1 
ATOM   501  C CA  . ARG A 1 70  ? -0.071  2.540   22.470  1.00 44.02  ? 133 ARG A CA  1 
ATOM   502  C C   . ARG A 1 70  ? 0.608   1.340   21.886  1.00 40.84  ? 133 ARG A C   1 
ATOM   503  O O   . ARG A 1 70  ? 1.809   1.342   21.733  1.00 45.59  ? 133 ARG A O   1 
ATOM   504  C CB  . ARG A 1 70  ? -0.332  2.342   24.000  1.00 54.17  ? 133 ARG A CB  1 
ATOM   505  C CG  . ARG A 1 70  ? 0.808   1.785   24.862  1.00 61.59  ? 133 ARG A CG  1 
ATOM   506  C CD  . ARG A 1 70  ? 0.363   1.412   26.288  1.00 71.97  ? 133 ARG A CD  1 
ATOM   507  N NE  . ARG A 1 70  ? -0.453  0.171   26.348  1.00 85.16  ? 133 ARG A NE  1 
ATOM   508  C CZ  . ARG A 1 70  ? -1.081  -0.315  27.431  1.00 82.75  ? 133 ARG A CZ  1 
ATOM   509  N NH1 . ARG A 1 70  ? -1.780  -1.449  27.350  1.00 79.83  ? 133 ARG A NH1 1 
ATOM   510  N NH2 . ARG A 1 70  ? -1.028  0.327   28.594  1.00 89.85  ? 133 ARG A NH2 1 
ATOM   511  N N   . LEU A 1 71  ? -0.126  0.256   21.626  1.00 42.04  ? 134 LEU A N   1 
ATOM   512  C CA  . LEU A 1 71  ? 0.568   -0.942  21.098  1.00 49.32  ? 134 LEU A CA  1 
ATOM   513  C C   . LEU A 1 71  ? 1.276   -0.671  19.727  1.00 45.73  ? 134 LEU A C   1 
ATOM   514  O O   . LEU A 1 71  ? 2.385   -1.139  19.483  1.00 41.81  ? 134 LEU A O   1 
ATOM   515  C CB  . LEU A 1 71  ? -0.421  -2.130  20.977  1.00 48.84  ? 134 LEU A CB  1 
ATOM   516  C CG  . LEU A 1 71  ? 0.126   -3.396  20.304  1.00 55.12  ? 134 LEU A CG  1 
ATOM   517  C CD1 . LEU A 1 71  ? 1.342   -3.940  21.058  1.00 53.85  ? 134 LEU A CD1 1 
ATOM   518  C CD2 . LEU A 1 71  ? -0.978  -4.433  20.122  1.00 58.28  ? 134 LEU A CD2 1 
ATOM   519  N N   . TYR A 1 72  ? 0.597   0.090   18.865  1.00 45.07  ? 135 TYR A N   1 
ATOM   520  C CA  . TYR A 1 72  ? 1.097   0.436   17.530  1.00 42.74  ? 135 TYR A CA  1 
ATOM   521  C C   . TYR A 1 72  ? 2.413   1.261   17.640  1.00 44.47  ? 135 TYR A C   1 
ATOM   522  O O   . TYR A 1 72  ? 3.376   0.929   16.962  1.00 42.99  ? 135 TYR A O   1 
ATOM   523  C CB  . TYR A 1 72  ? -0.049  1.165   16.791  1.00 41.97  ? 135 TYR A CB  1 
ATOM   524  C CG  . TYR A 1 72  ? 0.158   1.588   15.377  1.00 41.24  ? 135 TYR A CG  1 
ATOM   525  C CD1 . TYR A 1 72  ? 1.134   2.572   15.034  1.00 33.64  ? 135 TYR A CD1 1 
ATOM   526  C CD2 . TYR A 1 72  ? -0.673  1.092   14.368  1.00 39.30  ? 135 TYR A CD2 1 
ATOM   527  C CE1 . TYR A 1 72  ? 1.299   2.973   13.719  1.00 39.67  ? 135 TYR A CE1 1 
ATOM   528  C CE2 . TYR A 1 72  ? -0.529  1.514   13.049  1.00 43.05  ? 135 TYR A CE2 1 
ATOM   529  C CZ  . TYR A 1 72  ? 0.482   2.441   12.735  1.00 39.36  ? 135 TYR A CZ  1 
ATOM   530  O OH  . TYR A 1 72  ? 0.595   2.856   11.455  1.00 40.14  ? 135 TYR A OH  1 
ATOM   531  N N   . CYS A 1 73  ? 2.450   2.282   18.507  1.00 41.60  ? 136 CYS A N   1 
ATOM   532  C CA  . CYS A 1 73  ? 3.666   3.107   18.725  1.00 46.00  ? 136 CYS A CA  1 
ATOM   533  C C   . CYS A 1 73  ? 4.837   2.350   19.322  1.00 45.65  ? 136 CYS A C   1 
ATOM   534  O O   . CYS A 1 73  ? 5.963   2.543   18.886  1.00 41.84  ? 136 CYS A O   1 
ATOM   535  C CB  . CYS A 1 73  ? 3.397   4.353   19.592  1.00 42.50  ? 136 CYS A CB  1 
ATOM   536  S SG  . CYS A 1 73  ? 2.046   5.362   18.982  1.00 51.68  ? 136 CYS A SG  1 
ATOM   537  N N   . ALA A 1 74  ? 4.575   1.475   20.305  1.00 44.52  ? 137 ALA A N   1 
ATOM   538  C CA  . ALA A 1 74  ? 5.612   0.607   20.858  1.00 40.54  ? 137 ALA A CA  1 
ATOM   539  C C   . ALA A 1 74  ? 6.097   -0.373  19.854  1.00 40.92  ? 137 ALA A C   1 
ATOM   540  O O   . ALA A 1 74  ? 7.268   -0.746  19.892  1.00 40.56  ? 137 ALA A O   1 
ATOM   541  C CB  . ALA A 1 74  ? 5.108   -0.173  22.084  1.00 50.55  ? 137 ALA A CB  1 
ATOM   542  N N   . MET A 1 75  ? 5.218   -0.849  18.986  1.00 33.28  ? 138 MET A N   1 
ATOM   543  C CA  . MET A 1 75  ? 5.723   -1.683  17.889  1.00 38.26  ? 138 MET A CA  1 
ATOM   544  C C   . MET A 1 75  ? 6.657   -0.841  16.980  1.00 39.82  ? 138 MET A C   1 
ATOM   545  O O   . MET A 1 75  ? 7.722   -1.293  16.592  1.00 35.31  ? 138 MET A O   1 
ATOM   546  C CB  . MET A 1 75  ? 4.569   -2.206  17.087  1.00 46.75  ? 138 MET A CB  1 
ATOM   547  C CG  . MET A 1 75  ? 3.695   -3.170  17.906  1.00 52.44  ? 138 MET A CG  1 
ATOM   548  S SD  . MET A 1 75  ? 4.430   -4.761  17.753  1.00 62.52  ? 138 MET A SD  1 
ATOM   549  C CE  . MET A 1 75  ? 3.917   -5.226  16.073  1.00 42.53  ? 138 MET A CE  1 
ATOM   550  N N   . VAL A 1 76  ? 6.265   0.390   16.675  1.00 35.58  ? 139 VAL A N   1 
ATOM   551  C CA  . VAL A 1 76  ? 7.120   1.226   15.817  1.00 42.03  ? 139 VAL A CA  1 
ATOM   552  C C   . VAL A 1 76  ? 8.479   1.503   16.526  1.00 36.64  ? 139 VAL A C   1 
ATOM   553  O O   . VAL A 1 76  ? 9.518   1.338   15.937  1.00 43.71  ? 139 VAL A O   1 
ATOM   554  C CB  . VAL A 1 76  ? 6.402   2.532   15.424  1.00 35.71  ? 139 VAL A CB  1 
ATOM   555  C CG1 . VAL A 1 76  ? 7.363   3.459   14.665  1.00 33.82  ? 139 VAL A CG1 1 
ATOM   556  C CG2 . VAL A 1 76  ? 5.233   2.198   14.542  1.00 34.49  ? 139 VAL A CG2 1 
ATOM   557  N N   . ALA A 1 77  ? 8.425   1.904   17.790  1.00 39.74  ? 140 ALA A N   1 
ATOM   558  C CA  . ALA A 1 77  ? 9.623   2.127   18.594  1.00 43.60  ? 140 ALA A CA  1 
ATOM   559  C C   . ALA A 1 77  ? 10.576  0.954   18.508  1.00 41.33  ? 140 ALA A C   1 
ATOM   560  O O   . ALA A 1 77  ? 11.762  1.107   18.221  1.00 43.11  ? 140 ALA A O   1 
ATOM   561  C CB  . ALA A 1 77  ? 9.241   2.366   20.042  1.00 45.25  ? 140 ALA A CB  1 
ATOM   562  N N   . ALA A 1 78  ? 10.070  -0.253  18.684  1.00 45.81  ? 141 ALA A N   1 
ATOM   563  C CA  . ALA A 1 78  ? 10.969  -1.421  18.670  1.00 40.52  ? 141 ALA A CA  1 
ATOM   564  C C   . ALA A 1 78  ? 11.581  -1.660  17.307  1.00 40.87  ? 141 ALA A C   1 
ATOM   565  O O   . ALA A 1 78  ? 12.700  -2.122  17.185  1.00 44.86  ? 141 ALA A O   1 
ATOM   566  C CB  . ALA A 1 78  ? 10.206  -2.661  19.113  1.00 46.67  ? 141 ALA A CB  1 
ATOM   567  N N   . GLY A 1 79  ? 10.824  -1.408  16.242  1.00 44.94  ? 142 GLY A N   1 
ATOM   568  C CA  . GLY A 1 79  ? 11.378  -1.622  14.924  1.00 43.92  ? 142 GLY A CA  1 
ATOM   569  C C   . GLY A 1 79  ? 12.464  -0.592  14.675  1.00 41.29  ? 142 GLY A C   1 
ATOM   570  O O   . GLY A 1 79  ? 13.444  -0.895  14.032  1.00 45.21  ? 142 GLY A O   1 
ATOM   571  N N   . GLU A 1 80  ? 12.244  0.634   15.133  1.00 39.21  ? 143 GLU A N   1 
ATOM   572  C CA  . GLU A 1 80  ? 13.251  1.720   14.988  1.00 50.10  ? 143 GLU A CA  1 
ATOM   573  C C   . GLU A 1 80  ? 14.507  1.375   15.828  1.00 51.85  ? 143 GLU A C   1 
ATOM   574  O O   . GLU A 1 80  ? 15.632  1.342   15.295  1.00 50.58  ? 143 GLU A O   1 
ATOM   575  C CB  . GLU A 1 80  ? 12.689  3.072   15.462  1.00 44.28  ? 143 GLU A CB  1 
ATOM   576  C CG  . GLU A 1 80  ? 11.637  3.651   14.533  1.00 49.00  ? 143 GLU A CG  1 
ATOM   577  C CD  . GLU A 1 80  ? 11.131  5.004   15.011  1.00 44.65  ? 143 GLU A CD  1 
ATOM   578  O OE1 . GLU A 1 80  ? 10.404  5.107   16.037  1.00 45.98  ? 143 GLU A OE1 1 
ATOM   579  O OE2 . GLU A 1 80  ? 11.449  6.005   14.333  1.00 52.20  ? 143 GLU A OE2 1 
ATOM   580  N N   . ALA A 1 81  ? 14.296  1.034   17.106  1.00 52.66  ? 144 ALA A N   1 
ATOM   581  C CA  . ALA A 1 81  ? 15.402  0.555   17.977  1.00 55.74  ? 144 ALA A CA  1 
ATOM   582  C C   . ALA A 1 81  ? 16.236  -0.572  17.355  1.00 55.86  ? 144 ALA A C   1 
ATOM   583  O O   . ALA A 1 81  ? 17.445  -0.576  17.502  1.00 57.26  ? 144 ALA A O   1 
ATOM   584  C CB  . ALA A 1 81  ? 14.896  0.134   19.333  1.00 52.42  ? 144 ALA A CB  1 
ATOM   585  N N   . SER A 1 82  ? 15.603  -1.481  16.622  1.00 51.74  ? 145 SER A N   1 
ATOM   586  C CA  . SER A 1 82  ? 16.312  -2.582  15.969  1.00 48.95  ? 145 SER A CA  1 
ATOM   587  C C   . SER A 1 82  ? 16.775  -2.322  14.551  1.00 51.39  ? 145 SER A C   1 
ATOM   588  O O   . SER A 1 82  ? 17.426  -3.158  13.996  1.00 46.29  ? 145 SER A O   1 
ATOM   589  C CB  . SER A 1 82  ? 15.412  -3.819  15.946  1.00 55.10  ? 145 SER A CB  1 
ATOM   590  O OG  . SER A 1 82  ? 14.175  -3.590  15.271  1.00 51.69  ? 145 SER A OG  1 
ATOM   591  N N   . GLY A 1 83  ? 16.418  -1.203  13.925  1.00 52.43  ? 146 GLY A N   1 
ATOM   592  C CA  . GLY A 1 83  ? 16.697  -1.032  12.494  1.00 45.74  ? 146 GLY A CA  1 
ATOM   593  C C   . GLY A 1 83  ? 15.872  -1.961  11.633  1.00 49.67  ? 146 GLY A C   1 
ATOM   594  O O   . GLY A 1 83  ? 16.285  -2.343  10.530  1.00 48.18  ? 146 GLY A O   1 
ATOM   595  N N   . HIS A 1 84  ? 14.685  -2.335  12.103  1.00 49.39  ? 147 HIS A N   1 
ATOM   596  C CA  . HIS A 1 84  ? 13.784  -3.138  11.260  1.00 53.88  ? 147 HIS A CA  1 
ATOM   597  C C   . HIS A 1 84  ? 12.403  -2.500  11.113  1.00 48.38  ? 147 HIS A C   1 
ATOM   598  O O   . HIS A 1 84  ? 11.402  -3.189  11.174  1.00 42.25  ? 147 HIS A O   1 
ATOM   599  C CB  . HIS A 1 84  ? 13.692  -4.578  11.806  1.00 59.61  ? 147 HIS A CB  1 
ATOM   600  C CG  . HIS A 1 84  ? 14.927  -5.368  11.550  1.00 68.78  ? 147 HIS A CG  1 
ATOM   601  N ND1 . HIS A 1 84  ? 15.995  -5.375  12.419  1.00 66.39  ? 147 HIS A ND1 1 
ATOM   602  C CD2 . HIS A 1 84  ? 15.293  -6.122  10.488  1.00 72.29  ? 147 HIS A CD2 1 
ATOM   603  C CE1 . HIS A 1 84  ? 16.955  -6.129  11.918  1.00 76.23  ? 147 HIS A CE1 1 
ATOM   604  N NE2 . HIS A 1 84  ? 16.550  -6.596  10.748  1.00 75.25  ? 147 HIS A NE2 1 
ATOM   605  N N   . LEU A 1 85  ? 12.355  -1.182  10.899  1.00 46.74  ? 148 LEU A N   1 
ATOM   606  C CA  . LEU A 1 85  ? 11.077  -0.483  10.889  1.00 47.76  ? 148 LEU A CA  1 
ATOM   607  C C   . LEU A 1 85  ? 10.196  -1.031  9.808   1.00 39.78  ? 148 LEU A C   1 
ATOM   608  O O   . LEU A 1 85  ? 9.046   -1.133  9.992   1.00 40.49  ? 148 LEU A O   1 
ATOM   609  C CB  . LEU A 1 85  ? 11.251  0.993   10.672  1.00 46.83  ? 148 LEU A CB  1 
ATOM   610  C CG  . LEU A 1 85  ? 9.975   1.816   10.518  1.00 47.76  ? 148 LEU A CG  1 
ATOM   611  C CD1 . LEU A 1 85  ? 9.152   1.769   11.798  1.00 39.11  ? 148 LEU A CD1 1 
ATOM   612  C CD2 . LEU A 1 85  ? 10.346  3.247   10.098  1.00 44.70  ? 148 LEU A CD2 1 
ATOM   613  N N   . ASP A 1 86  ? 10.757  -1.391  8.676   1.00 38.70  ? 149 ASP A N   1 
ATOM   614  C CA  . ASP A 1 86  ? 9.968   -1.910  7.572   1.00 41.60  ? 149 ASP A CA  1 
ATOM   615  C C   . ASP A 1 86  ? 9.246   -3.199  7.903   1.00 46.43  ? 149 ASP A C   1 
ATOM   616  O O   . ASP A 1 86  ? 8.095   -3.398  7.436   1.00 38.20  ? 149 ASP A O   1 
ATOM   617  C CB  . ASP A 1 86  ? 10.810  -2.092  6.309   1.00 40.66  ? 149 ASP A CB  1 
ATOM   618  C CG  . ASP A 1 86  ? 12.022  -3.005  6.533   1.00 49.56  ? 149 ASP A CG  1 
ATOM   619  O OD1 . ASP A 1 86  ? 12.496  -3.098  7.695   1.00 48.19  ? 149 ASP A OD1 1 
ATOM   620  O OD2 . ASP A 1 86  ? 12.510  -3.600  5.549   1.00 49.22  ? 149 ASP A OD2 1 
ATOM   621  N N   . ALA A 1 87  ? 9.883   -4.076  8.707   1.00 43.42  ? 150 ALA A N   1 
ATOM   622  C CA  . ALA A 1 87  ? 9.191   -5.330  9.125   1.00 45.89  ? 150 ALA A CA  1 
ATOM   623  C C   . ALA A 1 87  ? 8.048   -5.024  10.069  1.00 39.22  ? 150 ALA A C   1 
ATOM   624  O O   . ALA A 1 87  ? 6.974   -5.543  9.952   1.00 39.60  ? 150 ALA A O   1 
ATOM   625  C CB  . ALA A 1 87  ? 10.157  -6.305  9.789   1.00 51.26  ? 150 ALA A CB  1 
ATOM   626  N N   . VAL A 1 88  ? 8.297   -4.157  11.027  1.00 35.35  ? 151 VAL A N   1 
ATOM   627  C CA  . VAL A 1 88  ? 7.275   -3.808  11.965  1.00 38.98  ? 151 VAL A CA  1 
ATOM   628  C C   . VAL A 1 88  ? 6.069   -3.120  11.254  1.00 41.28  ? 151 VAL A C   1 
ATOM   629  O O   . VAL A 1 88  ? 4.908   -3.378  11.622  1.00 39.82  ? 151 VAL A O   1 
ATOM   630  C CB  . VAL A 1 88  ? 7.907   -2.963  13.097  1.00 42.88  ? 151 VAL A CB  1 
ATOM   631  C CG1 . VAL A 1 88  ? 6.891   -2.268  13.923  1.00 40.60  ? 151 VAL A CG1 1 
ATOM   632  C CG2 . VAL A 1 88  ? 8.793   -3.869  13.987  1.00 39.74  ? 151 VAL A CG2 1 
ATOM   633  N N   . LEU A 1 89  ? 6.324   -2.268  10.256  1.00 34.78  ? 152 LEU A N   1 
ATOM   634  C CA  . LEU A 1 89  ? 5.202   -1.599  9.539   1.00 39.12  ? 152 LEU A CA  1 
ATOM   635  C C   . LEU A 1 89  ? 4.436   -2.615  8.702   1.00 33.72  ? 152 LEU A C   1 
ATOM   636  O O   . LEU A 1 89  ? 3.230   -2.525  8.631   1.00 36.61  ? 152 LEU A O   1 
ATOM   637  C CB  . LEU A 1 89  ? 5.682   -0.440  8.658   1.00 37.28  ? 152 LEU A CB  1 
ATOM   638  C CG  . LEU A 1 89  ? 6.243   0.756   9.391   1.00 37.58  ? 152 LEU A CG  1 
ATOM   639  C CD1 . LEU A 1 89  ? 6.919   1.689   8.398   1.00 38.02  ? 152 LEU A CD1 1 
ATOM   640  C CD2 . LEU A 1 89  ? 5.208   1.544   10.203  1.00 38.88  ? 152 LEU A CD2 1 
ATOM   641  N N   . ASN A 1 90  ? 5.125   -3.577  8.104   1.00 36.17  ? 153 ASN A N   1 
ATOM   642  C CA  . ASN A 1 90  ? 4.442   -4.628  7.341   1.00 41.89  ? 153 ASN A CA  1 
ATOM   643  C C   . ASN A 1 90  ? 3.526   -5.452  8.262   1.00 41.23  ? 153 ASN A C   1 
ATOM   644  O O   . ASN A 1 90  ? 2.390   -5.731  7.905   1.00 40.09  ? 153 ASN A O   1 
ATOM   645  C CB  . ASN A 1 90  ? 5.433   -5.545  6.608   1.00 42.25  ? 153 ASN A CB  1 
ATOM   646  C CG  . ASN A 1 90  ? 6.322   -4.789  5.581   1.00 56.12  ? 153 ASN A CG  1 
ATOM   647  O OD1 . ASN A 1 90  ? 6.097   -3.599  5.227   1.00 48.88  ? 153 ASN A OD1 1 
ATOM   648  N ND2 . ASN A 1 90  ? 7.399   -5.467  5.148   1.00 57.89  ? 153 ASN A ND2 1 
ATOM   649  N N   . ARG A 1 91  ? 4.026   -5.796  9.446   1.00 37.81  ? 154 ARG A N   1 
ATOM   650  C CA  . ARG A 1 91  ? 3.209   -6.462  10.441  1.00 43.97  ? 154 ARG A CA  1 
ATOM   651  C C   . ARG A 1 91  ? 2.048   -5.614  10.856  1.00 41.36  ? 154 ARG A C   1 
ATOM   652  O O   . ARG A 1 91  ? 0.954   -6.127  10.980  1.00 34.85  ? 154 ARG A O   1 
ATOM   653  C CB  . ARG A 1 91  ? 4.020   -6.819  11.700  1.00 48.05  ? 154 ARG A CB  1 
ATOM   654  C CG  . ARG A 1 91  ? 3.218   -7.597  12.746  1.00 63.73  ? 154 ARG A CG  1 
ATOM   655  C CD  . ARG A 1 91  ? 3.324   -9.106  12.530  1.00 79.17  ? 154 ARG A CD  1 
ATOM   656  N NE  . ARG A 1 91  ? 4.598   -9.574  13.100  1.00 97.61  ? 154 ARG A NE  1 
ATOM   657  C CZ  . ARG A 1 91  ? 5.429   -10.484 12.575  1.00 109.85 ? 154 ARG A CZ  1 
ATOM   658  N NH1 . ARG A 1 91  ? 5.168   -11.121 11.426  1.00 108.55 ? 154 ARG A NH1 1 
ATOM   659  N NH2 . ARG A 1 91  ? 6.557   -10.763 13.225  1.00 114.13 ? 154 ARG A NH2 1 
ATOM   660  N N   . LEU A 1 92  ? 2.286   -4.321  11.149  1.00 36.94  ? 155 LEU A N   1 
ATOM   661  C CA  . LEU A 1 92  ? 1.187   -3.449  11.540  1.00 36.99  ? 155 LEU A CA  1 
ATOM   662  C C   . LEU A 1 92  ? 0.134   -3.214  10.450  1.00 37.32  ? 155 LEU A C   1 
ATOM   663  O O   . LEU A 1 92  ? -1.028  -2.873  10.719  1.00 36.46  ? 155 LEU A O   1 
ATOM   664  C CB  . LEU A 1 92  ? 1.741   -2.101  11.991  1.00 43.48  ? 155 LEU A CB  1 
ATOM   665  C CG  . LEU A 1 92  ? 2.327   -2.045  13.392  1.00 43.19  ? 155 LEU A CG  1 
ATOM   666  C CD1 . LEU A 1 92  ? 2.898   -0.656  13.619  1.00 42.96  ? 155 LEU A CD1 1 
ATOM   667  C CD2 . LEU A 1 92  ? 1.273   -2.398  14.467  1.00 42.30  ? 155 LEU A CD2 1 
ATOM   668  N N   . ALA A 1 93  ? 0.545   -3.339  9.207   1.00 35.65  ? 156 ALA A N   1 
ATOM   669  C CA  . ALA A 1 93  ? -0.398  -3.150  8.113   1.00 36.05  ? 156 ALA A CA  1 
ATOM   670  C C   . ALA A 1 93  ? -1.387  -4.323  8.127   1.00 37.14  ? 156 ALA A C   1 
ATOM   671  O O   . ALA A 1 93  ? -2.562  -4.105  7.968   1.00 33.90  ? 156 ALA A O   1 
ATOM   672  C CB  . ALA A 1 93  ? 0.300   -3.071  6.776   1.00 32.38  ? 156 ALA A CB  1 
ATOM   673  N N   . ASP A 1 94  ? -0.886  -5.543  8.289   1.00 40.65  ? 157 ASP A N   1 
ATOM   674  C CA  . ASP A 1 94  ? -1.750  -6.747  8.460   1.00 42.00  ? 157 ASP A CA  1 
ATOM   675  C C   . ASP A 1 94  ? -2.717  -6.654  9.652   1.00 46.87  ? 157 ASP A C   1 
ATOM   676  O O   . ASP A 1 94  ? -3.902  -6.895  9.532   1.00 44.86  ? 157 ASP A O   1 
ATOM   677  C CB  . ASP A 1 94  ? -0.868  -7.953  8.648   1.00 42.02  ? 157 ASP A CB  1 
ATOM   678  C CG  . ASP A 1 94  ? -0.237  -8.399  7.375   1.00 42.89  ? 157 ASP A CG  1 
ATOM   679  O OD1 . ASP A 1 94  ? -0.724  -7.989  6.315   1.00 46.62  ? 157 ASP A OD1 1 
ATOM   680  O OD2 . ASP A 1 94  ? 0.712   -9.209  7.388   1.00 43.98  ? 157 ASP A OD2 1 
ATOM   681  N N   . TYR A 1 95  ? -2.188  -6.213  10.780  1.00 43.90  ? 158 TYR A N   1 
ATOM   682  C CA  . TYR A 1 95  ? -2.946  -6.053  11.971  1.00 39.63  ? 158 TYR A CA  1 
ATOM   683  C C   . TYR A 1 95  ? -4.022  -5.072  11.759  1.00 44.22  ? 158 TYR A C   1 
ATOM   684  O O   . TYR A 1 95  ? -5.152  -5.372  12.041  1.00 47.85  ? 158 TYR A O   1 
ATOM   685  C CB  . TYR A 1 95  ? -2.019  -5.645  13.140  1.00 40.67  ? 158 TYR A CB  1 
ATOM   686  C CG  . TYR A 1 95  ? -2.728  -5.062  14.345  1.00 46.49  ? 158 TYR A CG  1 
ATOM   687  C CD1 . TYR A 1 95  ? -3.511  -5.884  15.214  1.00 48.60  ? 158 TYR A CD1 1 
ATOM   688  C CD2 . TYR A 1 95  ? -2.599  -3.728  14.670  1.00 41.78  ? 158 TYR A CD2 1 
ATOM   689  C CE1 . TYR A 1 95  ? -4.158  -5.316  16.321  1.00 43.97  ? 158 TYR A CE1 1 
ATOM   690  C CE2 . TYR A 1 95  ? -3.265  -3.165  15.773  1.00 40.74  ? 158 TYR A CE2 1 
ATOM   691  C CZ  . TYR A 1 95  ? -4.032  -3.966  16.611  1.00 42.38  ? 158 TYR A CZ  1 
ATOM   692  O OH  . TYR A 1 95  ? -4.667  -3.393  17.732  1.00 45.44  ? 158 TYR A OH  1 
ATOM   693  N N   . THR A 1 96  ? -3.694  -3.877  11.277  1.00 44.93  ? 159 THR A N   1 
ATOM   694  C CA  . THR A 1 96  ? -4.703  -2.859  11.053  1.00 43.02  ? 159 THR A CA  1 
ATOM   695  C C   . THR A 1 96  ? -5.762  -3.293  10.019  1.00 42.62  ? 159 THR A C   1 
ATOM   696  O O   . THR A 1 96  ? -6.938  -2.866  10.140  1.00 45.29  ? 159 THR A O   1 
ATOM   697  C CB  . THR A 1 96  ? -4.133  -1.526  10.557  1.00 44.24  ? 159 THR A CB  1 
ATOM   698  O OG1 . THR A 1 96  ? -3.212  -1.785  9.467   1.00 34.75  ? 159 THR A OG1 1 
ATOM   699  C CG2 . THR A 1 96  ? -3.511  -0.720  11.724  1.00 44.78  ? 159 THR A CG2 1 
ATOM   700  N N   . GLU A 1 97  ? -5.342  -4.039  8.999   1.00 41.78  ? 160 GLU A N   1 
ATOM   701  C CA  . GLU A 1 97  ? -6.272  -4.534  7.947   1.00 44.22  ? 160 GLU A CA  1 
ATOM   702  C C   . GLU A 1 97  ? -7.264  -5.576  8.552   1.00 50.67  ? 160 GLU A C   1 
ATOM   703  O O   . GLU A 1 97  ? -8.428  -5.644  8.135   1.00 48.37  ? 160 GLU A O   1 
ATOM   704  C CB  . GLU A 1 97  ? -5.534  -5.087  6.718   1.00 42.96  ? 160 GLU A CB  1 
ATOM   705  C CG  . GLU A 1 97  ? -4.913  -3.986  5.773   1.00 48.42  ? 160 GLU A CG  1 
ATOM   706  C CD  . GLU A 1 97  ? -4.058  -4.524  4.606   1.00 50.79  ? 160 GLU A CD  1 
ATOM   707  O OE1 . GLU A 1 97  ? -3.656  -3.759  3.679   1.00 52.40  ? 160 GLU A OE1 1 
ATOM   708  O OE2 . GLU A 1 97  ? -3.749  -5.726  4.582   1.00 52.16  ? 160 GLU A OE2 1 
ATOM   709  N N   . GLN A 1 98  ? -6.837  -6.331  9.578   1.00 51.68  ? 161 GLN A N   1 
ATOM   710  C CA  . GLN A 1 98  ? -7.766  -7.177  10.356  1.00 46.63  ? 161 GLN A CA  1 
ATOM   711  C C   . GLN A 1 98  ? -8.756  -6.377  11.136  1.00 46.33  ? 161 GLN A C   1 
ATOM   712  O O   . GLN A 1 98  ? -9.931  -6.658  11.132  1.00 51.98  ? 161 GLN A O   1 
ATOM   713  C CB  . GLN A 1 98  ? -7.037  -8.078  11.254  1.00 51.98  ? 161 GLN A CB  1 
ATOM   714  C CG  . GLN A 1 98  ? -6.311  -9.140  10.474  1.00 61.08  ? 161 GLN A CG  1 
ATOM   715  C CD  . GLN A 1 98  ? -5.528  -10.076 11.365  1.00 77.44  ? 161 GLN A CD  1 
ATOM   716  O OE1 . GLN A 1 98  ? -5.754  -10.109 12.592  1.00 70.82  ? 161 GLN A OE1 1 
ATOM   717  N NE2 . GLN A 1 98  ? -4.614  -10.873 10.757  1.00 78.18  ? 161 GLN A NE2 1 
ATOM   718  N N   . ARG A 1 99  ? -8.340  -5.331  11.783  1.00 46.59  ? 162 ARG A N   1 
ATOM   719  C CA  . ARG A 1 99  ? -9.338  -4.532  12.457  1.00 45.77  ? 162 ARG A CA  1 
ATOM   720  C C   . ARG A 1 99  ? -10.327 -3.868  11.521  1.00 54.65  ? 162 ARG A C   1 
ATOM   721  O O   . ARG A 1 99  ? -11.517 -3.685  11.894  1.00 55.33  ? 162 ARG A O   1 
ATOM   722  C CB  . ARG A 1 99  ? -8.686  -3.495  13.327  1.00 45.02  ? 162 ARG A CB  1 
ATOM   723  C CG  . ARG A 1 99  ? -7.863  -4.172  14.413  1.00 42.92  ? 162 ARG A CG  1 
ATOM   724  C CD  . ARG A 1 99  ? -7.052  -3.170  15.130  1.00 37.50  ? 162 ARG A CD  1 
ATOM   725  N NE  . ARG A 1 99  ? -7.886  -2.430  15.994  1.00 40.97  ? 162 ARG A NE  1 
ATOM   726  C CZ  . ARG A 1 99  ? -8.346  -1.228  15.792  1.00 43.65  ? 162 ARG A CZ  1 
ATOM   727  N NH1 . ARG A 1 99  ? -8.019  -0.522  14.701  1.00 56.69  ? 162 ARG A NH1 1 
ATOM   728  N NH2 . ARG A 1 99  ? -9.124  -0.721  16.733  1.00 48.18  ? 162 ARG A NH2 1 
ATOM   729  N N   . GLN A 1 100 ? -9.883  -3.522  10.304  1.00 46.17  ? 163 GLN A N   1 
ATOM   730  C CA  . GLN A 1 100 ? -10.808 -2.903  9.357   1.00 50.53  ? 163 GLN A CA  1 
ATOM   731  C C   . GLN A 1 100 ? -11.860 -3.932  8.983   1.00 48.39  ? 163 GLN A C   1 
ATOM   732  O O   . GLN A 1 100 ? -13.012 -3.555  8.807   1.00 52.05  ? 163 GLN A O   1 
ATOM   733  C CB  . GLN A 1 100 ? -10.081 -2.342  8.144   1.00 58.01  ? 163 GLN A CB  1 
ATOM   734  C CG  . GLN A 1 100 ? -10.804 -2.415  6.819   1.00 68.30  ? 163 GLN A CG  1 
ATOM   735  C CD  . GLN A 1 100 ? -9.834  -2.149  5.693   1.00 72.91  ? 163 GLN A CD  1 
ATOM   736  O OE1 . GLN A 1 100 ? -9.857  -1.090  5.092   1.00 64.85  ? 163 GLN A OE1 1 
ATOM   737  N NE2 . GLN A 1 100 ? -8.924  -3.096  5.447   1.00 84.60  ? 163 GLN A NE2 1 
ATOM   738  N N   . GLN A 1 101 ? -11.451 -5.196  8.901   1.00 41.50  ? 164 GLN A N   1 
ATOM   739  C CA  . GLN A 1 101 ? -12.284 -6.258  8.438   1.00 55.00  ? 164 GLN A CA  1 
ATOM   740  C C   . GLN A 1 101 ? -13.375 -6.639  9.469   1.00 63.55  ? 164 GLN A C   1 
ATOM   741  O O   . GLN A 1 101 ? -14.570 -6.803  9.128   1.00 54.15  ? 164 GLN A O   1 
ATOM   742  C CB  . GLN A 1 101 ? -11.433 -7.458  8.017   1.00 57.95  ? 164 GLN A CB  1 
ATOM   743  C CG  . GLN A 1 101 ? -11.396 -7.618  6.503   1.00 75.77  ? 164 GLN A CG  1 
ATOM   744  C CD  . GLN A 1 101 ? -10.381 -8.643  6.040   1.00 83.88  ? 164 GLN A CD  1 
ATOM   745  O OE1 . GLN A 1 101 ? -9.550  -8.372  5.159   1.00 84.89  ? 164 GLN A OE1 1 
ATOM   746  N NE2 . GLN A 1 101 ? -10.422 -9.822  6.653   1.00 84.65  ? 164 GLN A NE2 1 
ATOM   747  N N   . MET A 1 102 ? -12.960 -6.750  10.726  1.00 63.14  ? 165 MET A N   1 
ATOM   748  C CA  . MET A 1 102 ? -13.880 -6.887  11.837  1.00 51.38  ? 165 MET A CA  1 
ATOM   749  C C   . MET A 1 102 ? -14.908 -5.758  11.813  1.00 59.30  ? 165 MET A C   1 
ATOM   750  O O   . MET A 1 102 ? -16.102 -6.044  11.911  1.00 73.03  ? 165 MET A O   1 
ATOM   751  C CB  . MET A 1 102 ? -13.103 -6.901  13.162  1.00 60.18  ? 165 MET A CB  1 
ATOM   752  C CG  . MET A 1 102 ? -12.391 -8.228  13.428  1.00 65.69  ? 165 MET A CG  1 
ATOM   753  S SD  . MET A 1 102 ? -11.162 -8.275  14.782  1.00 77.89  ? 165 MET A SD  1 
ATOM   754  C CE  . MET A 1 102 ? -11.650 -7.136  16.056  1.00 56.33  ? 165 MET A CE  1 
ATOM   755  N N   . ARG A 1 103 ? -14.495 -4.500  11.664  1.00 49.50  ? 166 ARG A N   1 
ATOM   756  C CA  . ARG A 1 103 ? -15.491 -3.375  11.618  1.00 63.12  ? 166 ARG A CA  1 
ATOM   757  C C   . ARG A 1 103 ? -16.497 -3.382  10.396  1.00 73.15  ? 166 ARG A C   1 
ATOM   758  O O   . ARG A 1 103 ? -17.635 -2.844  10.488  1.00 71.03  ? 166 ARG A O   1 
ATOM   759  C CB  . ARG A 1 103 ? -14.789 -2.021  11.745  1.00 61.67  ? 166 ARG A CB  1 
ATOM   760  C CG  . ARG A 1 103 ? -15.574 -0.767  11.371  1.00 61.93  ? 166 ARG A CG  1 
ATOM   761  C CD  . ARG A 1 103 ? -16.592 -0.412  12.440  1.00 68.88  ? 166 ARG A CD  1 
ATOM   762  N NE  . ARG A 1 103 ? -15.943 0.055   13.677  1.00 71.71  ? 166 ARG A NE  1 
ATOM   763  C CZ  . ARG A 1 103 ? -16.583 0.345   14.815  1.00 70.42  ? 166 ARG A CZ  1 
ATOM   764  N NH1 . ARG A 1 103 ? -17.919 0.215   14.901  1.00 61.13  ? 166 ARG A NH1 1 
ATOM   765  N NH2 . ARG A 1 103 ? -15.880 0.765   15.873  1.00 67.51  ? 166 ARG A NH2 1 
ATOM   766  N N   . SER A 1 104 ? -16.095 -3.988  9.275   1.00 69.56  ? 167 SER A N   1 
ATOM   767  C CA  . SER A 1 104 ? -16.996 -4.142  8.111   1.00 74.41  ? 167 SER A CA  1 
ATOM   768  C C   . SER A 1 104 ? -17.935 -5.375  8.188   1.00 76.85  ? 167 SER A C   1 
ATOM   769  O O   . SER A 1 104 ? -19.043 -5.335  7.644   1.00 83.54  ? 167 SER A O   1 
ATOM   770  C CB  . SER A 1 104 ? -16.190 -4.218  6.823   1.00 63.82  ? 167 SER A CB  1 
ATOM   771  O OG  . SER A 1 104 ? -15.455 -5.424  6.820   1.00 72.08  ? 167 SER A OG  1 
ATOM   772  N N   . ARG A 1 105 ? -17.466 -6.457  8.821   1.00 77.28  ? 168 ARG A N   1 
ATOM   773  C CA  . ARG A 1 105 ? -18.267 -7.670  9.082   1.00 89.17  ? 168 ARG A CA  1 
ATOM   774  C C   . ARG A 1 105 ? -19.554 -7.403  9.896   1.00 92.02  ? 168 ARG A C   1 
ATOM   775  O O   . ARG A 1 105 ? -20.554 -8.110  9.731   1.00 107.41 ? 168 ARG A O   1 
ATOM   776  C CB  . ARG A 1 105 ? -17.391 -8.747  9.784   1.00 88.40  ? 168 ARG A CB  1 
ATOM   777  C CG  . ARG A 1 105 ? -18.074 -10.069 10.127  1.00 90.63  ? 168 ARG A CG  1 
ATOM   778  C CD  . ARG A 1 105 ? -18.712 -10.731 8.910   1.00 102.03 ? 168 ARG A CD  1 
ATOM   779  N NE  . ARG A 1 105 ? -19.545 -11.888 9.264   1.00 105.84 ? 168 ARG A NE  1 
ATOM   780  C CZ  . ARG A 1 105 ? -19.123 -13.151 9.390   1.00 101.26 ? 168 ARG A CZ  1 
ATOM   781  N NH1 . ARG A 1 105 ? -17.851 -13.484 9.192   1.00 98.17  ? 168 ARG A NH1 1 
ATOM   782  N NH2 . ARG A 1 105 ? -19.993 -14.106 9.720   1.00 102.73 ? 168 ARG A NH2 1 
ATOM   783  N N   . ILE A 1 106 ? -19.516 -6.377  10.749  1.00 83.82  ? 169 ILE A N   1 
ATOM   784  C CA  . ILE A 1 106 ? -20.645 -5.980  11.578  1.00 82.43  ? 169 ILE A CA  1 
ATOM   785  C C   . ILE A 1 106 ? -21.499 -4.900  10.889  1.00 90.86  ? 169 ILE A C   1 
ATOM   786  O O   . ILE A 1 106 ? -22.688 -5.121  10.662  1.00 102.04 ? 169 ILE A O   1 
ATOM   787  C CB  . ILE A 1 106 ? -20.180 -5.610  13.026  1.00 77.86  ? 169 ILE A CB  1 
ATOM   788  C CG1 . ILE A 1 106 ? -19.626 -4.174  13.170  1.00 77.60  ? 169 ILE A CG1 1 
ATOM   789  C CG2 . ILE A 1 106 ? -19.159 -6.641  13.527  1.00 74.16  ? 169 ILE A CG2 1 
ATOM   790  C CD1 . ILE A 1 106 ? -19.089 -3.863  14.557  1.00 75.12  ? 169 ILE A CD1 1 
ATOM   791  N N   . GLN A 1 107 ? -20.886 -3.784  10.490  1.00 95.94  ? 170 GLN A N   1 
ATOM   792  C CA  . GLN A 1 107 ? -21.628 -2.599  10.033  1.00 94.02  ? 170 GLN A CA  1 
ATOM   793  C C   . GLN A 1 107 ? -22.069 -2.735  8.569   1.00 89.52  ? 170 GLN A C   1 
ATOM   794  O O   . GLN A 1 107 ? -23.068 -3.371  8.268   1.00 90.28  ? 170 GLN A O   1 
ATOM   795  C CB  . GLN A 1 107 ? -20.780 -1.334  10.222  1.00 91.11  ? 170 GLN A CB  1 
ATOM   796  C CG  . GLN A 1 107 ? -19.915 -0.980  9.018   1.00 91.39  ? 170 GLN A CG  1 
ATOM   797  C CD  . GLN A 1 107 ? -18.960 0.167   9.259   1.00 93.46  ? 170 GLN A CD  1 
ATOM   798  O OE1 . GLN A 1 107 ? -18.996 0.826   10.297  1.00 99.96  ? 170 GLN A OE1 1 
ATOM   799  N NE2 . GLN A 1 107 ? -18.096 0.419   8.284   1.00 87.42  ? 170 GLN A NE2 1 
ATOM   800  N N   . ILE B 1 2   ? -3.352  -16.642 -8.740  1.00 78.40  ? 65  ILE B N   1 
ATOM   801  C CA  . ILE B 1 2   ? -3.353  -15.885 -7.444  1.00 71.54  ? 65  ILE B CA  1 
ATOM   802  C C   . ILE B 1 2   ? -4.743  -15.495 -6.926  1.00 65.80  ? 65  ILE B C   1 
ATOM   803  O O   . ILE B 1 2   ? -5.720  -15.327 -7.670  1.00 61.59  ? 65  ILE B O   1 
ATOM   804  C CB  . ILE B 1 2   ? -2.498  -14.609 -7.505  1.00 66.09  ? 65  ILE B CB  1 
ATOM   805  C CG1 . ILE B 1 2   ? -3.077  -13.594 -8.527  1.00 60.72  ? 65  ILE B CG1 1 
ATOM   806  C CG2 . ILE B 1 2   ? -1.051  -14.976 -7.786  1.00 65.53  ? 65  ILE B CG2 1 
ATOM   807  C CD1 . ILE B 1 2   ? -3.103  -12.178 -8.014  1.00 52.74  ? 65  ILE B CD1 1 
ATOM   808  N N   . SER B 1 3   ? -4.794  -15.328 -5.622  1.00 60.42  ? 66  SER B N   1 
ATOM   809  C CA  . SER B 1 3   ? -6.053  -15.192 -4.930  1.00 61.40  ? 66  SER B CA  1 
ATOM   810  C C   . SER B 1 3   ? -6.546  -13.752 -5.017  1.00 62.02  ? 66  SER B C   1 
ATOM   811  O O   . SER B 1 3   ? -5.823  -12.851 -5.470  1.00 67.59  ? 66  SER B O   1 
ATOM   812  C CB  . SER B 1 3   ? -5.875  -15.588 -3.470  1.00 58.40  ? 66  SER B CB  1 
ATOM   813  O OG  . SER B 1 3   ? -5.353  -14.514 -2.740  1.00 56.98  ? 66  SER B OG  1 
ATOM   814  N N   . ALA B 1 4   ? -7.765  -13.551 -4.554  1.00 55.76  ? 67  ALA B N   1 
ATOM   815  C CA  . ALA B 1 4   ? -8.382  -12.232 -4.493  1.00 61.78  ? 67  ALA B CA  1 
ATOM   816  C C   . ALA B 1 4   ? -7.645  -11.326 -3.506  1.00 57.14  ? 67  ALA B C   1 
ATOM   817  O O   . ALA B 1 4   ? -7.375  -10.166 -3.833  1.00 49.76  ? 67  ALA B O   1 
ATOM   818  C CB  . ALA B 1 4   ? -9.862  -12.333 -4.124  1.00 60.48  ? 67  ALA B CB  1 
ATOM   819  N N   . SER B 1 5   ? -7.301  -11.855 -2.330  1.00 50.54  ? 68  SER B N   1 
ATOM   820  C CA  . SER B 1 5   ? -6.575  -11.069 -1.343  1.00 52.24  ? 68  SER B CA  1 
ATOM   821  C C   . SER B 1 5   ? -5.123  -10.737 -1.789  1.00 45.47  ? 68  SER B C   1 
ATOM   822  O O   . SER B 1 5   ? -4.627  -9.671  -1.474  1.00 41.22  ? 68  SER B O   1 
ATOM   823  C CB  . SER B 1 5   ? -6.624  -11.699 0.047   1.00 53.81  ? 68  SER B CB  1 
ATOM   824  O OG  . SER B 1 5   ? -5.820  -12.840 0.020   1.00 61.40  ? 68  SER B OG  1 
ATOM   825  N N   . ASP B 1 6   ? -4.527  -11.597 -2.602  1.00 44.12  ? 69  ASP B N   1 
ATOM   826  C CA  . ASP B 1 6   ? -3.211  -11.351 -3.164  1.00 46.93  ? 69  ASP B CA  1 
ATOM   827  C C   . ASP B 1 6   ? -3.260  -10.214 -4.181  1.00 42.78  ? 69  ASP B C   1 
ATOM   828  O O   . ASP B 1 6   ? -2.424  -9.304  -4.129  1.00 40.41  ? 69  ASP B O   1 
ATOM   829  C CB  . ASP B 1 6   ? -2.643  -12.635 -3.792  1.00 52.14  ? 69  ASP B CB  1 
ATOM   830  C CG  . ASP B 1 6   ? -2.150  -13.650 -2.719  1.00 73.51  ? 69  ASP B CG  1 
ATOM   831  O OD1 . ASP B 1 6   ? -1.443  -13.239 -1.745  1.00 75.12  ? 69  ASP B OD1 1 
ATOM   832  O OD2 . ASP B 1 6   ? -2.440  -14.863 -2.879  1.00 86.28  ? 69  ASP B OD2 1 
ATOM   833  N N   . LEU B 1 7   ? -4.258  -10.252 -5.058  1.00 41.58  ? 70  LEU B N   1 
ATOM   834  C CA  . LEU B 1 7   ? -4.428  -9.250  -6.089  1.00 39.93  ? 70  LEU B CA  1 
ATOM   835  C C   . LEU B 1 7   ? -4.740  -7.874  -5.475  1.00 40.77  ? 70  LEU B C   1 
ATOM   836  O O   . LEU B 1 7   ? -4.188  -6.856  -5.907  1.00 36.81  ? 70  LEU B O   1 
ATOM   837  C CB  . LEU B 1 7   ? -5.523  -9.653  -7.077  1.00 42.83  ? 70  LEU B CB  1 
ATOM   838  C CG  . LEU B 1 7   ? -5.790  -8.636  -8.218  1.00 44.89  ? 70  LEU B CG  1 
ATOM   839  C CD1 . LEU B 1 7   ? -4.636  -8.651  -9.194  1.00 43.31  ? 70  LEU B CD1 1 
ATOM   840  C CD2 . LEU B 1 7   ? -7.108  -8.914  -8.932  1.00 40.63  ? 70  LEU B CD2 1 
ATOM   841  N N   . ALA B 1 8   ? -5.609  -7.846  -4.482  1.00 35.32  ? 71  ALA B N   1 
ATOM   842  C CA  . ALA B 1 8   ? -5.842  -6.660  -3.718  1.00 36.62  ? 71  ALA B CA  1 
ATOM   843  C C   . ALA B 1 8   ? -4.548  -6.063  -3.088  1.00 34.39  ? 71  ALA B C   1 
ATOM   844  O O   . ALA B 1 8   ? -4.384  -4.874  -3.008  1.00 29.95  ? 71  ALA B O   1 
ATOM   845  C CB  . ALA B 1 8   ? -6.847  -6.959  -2.587  1.00 36.30  ? 71  ALA B CB  1 
ATOM   846  N N   . LEU B 1 9   ? -3.714  -6.900  -2.519  1.00 36.37  ? 72  LEU B N   1 
ATOM   847  C CA  . LEU B 1 9   ? -2.513  -6.418  -1.834  1.00 33.96  ? 72  LEU B CA  1 
ATOM   848  C C   . LEU B 1 9   ? -1.596  -5.813  -2.876  1.00 29.31  ? 72  LEU B C   1 
ATOM   849  O O   . LEU B 1 9   ? -1.139  -4.688  -2.746  1.00 34.09  ? 72  LEU B O   1 
ATOM   850  C CB  . LEU B 1 9   ? -1.825  -7.572  -1.081  1.00 36.33  ? 72  LEU B CB  1 
ATOM   851  C CG  . LEU B 1 9   ? -0.476  -7.226  -0.454  1.00 36.63  ? 72  LEU B CG  1 
ATOM   852  C CD1 . LEU B 1 9   ? -0.695  -6.205  0.658   1.00 36.00  ? 72  LEU B CD1 1 
ATOM   853  C CD2 . LEU B 1 9   ? 0.139   -8.494  0.099   1.00 38.15  ? 72  LEU B CD2 1 
ATOM   854  N N   . LEU B 1 10  ? -1.343  -6.541  -3.927  1.00 28.98  ? 73  LEU B N   1 
ATOM   855  C CA  . LEU B 1 10  ? -0.431  -6.083  -4.942  1.00 38.06  ? 73  LEU B CA  1 
ATOM   856  C C   . LEU B 1 10  ? -0.857  -4.830  -5.698  1.00 37.74  ? 73  LEU B C   1 
ATOM   857  O O   . LEU B 1 10  ? 0.008   -4.022  -6.052  1.00 35.83  ? 73  LEU B O   1 
ATOM   858  C CB  . LEU B 1 10  ? -0.015  -7.239  -5.883  1.00 43.59  ? 73  LEU B CB  1 
ATOM   859  C CG  . LEU B 1 10  ? -0.748  -7.577  -7.171  1.00 50.24  ? 73  LEU B CG  1 
ATOM   860  C CD1 . LEU B 1 10  ? -0.482  -6.572  -8.311  1.00 56.17  ? 73  LEU B CD1 1 
ATOM   861  C CD2 . LEU B 1 10  ? -0.349  -9.017  -7.598  1.00 46.73  ? 73  LEU B CD2 1 
ATOM   862  N N   . THR B 1 11  ? -2.165  -4.675  -5.927  1.00 31.60  ? 74  THR B N   1 
ATOM   863  C CA  . THR B 1 11  ? -2.716  -3.510  -6.585  1.00 30.60  ? 74  THR B CA  1 
ATOM   864  C C   . THR B 1 11  ? -2.594  -2.314  -5.667  1.00 29.16  ? 74  THR B C   1 
ATOM   865  O O   . THR B 1 11  ? -2.267  -1.212  -6.122  1.00 28.87  ? 74  THR B O   1 
ATOM   866  C CB  . THR B 1 11  ? -4.221  -3.722  -6.999  1.00 33.65  ? 74  THR B CB  1 
ATOM   867  O OG1 . THR B 1 11  ? -4.352  -4.948  -7.715  1.00 36.12  ? 74  THR B OG1 1 
ATOM   868  C CG2 . THR B 1 11  ? -4.705  -2.621  -7.901  1.00 36.70  ? 74  THR B CG2 1 
ATOM   869  N N   . ARG B 1 12  ? -2.892  -2.497  -4.379  1.00 26.86  ? 75  ARG B N   1 
ATOM   870  C CA  . ARG B 1 12  ? -2.760  -1.392  -3.438  1.00 27.84  ? 75  ARG B CA  1 
ATOM   871  C C   . ARG B 1 12  ? -1.262  -0.944  -3.361  1.00 28.01  ? 75  ARG B C   1 
ATOM   872  O O   . ARG B 1 12  ? -0.952  0.212   -3.393  1.00 28.48  ? 75  ARG B O   1 
ATOM   873  C CB  . ARG B 1 12  ? -3.219  -1.854  -2.088  1.00 28.16  ? 75  ARG B CB  1 
ATOM   874  C CG  . ARG B 1 12  ? -3.138  -0.893  -0.920  1.00 28.93  ? 75  ARG B CG  1 
ATOM   875  C CD  . ARG B 1 12  ? -3.651  0.513   -1.134  1.00 34.66  ? 75  ARG B CD  1 
ATOM   876  N NE  . ARG B 1 12  ? -5.122  0.528   -1.227  1.00 35.42  ? 75  ARG B NE  1 
ATOM   877  C CZ  . ARG B 1 12  ? -5.838  1.489   -1.816  1.00 32.85  ? 75  ARG B CZ  1 
ATOM   878  N NH1 . ARG B 1 12  ? -5.279  2.590   -2.307  1.00 31.97  ? 75  ARG B NH1 1 
ATOM   879  N NH2 . ARG B 1 12  ? -7.144  1.370   -1.862  1.00 36.33  ? 75  ARG B NH2 1 
ATOM   880  N N   . GLN B 1 13  ? -0.367  -1.901  -3.293  1.00 27.15  ? 76  GLN B N   1 
ATOM   881  C CA  . GLN B 1 13  ? 1.109   -1.629  -3.166  1.00 27.97  ? 76  GLN B CA  1 
ATOM   882  C C   . GLN B 1 13  ? 1.551   -0.902  -4.408  1.00 27.10  ? 76  GLN B C   1 
ATOM   883  O O   . GLN B 1 13  ? 2.087   0.174   -4.305  1.00 26.36  ? 76  GLN B O   1 
ATOM   884  C CB  . GLN B 1 13  ? 1.878   -2.911  -3.027  1.00 27.71  ? 76  GLN B CB  1 
ATOM   885  C CG  . GLN B 1 13  ? 1.775   -3.532  -1.670  1.00 26.30  ? 76  GLN B CG  1 
ATOM   886  C CD  . GLN B 1 13  ? 2.414   -4.883  -1.601  1.00 30.18  ? 76  GLN B CD  1 
ATOM   887  O OE1 . GLN B 1 13  ? 2.324   -5.715  -2.551  1.00 34.48  ? 76  GLN B OE1 1 
ATOM   888  N NE2 . GLN B 1 13  ? 2.904   -5.193  -0.408  1.00 27.21  ? 76  GLN B NE2 1 
ATOM   889  N N   . LEU B 1 14  ? 1.179   -1.445  -5.570  1.00 31.12  ? 77  LEU B N   1 
ATOM   890  C CA  . LEU B 1 14  ? 1.496   -0.837  -6.827  1.00 31.03  ? 77  LEU B CA  1 
ATOM   891  C C   . LEU B 1 14  ? 0.923   0.535   -7.010  1.00 30.02  ? 77  LEU B C   1 
ATOM   892  O O   . LEU B 1 14  ? 1.633   1.437   -7.451  1.00 30.95  ? 77  LEU B O   1 
ATOM   893  C CB  . LEU B 1 14  ? 1.095   -1.754  -7.979  1.00 33.67  ? 77  LEU B CB  1 
ATOM   894  C CG  . LEU B 1 14  ? 1.741   -1.425  -9.319  1.00 37.99  ? 77  LEU B CG  1 
ATOM   895  C CD1 . LEU B 1 14  ? 3.282   -1.518  -9.273  1.00 43.84  ? 77  LEU B CD1 1 
ATOM   896  C CD2 . LEU B 1 14  ? 1.146   -2.374  -10.353 1.00 38.73  ? 77  LEU B CD2 1 
ATOM   897  N N   . ALA B 1 15  ? -0.350  0.740   -6.687  1.00 30.54  ? 78  ALA B N   1 
ATOM   898  C CA  . ALA B 1 15  ? -0.902  2.098   -6.691  1.00 30.30  ? 78  ALA B CA  1 
ATOM   899  C C   . ALA B 1 15  ? -0.154  3.068   -5.825  1.00 28.12  ? 78  ALA B C   1 
ATOM   900  O O   . ALA B 1 15  ? -0.057  4.254   -6.165  1.00 28.91  ? 78  ALA B O   1 
ATOM   901  C CB  . ALA B 1 15  ? -2.364  2.102   -6.250  1.00 31.86  ? 78  ALA B CB  1 
ATOM   902  N N   . THR B 1 16  ? 0.330   2.618   -4.681  1.00 26.92  ? 79  THR B N   1 
ATOM   903  C CA  . THR B 1 16  ? 0.934   3.539   -3.739  1.00 31.05  ? 79  THR B CA  1 
ATOM   904  C C   . THR B 1 16  ? 2.285   3.988   -4.300  1.00 29.50  ? 79  THR B C   1 
ATOM   905  O O   . THR B 1 16  ? 2.639   5.174   -4.243  1.00 28.33  ? 79  THR B O   1 
ATOM   906  C CB  . THR B 1 16  ? 1.109   2.891   -2.336  1.00 33.81  ? 79  THR B CB  1 
ATOM   907  O OG1 . THR B 1 16  ? -0.151  2.467   -1.852  1.00 35.08  ? 79  THR B OG1 1 
ATOM   908  C CG2 . THR B 1 16  ? 1.691   3.822   -1.361  1.00 28.90  ? 79  THR B CG2 1 
ATOM   909  N N   . LEU B 1 17  ? 3.006   3.065   -4.909  1.00 32.35  ? 80  LEU B N   1 
ATOM   910  C CA  . LEU B 1 17  ? 4.362   3.376   -5.426  1.00 34.18  ? 80  LEU B CA  1 
ATOM   911  C C   . LEU B 1 17  ? 4.350   4.199   -6.728  1.00 36.07  ? 80  LEU B C   1 
ATOM   912  O O   . LEU B 1 17  ? 5.166   5.131   -6.908  1.00 31.88  ? 80  LEU B O   1 
ATOM   913  C CB  . LEU B 1 17  ? 5.161   2.091   -5.591  1.00 33.40  ? 80  LEU B CB  1 
ATOM   914  C CG  . LEU B 1 17  ? 5.380   1.284   -4.329  1.00 36.22  ? 80  LEU B CG  1 
ATOM   915  C CD1 . LEU B 1 17  ? 5.898   -0.079  -4.666  1.00 39.53  ? 80  LEU B CD1 1 
ATOM   916  C CD2 . LEU B 1 17  ? 6.358   1.953   -3.403  1.00 39.87  ? 80  LEU B CD2 1 
ATOM   917  N N   . VAL B 1 18  ? 3.441   3.843   -7.622  1.00 32.58  ? 81  VAL B N   1 
ATOM   918  C CA  . VAL B 1 18  ? 3.262   4.589   -8.864  1.00 34.95  ? 81  VAL B CA  1 
ATOM   919  C C   . VAL B 1 18  ? 2.815   5.999   -8.541  1.00 35.09  ? 81  VAL B C   1 
ATOM   920  O O   . VAL B 1 18  ? 3.368   6.953   -9.093  1.00 36.93  ? 81  VAL B O   1 
ATOM   921  C CB  . VAL B 1 18  ? 2.280   3.903   -9.816  1.00 32.86  ? 81  VAL B CB  1 
ATOM   922  C CG1 . VAL B 1 18  ? 1.884   4.811   -10.973 1.00 37.31  ? 81  VAL B CG1 1 
ATOM   923  C CG2 . VAL B 1 18  ? 2.882   2.566   -10.311 1.00 34.84  ? 81  VAL B CG2 1 
ATOM   924  N N   . ALA B 1 19  ? 1.893   6.147   -7.594  1.00 33.82  ? 82  ALA B N   1 
ATOM   925  C CA  . ALA B 1 19  ? 1.478   7.479   -7.127  1.00 33.58  ? 82  ALA B CA  1 
ATOM   926  C C   . ALA B 1 19  ? 2.570   8.289   -6.476  1.00 35.61  ? 82  ALA B C   1 
ATOM   927  O O   . ALA B 1 19  ? 2.494   9.485   -6.449  1.00 34.21  ? 82  ALA B O   1 
ATOM   928  C CB  . ALA B 1 19  ? 0.301   7.359   -6.151  1.00 36.08  ? 82  ALA B CB  1 
ATOM   929  N N   . ALA B 1 20  ? 3.520   7.625   -5.817  1.00 37.08  ? 83  ALA B N   1 
ATOM   930  C CA  . ALA B 1 20  ? 4.658   8.281   -5.275  1.00 34.13  ? 83  ALA B CA  1 
ATOM   931  C C   . ALA B 1 20  ? 5.730   8.655   -6.331  1.00 34.55  ? 83  ALA B C   1 
ATOM   932  O O   . ALA B 1 20  ? 6.786   9.093   -5.971  1.00 37.04  ? 83  ALA B O   1 
ATOM   933  C CB  . ALA B 1 20  ? 5.295   7.416   -4.149  1.00 35.69  ? 83  ALA B CB  1 
ATOM   934  N N   . ALA B 1 21  ? 5.469   8.393   -7.600  1.00 40.50  ? 84  ALA B N   1 
ATOM   935  C CA  . ALA B 1 21  ? 6.322   8.701   -8.744  1.00 49.05  ? 84  ALA B CA  1 
ATOM   936  C C   . ALA B 1 21  ? 7.527   7.798   -8.874  1.00 46.61  ? 84  ALA B C   1 
ATOM   937  O O   . ALA B 1 21  ? 8.485   8.188   -9.531  1.00 49.64  ? 84  ALA B O   1 
ATOM   938  C CB  . ALA B 1 21  ? 6.721   10.204  -8.791  1.00 45.77  ? 84  ALA B CB  1 
ATOM   939  N N   . LEU B 1 22  ? 7.491   6.592   -8.308  1.00 42.03  ? 85  LEU B N   1 
ATOM   940  C CA  . LEU B 1 22  ? 8.479   5.603   -8.695  1.00 43.50  ? 85  LEU B CA  1 
ATOM   941  C C   . LEU B 1 22  ? 8.258   5.178   -10.135 1.00 44.77  ? 85  LEU B C   1 
ATOM   942  O O   . LEU B 1 22  ? 7.134   4.882   -10.518 1.00 46.85  ? 85  LEU B O   1 
ATOM   943  C CB  . LEU B 1 22  ? 8.494   4.355   -7.847  1.00 40.95  ? 85  LEU B CB  1 
ATOM   944  C CG  . LEU B 1 22  ? 9.320   4.430   -6.594  1.00 44.92  ? 85  LEU B CG  1 
ATOM   945  C CD1 . LEU B 1 22  ? 8.652   5.392   -5.617  1.00 49.72  ? 85  LEU B CD1 1 
ATOM   946  C CD2 . LEU B 1 22  ? 9.463   3.052   -5.989  1.00 42.79  ? 85  LEU B CD2 1 
ATOM   947  N N   . PRO B 1 23  ? 9.354   5.095   -10.929 1.00 44.91  ? 86  PRO B N   1 
ATOM   948  C CA  . PRO B 1 23  ? 9.243   4.479   -12.234 1.00 41.82  ? 86  PRO B CA  1 
ATOM   949  C C   . PRO B 1 23  ? 8.620   3.129   -12.175 1.00 39.74  ? 86  PRO B C   1 
ATOM   950  O O   . PRO B 1 23  ? 8.844   2.355   -11.207 1.00 39.23  ? 86  PRO B O   1 
ATOM   951  C CB  . PRO B 1 23  ? 10.705  4.377   -12.701 1.00 46.20  ? 86  PRO B CB  1 
ATOM   952  C CG  . PRO B 1 23  ? 11.337  5.586   -12.107 1.00 43.87  ? 86  PRO B CG  1 
ATOM   953  C CD  . PRO B 1 23  ? 10.693  5.700   -10.738 1.00 46.36  ? 86  PRO B CD  1 
ATOM   954  N N   . LEU B 1 24  ? 7.822   2.848   -13.196 1.00 37.55  ? 87  LEU B N   1 
ATOM   955  C CA  . LEU B 1 24  ? 7.036   1.638   -13.201 1.00 47.69  ? 87  LEU B CA  1 
ATOM   956  C C   . LEU B 1 24  ? 7.924   0.419   -12.938 1.00 47.69  ? 87  LEU B C   1 
ATOM   957  O O   . LEU B 1 24  ? 7.527   -0.452  -12.169 1.00 44.66  ? 87  LEU B O   1 
ATOM   958  C CB  . LEU B 1 24  ? 6.217   1.512   -14.487 1.00 48.98  ? 87  LEU B CB  1 
ATOM   959  C CG  . LEU B 1 24  ? 5.335   0.288   -14.687 1.00 50.19  ? 87  LEU B CG  1 
ATOM   960  C CD1 . LEU B 1 24  ? 4.364   0.028   -13.535 1.00 53.12  ? 87  LEU B CD1 1 
ATOM   961  C CD2 . LEU B 1 24  ? 4.599   0.493   -15.973 1.00 54.25  ? 87  LEU B CD2 1 
ATOM   962  N N   . GLU B 1 25  ? 9.126   0.364   -13.523 1.00 43.39  ? 88  GLU B N   1 
ATOM   963  C CA  . GLU B 1 25  ? 9.973   -0.832  -13.335 1.00 45.81  ? 88  GLU B CA  1 
ATOM   964  C C   . GLU B 1 25  ? 10.511  -0.924  -11.905 1.00 33.34  ? 88  GLU B C   1 
ATOM   965  O O   . GLU B 1 25  ? 10.646  -1.970  -11.392 1.00 37.14  ? 88  GLU B O   1 
ATOM   966  C CB  . GLU B 1 25  ? 11.085  -0.950  -14.393 1.00 52.82  ? 88  GLU B CB  1 
ATOM   967  C CG  . GLU B 1 25  ? 12.485  -0.492  -13.968 1.00 63.88  ? 88  GLU B CG  1 
ATOM   968  C CD  . GLU B 1 25  ? 12.733  0.988   -14.142 1.00 74.82  ? 88  GLU B CD  1 
ATOM   969  O OE1 . GLU B 1 25  ? 12.009  1.617   -14.944 1.00 70.27  ? 88  GLU B OE1 1 
ATOM   970  O OE2 . GLU B 1 25  ? 13.672  1.512   -13.477 1.00 82.86  ? 88  GLU B OE2 1 
ATOM   971  N N   . GLU B 1 26  ? 10.824  0.190   -11.256 1.00 33.86  ? 89  GLU B N   1 
ATOM   972  C CA  . GLU B 1 26  ? 11.155  0.174   -9.832  1.00 38.41  ? 89  GLU B CA  1 
ATOM   973  C C   . GLU B 1 26  ? 9.935   -0.215  -8.933  1.00 35.18  ? 89  GLU B C   1 
ATOM   974  O O   . GLU B 1 26  ? 10.090  -0.921  -7.935  1.00 37.11  ? 89  GLU B O   1 
ATOM   975  C CB  . GLU B 1 26  ? 11.656  1.531   -9.389  1.00 41.88  ? 89  GLU B CB  1 
ATOM   976  C CG  . GLU B 1 26  ? 13.037  1.863   -9.948  1.00 56.04  ? 89  GLU B CG  1 
ATOM   977  C CD  . GLU B 1 26  ? 13.501  3.289   -9.619  1.00 62.13  ? 89  GLU B CD  1 
ATOM   978  O OE1 . GLU B 1 26  ? 13.142  3.830   -8.537  1.00 68.19  ? 89  GLU B OE1 1 
ATOM   979  O OE2 . GLU B 1 26  ? 14.210  3.867   -10.476 1.00 74.48  ? 89  GLU B OE2 1 
ATOM   980  N N   . ALA B 1 27  ? 8.741   0.218   -9.322  1.00 34.42  ? 90  ALA B N   1 
ATOM   981  C CA  . ALA B 1 27  ? 7.489   -0.087  -8.565  1.00 35.41  ? 90  ALA B CA  1 
ATOM   982  C C   . ALA B 1 27  ? 7.202   -1.554  -8.577  1.00 29.14  ? 90  ALA B C   1 
ATOM   983  O O   . ALA B 1 27  ? 7.008   -2.183  -7.508  1.00 29.85  ? 90  ALA B O   1 
ATOM   984  C CB  . ALA B 1 27  ? 6.334   0.694   -9.160  1.00 37.63  ? 90  ALA B CB  1 
ATOM   985  N N   . LEU B 1 28  ? 7.262   -2.148  -9.772  1.00 31.81  ? 91  LEU B N   1 
ATOM   986  C CA  . LEU B 1 28  ? 7.086   -3.608  -9.923  1.00 31.32  ? 91  LEU B CA  1 
ATOM   987  C C   . LEU B 1 28  ? 8.138   -4.427  -9.168  1.00 35.12  ? 91  LEU B C   1 
ATOM   988  O O   . LEU B 1 28  ? 7.812   -5.393  -8.476  1.00 37.17  ? 91  LEU B O   1 
ATOM   989  C CB  . LEU B 1 28  ? 7.109   -3.990  -11.417 1.00 38.45  ? 91  LEU B CB  1 
ATOM   990  C CG  . LEU B 1 28  ? 5.897   -3.475  -12.222 1.00 38.50  ? 91  LEU B CG  1 
ATOM   991  C CD1 . LEU B 1 28  ? 6.098   -3.421  -13.741 1.00 38.29  ? 91  LEU B CD1 1 
ATOM   992  C CD2 . LEU B 1 28  ? 4.654   -4.303  -11.841 1.00 35.18  ? 91  LEU B CD2 1 
ATOM   993  N N   . ASP B 1 29  ? 9.425   -4.061  -9.304  1.00 37.89  ? 92  ASP B N   1 
ATOM   994  C CA  . ASP B 1 29  ? 10.485  -4.648  -8.456  1.00 35.25  ? 92  ASP B CA  1 
ATOM   995  C C   . ASP B 1 29  ? 10.170  -4.577  -7.004  1.00 35.09  ? 92  ASP B C   1 
ATOM   996  O O   . ASP B 1 29  ? 10.302  -5.570  -6.277  1.00 37.63  ? 92  ASP B O   1 
ATOM   997  C CB  . ASP B 1 29  ? 11.788  -3.802  -8.558  1.00 44.66  ? 92  ASP B CB  1 
ATOM   998  C CG  . ASP B 1 29  ? 12.895  -4.481  -9.332  1.00 45.06  ? 92  ASP B CG  1 
ATOM   999  O OD1 . ASP B 1 29  ? 12.675  -5.549  -9.937  1.00 49.22  ? 92  ASP B OD1 1 
ATOM   1000 O OD2 . ASP B 1 29  ? 13.991  -3.894  -9.308  1.00 61.76  ? 92  ASP B OD2 1 
ATOM   1001 N N   . ALA B 1 30  ? 9.817   -3.363  -6.548  1.00 30.78  ? 93  ALA B N   1 
ATOM   1002 C CA  . ALA B 1 30  ? 9.573   -3.164  -5.150  1.00 32.17  ? 93  ALA B CA  1 
ATOM   1003 C C   . ALA B 1 30  ? 8.422   -4.087  -4.671  1.00 35.14  ? 93  ALA B C   1 
ATOM   1004 O O   . ALA B 1 30  ? 8.498   -4.679  -3.581  1.00 34.33  ? 93  ALA B O   1 
ATOM   1005 C CB  . ALA B 1 30  ? 9.334   -1.679  -4.851  1.00 29.12  ? 93  ALA B CB  1 
ATOM   1006 N N   . VAL B 1 31  ? 7.406   -4.289  -5.512  1.00 35.70  ? 94  VAL B N   1 
ATOM   1007 C CA  . VAL B 1 31  ? 6.287   -5.128  -5.117  1.00 36.66  ? 94  VAL B CA  1 
ATOM   1008 C C   . VAL B 1 31  ? 6.684   -6.618  -5.157  1.00 44.75  ? 94  VAL B C   1 
ATOM   1009 O O   . VAL B 1 31  ? 6.213   -7.427  -4.321  1.00 40.04  ? 94  VAL B O   1 
ATOM   1010 C CB  . VAL B 1 31  ? 5.061   -4.899  -6.033  1.00 39.20  ? 94  VAL B CB  1 
ATOM   1011 C CG1 . VAL B 1 31  ? 3.949   -5.895  -5.706  1.00 40.06  ? 94  VAL B CG1 1 
ATOM   1012 C CG2 . VAL B 1 31  ? 4.559   -3.453  -5.925  1.00 39.30  ? 94  VAL B CG2 1 
ATOM   1013 N N   . ALA B 1 32  ? 7.495   -6.992  -6.154  1.00 41.33  ? 95  ALA B N   1 
ATOM   1014 C CA  . ALA B 1 32  ? 8.065   -8.357  -6.160  1.00 45.26  ? 95  ALA B CA  1 
ATOM   1015 C C   . ALA B 1 32  ? 8.934   -8.641  -4.922  1.00 44.17  ? 95  ALA B C   1 
ATOM   1016 O O   . ALA B 1 32  ? 8.884   -9.732  -4.392  1.00 54.54  ? 95  ALA B O   1 
ATOM   1017 C CB  . ALA B 1 32  ? 8.841   -8.632  -7.442  1.00 42.68  ? 95  ALA B CB  1 
ATOM   1018 N N   . LYS B 1 33  ? 9.667   -7.644  -4.442  1.00 42.93  ? 96  LYS B N   1 
ATOM   1019 C CA  . LYS B 1 33  ? 10.526  -7.797  -3.231  1.00 49.49  ? 96  LYS B CA  1 
ATOM   1020 C C   . LYS B 1 33  ? 9.761   -7.943  -1.937  1.00 48.47  ? 96  LYS B C   1 
ATOM   1021 O O   . LYS B 1 33  ? 10.231  -8.580  -0.998  1.00 45.10  ? 96  LYS B O   1 
ATOM   1022 C CB  . LYS B 1 33  ? 11.435  -6.577  -3.042  1.00 48.78  ? 96  LYS B CB  1 
ATOM   1023 C CG  . LYS B 1 33  ? 12.803  -6.725  -3.606  1.00 56.68  ? 96  LYS B CG  1 
ATOM   1024 C CD  . LYS B 1 33  ? 13.510  -5.371  -3.591  1.00 62.01  ? 96  LYS B CD  1 
ATOM   1025 C CE  . LYS B 1 33  ? 14.986  -5.519  -3.308  1.00 68.88  ? 96  LYS B CE  1 
ATOM   1026 N NZ  . LYS B 1 33  ? 15.714  -4.229  -3.462  1.00 72.20  ? 96  LYS B NZ  1 
ATOM   1027 N N   . GLN B 1 34  ? 8.629   -7.270  -1.854  1.00 45.41  ? 97  GLN B N   1 
ATOM   1028 C CA  . GLN B 1 34  ? 7.851   -7.222  -0.637  1.00 47.85  ? 97  GLN B CA  1 
ATOM   1029 C C   . GLN B 1 34  ? 6.902   -8.409  -0.509  1.00 47.12  ? 97  GLN B C   1 
ATOM   1030 O O   . GLN B 1 34  ? 6.379   -8.637  0.563   1.00 51.35  ? 97  GLN B O   1 
ATOM   1031 C CB  . GLN B 1 34  ? 7.079   -5.888  -0.568  1.00 55.10  ? 97  GLN B CB  1 
ATOM   1032 C CG  . GLN B 1 34  ? 7.989   -4.673  -0.477  1.00 49.87  ? 97  GLN B CG  1 
ATOM   1033 C CD  . GLN B 1 34  ? 7.200   -3.369  -0.342  1.00 53.04  ? 97  GLN B CD  1 
ATOM   1034 O OE1 . GLN B 1 34  ? 6.231   -3.314  0.415   1.00 48.91  ? 97  GLN B OE1 1 
ATOM   1035 N NE2 . GLN B 1 34  ? 7.665   -2.278  -1.019  1.00 51.95  ? 97  GLN B NE2 1 
ATOM   1036 N N   . SER B 1 35  ? 6.717   -9.205  -1.552  1.00 51.97  ? 98  SER B N   1 
ATOM   1037 C CA  . SER B 1 35  ? 5.870   -10.385 -1.424  1.00 59.63  ? 98  SER B CA  1 
ATOM   1038 C C   . SER B 1 35  ? 6.467   -11.569 -0.599  1.00 68.19  ? 98  SER B C   1 
ATOM   1039 O O   . SER B 1 35  ? 7.608   -11.993 -0.814  1.00 60.58  ? 98  SER B O   1 
ATOM   1040 C CB  . SER B 1 35  ? 5.450   -10.876 -2.801  1.00 64.16  ? 98  SER B CB  1 
ATOM   1041 O OG  . SER B 1 35  ? 4.785   -12.133 -2.683  1.00 71.03  ? 98  SER B OG  1 
ATOM   1042 N N   . GLU B 1 36  ? 5.629   -12.096 0.308   1.00 76.65  ? 99  GLU B N   1 
ATOM   1043 C CA  . GLU B 1 36  ? 5.891   -13.310 1.082   1.00 75.08  ? 99  GLU B CA  1 
ATOM   1044 C C   . GLU B 1 36  ? 5.620   -14.556 0.264   1.00 75.21  ? 99  GLU B C   1 
ATOM   1045 O O   . GLU B 1 36  ? 6.005   -15.630 0.672   1.00 79.47  ? 99  GLU B O   1 
ATOM   1046 C CB  . GLU B 1 36  ? 4.999   -13.414 2.343   1.00 75.09  ? 99  GLU B CB  1 
ATOM   1047 C CG  . GLU B 1 36  ? 4.782   -12.150 3.172   1.00 84.16  ? 99  GLU B CG  1 
ATOM   1048 C CD  . GLU B 1 36  ? 6.040   -11.332 3.377   1.00 95.80  ? 99  GLU B CD  1 
ATOM   1049 O OE1 . GLU B 1 36  ? 7.155   -11.902 3.340   1.00 101.94 ? 99  GLU B OE1 1 
ATOM   1050 O OE2 . GLU B 1 36  ? 5.912   -10.108 3.589   1.00 97.25  ? 99  GLU B OE2 1 
ATOM   1051 N N   . LYS B 1 37  ? 4.929   -14.450 -0.862  1.00 72.31  ? 100 LYS B N   1 
ATOM   1052 C CA  . LYS B 1 37  ? 4.633   -15.638 -1.657  1.00 72.64  ? 100 LYS B CA  1 
ATOM   1053 C C   . LYS B 1 37  ? 5.525   -15.625 -2.872  1.00 64.15  ? 100 LYS B C   1 
ATOM   1054 O O   . LYS B 1 37  ? 5.505   -14.682 -3.634  1.00 57.62  ? 100 LYS B O   1 
ATOM   1055 C CB  . LYS B 1 37  ? 3.156   -15.667 -2.043  1.00 76.33  ? 100 LYS B CB  1 
ATOM   1056 C CG  . LYS B 1 37  ? 2.230   -15.564 -0.837  1.00 80.70  ? 100 LYS B CG  1 
ATOM   1057 C CD  . LYS B 1 37  ? 0.823   -16.033 -1.159  1.00 83.69  ? 100 LYS B CD  1 
ATOM   1058 C CE  . LYS B 1 37  ? -0.108  -15.736 0.003   1.00 84.84  ? 100 LYS B CE  1 
ATOM   1059 N NZ  . LYS B 1 37  ? -1.509  -16.153 -0.283  1.00 86.51  ? 100 LYS B NZ  1 
ATOM   1060 N N   . PRO B 1 38  ? 6.335   -16.667 -3.058  1.00 68.16  ? 101 PRO B N   1 
ATOM   1061 C CA  . PRO B 1 38  ? 7.129   -16.677 -4.296  1.00 67.39  ? 101 PRO B CA  1 
ATOM   1062 C C   . PRO B 1 38  ? 6.285   -16.653 -5.586  1.00 63.01  ? 101 PRO B C   1 
ATOM   1063 O O   . PRO B 1 38  ? 6.759   -16.133 -6.601  1.00 66.77  ? 101 PRO B O   1 
ATOM   1064 C CB  . PRO B 1 38  ? 7.944   -17.968 -4.182  1.00 68.95  ? 101 PRO B CB  1 
ATOM   1065 C CG  . PRO B 1 38  ? 8.103   -18.156 -2.704  1.00 72.06  ? 101 PRO B CG  1 
ATOM   1066 C CD  . PRO B 1 38  ? 6.792   -17.689 -2.106  1.00 72.10  ? 101 PRO B CD  1 
ATOM   1067 N N   . LYS B 1 39  ? 5.052   -17.170 -5.545  1.00 63.46  ? 102 LYS B N   1 
ATOM   1068 C CA  . LYS B 1 39  ? 4.144   -17.083 -6.709  1.00 65.97  ? 102 LYS B CA  1 
ATOM   1069 C C   . LYS B 1 39  ? 3.720   -15.626 -7.015  1.00 63.46  ? 102 LYS B C   1 
ATOM   1070 O O   . LYS B 1 39  ? 3.740   -15.221 -8.170  1.00 68.22  ? 102 LYS B O   1 
ATOM   1071 C CB  . LYS B 1 39  ? 2.926   -18.034 -6.576  1.00 73.15  ? 102 LYS B CB  1 
ATOM   1072 C CG  . LYS B 1 39  ? 1.909   -17.680 -5.495  1.00 77.14  ? 102 LYS B CG  1 
ATOM   1073 C CD  . LYS B 1 39  ? 0.679   -18.571 -5.540  1.00 82.35  ? 102 LYS B CD  1 
ATOM   1074 C CE  . LYS B 1 39  ? -0.173  -18.358 -4.299  1.00 81.34  ? 102 LYS B CE  1 
ATOM   1075 N NZ  . LYS B 1 39  ? -1.467  -19.060 -4.458  1.00 87.09  ? 102 LYS B NZ  1 
ATOM   1076 N N   . LEU B 1 40  ? 3.387   -14.841 -5.985  1.00 62.02  ? 103 LEU B N   1 
ATOM   1077 C CA  . LEU B 1 40  ? 3.152   -13.395 -6.157  1.00 62.54  ? 103 LEU B CA  1 
ATOM   1078 C C   . LEU B 1 40  ? 4.350   -12.641 -6.716  1.00 56.23  ? 103 LEU B C   1 
ATOM   1079 O O   . LEU B 1 40  ? 4.183   -11.819 -7.621  1.00 52.62  ? 103 LEU B O   1 
ATOM   1080 C CB  . LEU B 1 40  ? 2.822   -12.713 -4.845  1.00 67.60  ? 103 LEU B CB  1 
ATOM   1081 C CG  . LEU B 1 40  ? 1.354   -12.423 -4.619  1.00 83.44  ? 103 LEU B CG  1 
ATOM   1082 C CD1 . LEU B 1 40  ? 0.700   -13.713 -4.114  1.00 80.50  ? 103 LEU B CD1 1 
ATOM   1083 C CD2 . LEU B 1 40  ? 1.193   -11.218 -3.668  1.00 83.52  ? 103 LEU B CD2 1 
ATOM   1084 N N   . SER B 1 41  ? 5.537   -12.915 -6.153  1.00 55.09  ? 104 SER B N   1 
ATOM   1085 C CA  . SER B 1 41  ? 6.813   -12.269 -6.569  1.00 48.82  ? 104 SER B CA  1 
ATOM   1086 C C   . SER B 1 41  ? 7.173   -12.582 -7.981  1.00 49.43  ? 104 SER B C   1 
ATOM   1087 O O   . SER B 1 41  ? 7.566   -11.686 -8.761  1.00 51.77  ? 104 SER B O   1 
ATOM   1088 C CB  . SER B 1 41  ? 7.958   -12.721 -5.668  1.00 52.14  ? 104 SER B CB  1 
ATOM   1089 O OG  . SER B 1 41  ? 7.627   -12.474 -4.319  1.00 53.01  ? 104 SER B OG  1 
ATOM   1090 N N   . ALA B 1 42  ? 7.038   -13.866 -8.323  1.00 52.69  ? 105 ALA B N   1 
ATOM   1091 C CA  . ALA B 1 42  ? 7.275   -14.354 -9.690  1.00 47.57  ? 105 ALA B CA  1 
ATOM   1092 C C   . ALA B 1 42  ? 6.351   -13.710 -10.732 1.00 44.20  ? 105 ALA B C   1 
ATOM   1093 O O   . ALA B 1 42  ? 6.810   -13.176 -11.773 1.00 52.02  ? 105 ALA B O   1 
ATOM   1094 C CB  . ALA B 1 42  ? 7.109   -15.867 -9.706  1.00 52.44  ? 105 ALA B CB  1 
ATOM   1095 N N   . LEU B 1 43  ? 5.052   -13.716 -10.452 1.00 51.24  ? 106 LEU B N   1 
ATOM   1096 C CA  . LEU B 1 43  ? 4.077   -12.985 -11.309 1.00 51.92  ? 106 LEU B CA  1 
ATOM   1097 C C   . LEU B 1 43  ? 4.544   -11.562 -11.572 1.00 47.72  ? 106 LEU B C   1 
ATOM   1098 O O   . LEU B 1 43  ? 4.652   -11.144 -12.727 1.00 51.51  ? 106 LEU B O   1 
ATOM   1099 C CB  . LEU B 1 43  ? 2.689   -12.927 -10.668 1.00 51.83  ? 106 LEU B CB  1 
ATOM   1100 C CG  . LEU B 1 43  ? 1.687   -12.027 -11.431 1.00 50.79  ? 106 LEU B CG  1 
ATOM   1101 C CD1 . LEU B 1 43  ? 1.437   -12.553 -12.828 1.00 51.81  ? 106 LEU B CD1 1 
ATOM   1102 C CD2 . LEU B 1 43  ? 0.404   -11.906 -10.629 1.00 56.34  ? 106 LEU B CD2 1 
ATOM   1103 N N   . MET B 1 44  ? 4.850   -10.844 -10.491 1.00 46.22  ? 107 MET B N   1 
ATOM   1104 C CA  . MET B 1 44  ? 5.279   -9.440  -10.588 1.00 46.88  ? 107 MET B CA  1 
ATOM   1105 C C   . MET B 1 44  ? 6.596   -9.246  -11.292 1.00 48.52  ? 107 MET B C   1 
ATOM   1106 O O   . MET B 1 44  ? 6.745   -8.308  -12.110 1.00 43.91  ? 107 MET B O   1 
ATOM   1107 C CB  . MET B 1 44  ? 5.312   -8.774  -9.208  1.00 49.00  ? 107 MET B CB  1 
ATOM   1108 C CG  . MET B 1 44  ? 3.964   -8.764  -8.480  1.00 57.55  ? 107 MET B CG  1 
ATOM   1109 S SD  . MET B 1 44  ? 2.805   -7.496  -9.039  1.00 62.93  ? 107 MET B SD  1 
ATOM   1110 C CE  . MET B 1 44  ? 2.333   -8.021  -10.655 1.00 52.83  ? 107 MET B CE  1 
ATOM   1111 N N   . ALA B 1 45  ? 7.557   -10.125 -11.008 1.00 50.75  ? 108 ALA B N   1 
ATOM   1112 C CA  . ALA B 1 45  ? 8.794   -10.167 -11.808 1.00 49.33  ? 108 ALA B CA  1 
ATOM   1113 C C   . ALA B 1 45  ? 8.530   -10.427 -13.313 1.00 45.20  ? 108 ALA B C   1 
ATOM   1114 O O   . ALA B 1 45  ? 9.186   -9.813  -14.211 1.00 42.12  ? 108 ALA B O   1 
ATOM   1115 C CB  . ALA B 1 45  ? 9.734   -11.236 -11.253 1.00 54.69  ? 108 ALA B CB  1 
ATOM   1116 N N   . ALA B 1 46  ? 7.598   -11.347 -13.595 1.00 50.91  ? 109 ALA B N   1 
ATOM   1117 C CA  . ALA B 1 46  ? 7.208   -11.648 -15.010 1.00 56.83  ? 109 ALA B CA  1 
ATOM   1118 C C   . ALA B 1 46  ? 6.541   -10.444 -15.746 1.00 57.16  ? 109 ALA B C   1 
ATOM   1119 O O   . ALA B 1 46  ? 6.877   -10.097 -16.897 1.00 50.20  ? 109 ALA B O   1 
ATOM   1120 C CB  . ALA B 1 46  ? 6.319   -12.864 -15.046 1.00 54.73  ? 109 ALA B CB  1 
ATOM   1121 N N   . VAL B 1 47  ? 5.655   -9.753  -15.023 1.00 52.58  ? 110 VAL B N   1 
ATOM   1122 C CA  . VAL B 1 47  ? 5.019   -8.566  -15.550 1.00 43.60  ? 110 VAL B CA  1 
ATOM   1123 C C   . VAL B 1 47  ? 6.121   -7.571  -15.805 1.00 43.54  ? 110 VAL B C   1 
ATOM   1124 O O   . VAL B 1 47  ? 6.196   -6.991  -16.890 1.00 51.31  ? 110 VAL B O   1 
ATOM   1125 C CB  . VAL B 1 47  ? 3.974   -8.023  -14.542 1.00 46.26  ? 110 VAL B CB  1 
ATOM   1126 C CG1 . VAL B 1 47  ? 3.541   -6.617  -14.874 1.00 47.49  ? 110 VAL B CG1 1 
ATOM   1127 C CG2 . VAL B 1 47  ? 2.793   -8.968  -14.425 1.00 44.38  ? 110 VAL B CG2 1 
ATOM   1128 N N   . ARG B 1 48  ? 7.008   -7.380  -14.826 1.00 42.58  ? 111 ARG B N   1 
ATOM   1129 C CA  . ARG B 1 48  ? 8.154   -6.435  -15.007 1.00 47.24  ? 111 ARG B CA  1 
ATOM   1130 C C   . ARG B 1 48  ? 9.055   -6.770  -16.220 1.00 47.06  ? 111 ARG B C   1 
ATOM   1131 O O   . ARG B 1 48  ? 9.537   -5.853  -16.933 1.00 45.07  ? 111 ARG B O   1 
ATOM   1132 C CB  . ARG B 1 48  ? 9.002   -6.361  -13.728 1.00 44.40  ? 111 ARG B CB  1 
ATOM   1133 C CG  . ARG B 1 48  ? 10.108  -5.328  -13.796 1.00 43.15  ? 111 ARG B CG  1 
ATOM   1134 C CD  . ARG B 1 48  ? 11.040  -5.407  -12.599 1.00 41.51  ? 111 ARG B CD  1 
ATOM   1135 N NE  . ARG B 1 48  ? 12.034  -4.347  -12.726 1.00 43.96  ? 111 ARG B NE  1 
ATOM   1136 C CZ  . ARG B 1 48  ? 13.127  -4.440  -13.500 1.00 41.32  ? 111 ARG B CZ  1 
ATOM   1137 N NH1 . ARG B 1 48  ? 13.950  -3.425  -13.580 1.00 37.23  ? 111 ARG B NH1 1 
ATOM   1138 N NH2 . ARG B 1 48  ? 13.368  -5.531  -14.232 1.00 39.56  ? 111 ARG B NH2 1 
ATOM   1139 N N   . ALA B 1 49  ? 9.266   -8.072  -16.438 1.00 51.36  ? 112 ALA B N   1 
ATOM   1140 C CA  . ALA B 1 49  ? 10.063  -8.571  -17.572 1.00 50.98  ? 112 ALA B CA  1 
ATOM   1141 C C   . ALA B 1 49  ? 9.519   -8.048  -18.902 1.00 58.41  ? 112 ALA B C   1 
ATOM   1142 O O   . ALA B 1 49  ? 10.251  -7.507  -19.740 1.00 57.83  ? 112 ALA B O   1 
ATOM   1143 C CB  . ALA B 1 49  ? 10.069  -10.091 -17.570 1.00 49.34  ? 112 ALA B CB  1 
ATOM   1144 N N   . LYS B 1 50  ? 8.208   -8.189  -19.067 1.00 58.28  ? 113 LYS B N   1 
ATOM   1145 C CA  . LYS B 1 50  ? 7.525   -7.732  -20.278 1.00 52.40  ? 113 LYS B CA  1 
ATOM   1146 C C   . LYS B 1 50  ? 7.613   -6.228  -20.402 1.00 48.18  ? 113 LYS B C   1 
ATOM   1147 O O   . LYS B 1 50  ? 7.817   -5.673  -21.481 1.00 45.50  ? 113 LYS B O   1 
ATOM   1148 C CB  . LYS B 1 50  ? 6.062   -8.207  -20.248 1.00 59.81  ? 113 LYS B CB  1 
ATOM   1149 C CG  . LYS B 1 50  ? 5.828   -9.739  -20.221 1.00 62.67  ? 113 LYS B CG  1 
ATOM   1150 C CD  . LYS B 1 50  ? 6.127   -10.428 -21.571 1.00 75.06  ? 113 LYS B CD  1 
ATOM   1151 C CE  . LYS B 1 50  ? 5.916   -11.949 -21.536 1.00 77.06  ? 113 LYS B CE  1 
ATOM   1152 N NZ  . LYS B 1 50  ? 7.131   -12.709 -21.133 1.00 81.88  ? 113 LYS B NZ  1 
ATOM   1153 N N   . VAL B 1 51  ? 7.509   -5.547  -19.266 1.00 52.52  ? 114 VAL B N   1 
ATOM   1154 C CA  . VAL B 1 51  ? 7.599   -4.097  -19.265 1.00 49.85  ? 114 VAL B CA  1 
ATOM   1155 C C   . VAL B 1 51  ? 9.019   -3.644  -19.579 1.00 54.95  ? 114 VAL B C   1 
ATOM   1156 O O   . VAL B 1 51  ? 9.200   -2.571  -20.193 1.00 61.43  ? 114 VAL B O   1 
ATOM   1157 C CB  . VAL B 1 51  ? 7.123   -3.471  -17.921 1.00 44.50  ? 114 VAL B CB  1 
ATOM   1158 C CG1 . VAL B 1 51  ? 7.337   -1.983  -17.925 1.00 44.97  ? 114 VAL B CG1 1 
ATOM   1159 C CG2 . VAL B 1 51  ? 5.640   -3.711  -17.698 1.00 52.31  ? 114 VAL B CG2 1 
ATOM   1160 N N   . VAL B 1 52  ? 10.035  -4.393  -19.137 1.00 61.02  ? 115 VAL B N   1 
ATOM   1161 C CA  . VAL B 1 52  ? 11.412  -3.986  -19.520 1.00 70.67  ? 115 VAL B CA  1 
ATOM   1162 C C   . VAL B 1 52  ? 11.676  -4.302  -20.984 1.00 69.49  ? 115 VAL B C   1 
ATOM   1163 O O   . VAL B 1 52  ? 12.323  -3.504  -21.635 1.00 63.33  ? 115 VAL B O   1 
ATOM   1164 C CB  . VAL B 1 52  ? 12.566  -4.465  -18.600 1.00 65.12  ? 115 VAL B CB  1 
ATOM   1165 C CG1 . VAL B 1 52  ? 12.415  -3.813  -17.237 1.00 68.30  ? 115 VAL B CG1 1 
ATOM   1166 C CG2 . VAL B 1 52  ? 12.657  -5.977  -18.510 1.00 69.96  ? 115 VAL B CG2 1 
ATOM   1167 N N   . GLU B 1 53  ? 11.110  -5.405  -21.497 1.00 75.56  ? 116 GLU B N   1 
ATOM   1168 C CA  . GLU B 1 53  ? 11.047  -5.670  -22.955 1.00 73.62  ? 116 GLU B CA  1 
ATOM   1169 C C   . GLU B 1 53  ? 10.205  -4.644  -23.771 1.00 74.28  ? 116 GLU B C   1 
ATOM   1170 O O   . GLU B 1 53  ? 9.892   -4.925  -24.917 1.00 74.40  ? 116 GLU B O   1 
ATOM   1171 C CB  . GLU B 1 53  ? 10.484  -7.076  -23.236 1.00 77.23  ? 116 GLU B CB  1 
ATOM   1172 C CG  . GLU B 1 53  ? 11.305  -8.284  -22.779 1.00 84.60  ? 116 GLU B CG  1 
ATOM   1173 C CD  . GLU B 1 53  ? 10.585  -9.617  -23.048 1.00 92.64  ? 116 GLU B CD  1 
ATOM   1174 O OE1 . GLU B 1 53  ? 9.327   -9.657  -23.127 1.00 93.15  ? 116 GLU B OE1 1 
ATOM   1175 O OE2 . GLU B 1 53  ? 11.275  -10.650 -23.193 1.00 106.56 ? 116 GLU B OE2 1 
ATOM   1176 N N   . GLY B 1 54  ? 9.805   -3.500  -23.203 1.00 76.91  ? 117 GLY B N   1 
ATOM   1177 C CA  . GLY B 1 54  ? 9.091   -2.441  -23.946 1.00 77.72  ? 117 GLY B CA  1 
ATOM   1178 C C   . GLY B 1 54  ? 7.551   -2.486  -24.035 1.00 77.91  ? 117 GLY B C   1 
ATOM   1179 O O   . GLY B 1 54  ? 6.938   -1.524  -24.504 1.00 85.36  ? 117 GLY B O   1 
ATOM   1180 N N   . HIS B 1 55  ? 6.912   -3.570  -23.596 1.00 74.47  ? 118 HIS B N   1 
ATOM   1181 C CA  . HIS B 1 55  ? 5.443   -3.634  -23.566 1.00 68.94  ? 118 HIS B CA  1 
ATOM   1182 C C   . HIS B 1 55  ? 4.802   -2.643  -22.563 1.00 65.03  ? 118 HIS B C   1 
ATOM   1183 O O   . HIS B 1 55  ? 5.478   -2.088  -21.669 1.00 62.07  ? 118 HIS B O   1 
ATOM   1184 C CB  . HIS B 1 55  ? 4.981   -5.047  -23.241 1.00 75.25  ? 118 HIS B CB  1 
ATOM   1185 C CG  . HIS B 1 55  ? 5.511   -6.090  -24.180 1.00 88.16  ? 118 HIS B CG  1 
ATOM   1186 N ND1 . HIS B 1 55  ? 5.465   -7.440  -23.897 1.00 100.07 ? 118 HIS B ND1 1 
ATOM   1187 C CD2 . HIS B 1 55  ? 6.119   -5.979  -25.386 1.00 91.70  ? 118 HIS B CD2 1 
ATOM   1188 C CE1 . HIS B 1 55  ? 6.008   -8.118  -24.891 1.00 97.20  ? 118 HIS B CE1 1 
ATOM   1189 N NE2 . HIS B 1 55  ? 6.418   -7.253  -25.806 1.00 102.82 ? 118 HIS B NE2 1 
ATOM   1190 N N   . SER B 1 56  ? 3.496   -2.413  -22.733 1.00 53.94  ? 119 SER B N   1 
ATOM   1191 C CA  . SER B 1 56  ? 2.711   -1.612  -21.797 1.00 48.50  ? 119 SER B CA  1 
ATOM   1192 C C   . SER B 1 56  ? 2.447   -2.463  -20.602 1.00 41.47  ? 119 SER B C   1 
ATOM   1193 O O   . SER B 1 56  ? 2.423   -3.706  -20.694 1.00 49.76  ? 119 SER B O   1 
ATOM   1194 C CB  . SER B 1 56  ? 1.356   -1.244  -22.420 1.00 51.25  ? 119 SER B CB  1 
ATOM   1195 O OG  . SER B 1 56  ? 0.533   -2.424  -22.570 1.00 54.83  ? 119 SER B OG  1 
ATOM   1196 N N   . LEU B 1 57  ? 2.163   -1.829  -19.475 1.00 47.62  ? 120 LEU B N   1 
ATOM   1197 C CA  . LEU B 1 57  ? 1.735   -2.581  -18.273 1.00 47.11  ? 120 LEU B CA  1 
ATOM   1198 C C   . LEU B 1 57  ? 0.529   -3.441  -18.553 1.00 44.46  ? 120 LEU B C   1 
ATOM   1199 O O   . LEU B 1 57  ? 0.451   -4.613  -18.131 1.00 48.61  ? 120 LEU B O   1 
ATOM   1200 C CB  . LEU B 1 57  ? 1.416   -1.628  -17.131 1.00 49.78  ? 120 LEU B CB  1 
ATOM   1201 C CG  . LEU B 1 57  ? 1.089   -2.349  -15.827 1.00 49.94  ? 120 LEU B CG  1 
ATOM   1202 C CD1 . LEU B 1 57  ? 2.260   -3.240  -15.419 1.00 50.86  ? 120 LEU B CD1 1 
ATOM   1203 C CD2 . LEU B 1 57  ? 0.763   -1.324  -14.747 1.00 45.34  ? 120 LEU B CD2 1 
ATOM   1204 N N   . ALA B 1 58  ? -0.412  -2.838  -19.273 1.00 47.49  ? 121 ALA B N   1 
ATOM   1205 C CA  . ALA B 1 58  ? -1.640  -3.501  -19.713 1.00 48.70  ? 121 ALA B CA  1 
ATOM   1206 C C   . ALA B 1 58  ? -1.346  -4.734  -20.559 1.00 45.30  ? 121 ALA B C   1 
ATOM   1207 O O   . ALA B 1 58  ? -1.871  -5.789  -20.294 1.00 46.46  ? 121 ALA B O   1 
ATOM   1208 C CB  . ALA B 1 58  ? -2.496  -2.526  -20.497 1.00 46.54  ? 121 ALA B CB  1 
ATOM   1209 N N   . GLU B 1 59  ? -0.473  -4.628  -21.552 1.00 55.53  ? 122 GLU B N   1 
ATOM   1210 C CA  . GLU B 1 59  ? -0.122  -5.848  -22.300 1.00 61.70  ? 122 GLU B CA  1 
ATOM   1211 C C   . GLU B 1 59  ? 0.623   -6.849  -21.417 1.00 60.26  ? 122 GLU B C   1 
ATOM   1212 O O   . GLU B 1 59  ? 0.322   -8.056  -21.436 1.00 60.05  ? 122 GLU B O   1 
ATOM   1213 C CB  . GLU B 1 59  ? 0.675   -5.556  -23.564 1.00 68.56  ? 122 GLU B CB  1 
ATOM   1214 C CG  . GLU B 1 59  ? 0.980   -6.860  -24.309 1.00 77.67  ? 122 GLU B CG  1 
ATOM   1215 C CD  . GLU B 1 59  ? 1.441   -6.696  -25.746 1.00 85.40  ? 122 GLU B CD  1 
ATOM   1216 O OE1 . GLU B 1 59  ? 1.315   -5.583  -26.304 1.00 85.50  ? 122 GLU B OE1 1 
ATOM   1217 O OE2 . GLU B 1 59  ? 1.924   -7.713  -26.313 1.00 83.28  ? 122 GLU B OE2 1 
ATOM   1218 N N   . ALA B 1 60  ? 1.579   -6.348  -20.627 1.00 56.90  ? 123 ALA B N   1 
ATOM   1219 C CA  . ALA B 1 60  ? 2.327   -7.216  -19.729 1.00 49.21  ? 123 ALA B CA  1 
ATOM   1220 C C   . ALA B 1 60  ? 1.393   -8.033  -18.858 1.00 45.54  ? 123 ALA B C   1 
ATOM   1221 O O   . ALA B 1 60  ? 1.527   -9.265  -18.765 1.00 56.25  ? 123 ALA B O   1 
ATOM   1222 C CB  . ALA B 1 60  ? 3.276   -6.376  -18.869 1.00 52.30  ? 123 ALA B CB  1 
ATOM   1223 N N   . MET B 1 61  ? 0.454   -7.354  -18.187 1.00 48.78  ? 124 MET B N   1 
ATOM   1224 C CA  . MET B 1 61  ? -0.527  -8.034  -17.293 1.00 50.50  ? 124 MET B CA  1 
ATOM   1225 C C   . MET B 1 61  ? -1.376  -8.949  -18.123 1.00 47.17  ? 124 MET B C   1 
ATOM   1226 O O   . MET B 1 61  ? -1.719  -10.025 -17.688 1.00 48.06  ? 124 MET B O   1 
ATOM   1227 C CB  . MET B 1 61  ? -1.465  -7.060  -16.574 1.00 48.09  ? 124 MET B CB  1 
ATOM   1228 C CG  . MET B 1 61  ? -0.847  -6.388  -15.367 1.00 55.29  ? 124 MET B CG  1 
ATOM   1229 S SD  . MET B 1 61  ? -1.611  -4.819  -14.865 1.00 49.80  ? 124 MET B SD  1 
ATOM   1230 C CE  . MET B 1 61  ? -1.000  -4.743  -13.187 1.00 53.76  ? 124 MET B CE  1 
ATOM   1231 N N   . GLY B 1 62  ? -1.719  -8.487  -19.310 1.00 51.77  ? 125 GLY B N   1 
ATOM   1232 C CA  . GLY B 1 62  ? -2.515  -9.272  -20.235 1.00 62.84  ? 125 GLY B CA  1 
ATOM   1233 C C   . GLY B 1 62  ? -2.038  -10.690 -20.507 1.00 61.31  ? 125 GLY B C   1 
ATOM   1234 O O   . GLY B 1 62  ? -2.850  -11.532 -20.858 1.00 61.28  ? 125 GLY B O   1 
ATOM   1235 N N   . ASN B 1 63  ? -0.739  -10.963 -20.342 1.00 60.88  ? 126 ASN B N   1 
ATOM   1236 C CA  . ASN B 1 63  ? -0.211  -12.337 -20.512 1.00 57.46  ? 126 ASN B CA  1 
ATOM   1237 C C   . ASN B 1 63  ? -0.582  -13.236 -19.386 1.00 56.81  ? 126 ASN B C   1 
ATOM   1238 O O   . ASN B 1 63  ? -0.309  -14.420 -19.474 1.00 62.04  ? 126 ASN B O   1 
ATOM   1239 C CB  . ASN B 1 63  ? 1.324   -12.378 -20.654 1.00 61.58  ? 126 ASN B CB  1 
ATOM   1240 C CG  . ASN B 1 63  ? 1.813   -11.638 -21.874 1.00 64.59  ? 126 ASN B CG  1 
ATOM   1241 O OD1 . ASN B 1 63  ? 1.979   -10.433 -21.850 1.00 69.90  ? 126 ASN B OD1 1 
ATOM   1242 N ND2 . ASN B 1 63  ? 2.035   -12.361 -22.948 1.00 71.24  ? 126 ASN B ND2 1 
ATOM   1243 N N   . PHE B 1 64  ? -1.186  -12.715 -18.313 1.00 54.27  ? 127 PHE B N   1 
ATOM   1244 C CA  . PHE B 1 64  ? -1.536  -13.552 -17.182 1.00 52.08  ? 127 PHE B CA  1 
ATOM   1245 C C   . PHE B 1 64  ? -3.019  -13.411 -16.878 1.00 60.69  ? 127 PHE B C   1 
ATOM   1246 O O   . PHE B 1 64  ? -3.392  -12.960 -15.783 1.00 56.36  ? 127 PHE B O   1 
ATOM   1247 C CB  . PHE B 1 64  ? -0.614  -13.230 -15.983 1.00 56.80  ? 127 PHE B CB  1 
ATOM   1248 C CG  . PHE B 1 64  ? 0.841   -13.182 -16.365 1.00 54.33  ? 127 PHE B CG  1 
ATOM   1249 C CD1 . PHE B 1 64  ? 1.589   -14.360 -16.449 1.00 58.52  ? 127 PHE B CD1 1 
ATOM   1250 C CD2 . PHE B 1 64  ? 1.428   -11.985 -16.747 1.00 56.76  ? 127 PHE B CD2 1 
ATOM   1251 C CE1 . PHE B 1 64  ? 2.910   -14.335 -16.852 1.00 55.67  ? 127 PHE B CE1 1 
ATOM   1252 C CE2 . PHE B 1 64  ? 2.759   -11.946 -17.144 1.00 59.99  ? 127 PHE B CE2 1 
ATOM   1253 C CZ  . PHE B 1 64  ? 3.496   -13.124 -17.205 1.00 59.50  ? 127 PHE B CZ  1 
ATOM   1254 N N   . PRO B 1 65  ? -3.890  -13.838 -17.842 1.00 65.12  ? 128 PRO B N   1 
ATOM   1255 C CA  . PRO B 1 65  ? -5.340  -13.669 -17.676 1.00 59.89  ? 128 PRO B CA  1 
ATOM   1256 C C   . PRO B 1 65  ? -5.895  -14.468 -16.531 1.00 54.73  ? 128 PRO B C   1 
ATOM   1257 O O   . PRO B 1 65  ? -6.973  -14.152 -16.055 1.00 64.68  ? 128 PRO B O   1 
ATOM   1258 C CB  . PRO B 1 65  ? -5.922  -14.133 -19.023 1.00 62.00  ? 128 PRO B CB  1 
ATOM   1259 C CG  . PRO B 1 65  ? -4.891  -15.029 -19.602 1.00 63.78  ? 128 PRO B CG  1 
ATOM   1260 C CD  . PRO B 1 65  ? -3.575  -14.480 -19.136 1.00 65.87  ? 128 PRO B CD  1 
ATOM   1261 N N   . GLY B 1 66  ? -5.153  -15.452 -16.047 1.00 59.10  ? 129 GLY B N   1 
ATOM   1262 C CA  . GLY B 1 66  ? -5.472  -16.097 -14.774 1.00 57.35  ? 129 GLY B CA  1 
ATOM   1263 C C   . GLY B 1 66  ? -5.345  -15.214 -13.533 1.00 58.26  ? 129 GLY B C   1 
ATOM   1264 O O   . GLY B 1 66  ? -5.817  -15.607 -12.451 1.00 59.76  ? 129 GLY B O   1 
ATOM   1265 N N   . SER B 1 67  ? -4.708  -14.044 -13.657 1.00 51.75  ? 130 SER B N   1 
ATOM   1266 C CA  . SER B 1 67  ? -4.551  -13.107 -12.514 1.00 53.45  ? 130 SER B CA  1 
ATOM   1267 C C   . SER B 1 67  ? -5.146  -11.725 -12.724 1.00 47.97  ? 130 SER B C   1 
ATOM   1268 O O   . SER B 1 67  ? -5.728  -11.166 -11.811 1.00 54.95  ? 130 SER B O   1 
ATOM   1269 C CB  . SER B 1 67  ? -3.064  -12.956 -12.219 1.00 52.90  ? 130 SER B CB  1 
ATOM   1270 O OG  . SER B 1 67  ? -2.567  -14.156 -11.705 1.00 53.15  ? 130 SER B OG  1 
ATOM   1271 N N   . PHE B 1 68  ? -4.932  -11.186 -13.917 1.00 44.81  ? 131 PHE B N   1 
ATOM   1272 C CA  . PHE B 1 68  ? -5.417  -9.902  -14.327 1.00 50.57  ? 131 PHE B CA  1 
ATOM   1273 C C   . PHE B 1 68  ? -6.576  -10.035 -15.317 1.00 48.47  ? 131 PHE B C   1 
ATOM   1274 O O   . PHE B 1 68  ? -6.361  -10.265 -16.491 1.00 52.95  ? 131 PHE B O   1 
ATOM   1275 C CB  . PHE B 1 68  ? -4.265  -9.090  -14.940 1.00 44.74  ? 131 PHE B CB  1 
ATOM   1276 C CG  . PHE B 1 68  ? -3.107  -8.954  -14.020 1.00 46.17  ? 131 PHE B CG  1 
ATOM   1277 C CD1 . PHE B 1 68  ? -3.191  -8.145  -12.923 1.00 42.96  ? 131 PHE B CD1 1 
ATOM   1278 C CD2 . PHE B 1 68  ? -1.945  -9.681  -14.242 1.00 51.34  ? 131 PHE B CD2 1 
ATOM   1279 C CE1 . PHE B 1 68  ? -2.137  -8.033  -12.042 1.00 54.40  ? 131 PHE B CE1 1 
ATOM   1280 C CE2 . PHE B 1 68  ? -0.874  -9.559  -13.392 1.00 53.47  ? 131 PHE B CE2 1 
ATOM   1281 C CZ  . PHE B 1 68  ? -0.957  -8.736  -12.290 1.00 51.13  ? 131 PHE B CZ  1 
ATOM   1282 N N   . GLU B 1 69  ? -7.798  -9.918  -14.811 1.00 53.95  ? 132 GLU B N   1 
ATOM   1283 C CA  . GLU B 1 69  ? -8.997  -10.021 -15.642 1.00 53.25  ? 132 GLU B CA  1 
ATOM   1284 C C   . GLU B 1 69  ? -9.017  -8.943  -16.719 1.00 51.18  ? 132 GLU B C   1 
ATOM   1285 O O   . GLU B 1 69  ? -8.241  -7.960  -16.683 1.00 48.72  ? 132 GLU B O   1 
ATOM   1286 C CB  . GLU B 1 69  ? -10.274 -10.016 -14.801 1.00 58.27  ? 132 GLU B CB  1 
ATOM   1287 C CG  . GLU B 1 69  ? -10.514 -8.764  -13.967 1.00 57.66  ? 132 GLU B CG  1 
ATOM   1288 C CD  . GLU B 1 69  ? -11.897 -8.685  -13.345 1.00 60.40  ? 132 GLU B CD  1 
ATOM   1289 O OE1 . GLU B 1 69  ? -12.879 -8.808  -14.102 1.00 60.55  ? 132 GLU B OE1 1 
ATOM   1290 O OE2 . GLU B 1 69  ? -12.007 -8.468  -12.115 1.00 69.20  ? 132 GLU B OE2 1 
ATOM   1291 N N   . ARG B 1 70  ? -9.862  -9.154  -17.724 1.00 48.72  ? 133 ARG B N   1 
ATOM   1292 C CA  . ARG B 1 70  ? -9.884  -8.284  -18.890 1.00 49.35  ? 133 ARG B CA  1 
ATOM   1293 C C   . ARG B 1 70  ? -10.220 -6.840  -18.515 1.00 38.86  ? 133 ARG B C   1 
ATOM   1294 O O   . ARG B 1 70  ? -9.736  -5.860  -19.112 1.00 47.13  ? 133 ARG B O   1 
ATOM   1295 C CB  . ARG B 1 70  ? -10.887 -8.818  -19.931 1.00 59.41  ? 133 ARG B CB  1 
ATOM   1296 C CG  . ARG B 1 70  ? -10.708 -8.198  -21.320 1.00 71.37  ? 133 ARG B CG  1 
ATOM   1297 C CD  . ARG B 1 70  ? -12.022 -8.106  -22.113 1.00 80.67  ? 133 ARG B CD  1 
ATOM   1298 N NE  . ARG B 1 70  ? -11.899 -7.172  -23.241 1.00 78.17  ? 133 ARG B NE  1 
ATOM   1299 C CZ  . ARG B 1 70  ? -12.054 -5.845  -23.184 1.00 74.18  ? 133 ARG B CZ  1 
ATOM   1300 N NH1 . ARG B 1 70  ? -12.383 -5.209  -22.054 1.00 83.37  ? 133 ARG B NH1 1 
ATOM   1301 N NH2 . ARG B 1 70  ? -11.900 -5.131  -24.288 1.00 69.08  ? 133 ARG B NH2 1 
ATOM   1302 N N   . LEU B 1 71  ? -11.095 -6.687  -17.555 1.00 41.55  ? 134 LEU B N   1 
ATOM   1303 C CA  . LEU B 1 71  ? -11.490 -5.346  -17.128 1.00 48.05  ? 134 LEU B CA  1 
ATOM   1304 C C   . LEU B 1 71  ? -10.327 -4.595  -16.451 1.00 42.52  ? 134 LEU B C   1 
ATOM   1305 O O   . LEU B 1 71  ? -10.206 -3.382  -16.555 1.00 42.07  ? 134 LEU B O   1 
ATOM   1306 C CB  . LEU B 1 71  ? -12.662 -5.459  -16.145 1.00 52.63  ? 134 LEU B CB  1 
ATOM   1307 C CG  . LEU B 1 71  ? -13.263 -4.141  -15.649 1.00 62.09  ? 134 LEU B CG  1 
ATOM   1308 C CD1 . LEU B 1 71  ? -13.546 -3.166  -16.810 1.00 67.69  ? 134 LEU B CD1 1 
ATOM   1309 C CD2 . LEU B 1 71  ? -14.513 -4.445  -14.837 1.00 63.03  ? 134 LEU B CD2 1 
ATOM   1310 N N   . TYR B 1 72  ? -9.528  -5.335  -15.698 1.00 47.49  ? 135 TYR B N   1 
ATOM   1311 C CA  . TYR B 1 72  ? -8.393  -4.777  -14.954 1.00 40.73  ? 135 TYR B CA  1 
ATOM   1312 C C   . TYR B 1 72  ? -7.399  -4.209  -15.987 1.00 37.38  ? 135 TYR B C   1 
ATOM   1313 O O   . TYR B 1 72  ? -7.005  -3.003  -15.929 1.00 36.51  ? 135 TYR B O   1 
ATOM   1314 C CB  . TYR B 1 72  ? -7.848  -5.898  -14.056 1.00 42.30  ? 135 TYR B CB  1 
ATOM   1315 C CG  . TYR B 1 72  ? -6.762  -5.504  -13.017 1.00 46.50  ? 135 TYR B CG  1 
ATOM   1316 C CD1 . TYR B 1 72  ? -5.470  -5.147  -13.425 1.00 45.86  ? 135 TYR B CD1 1 
ATOM   1317 C CD2 . TYR B 1 72  ? -7.024  -5.550  -11.644 1.00 38.42  ? 135 TYR B CD2 1 
ATOM   1318 C CE1 . TYR B 1 72  ? -4.474  -4.811  -12.488 1.00 48.17  ? 135 TYR B CE1 1 
ATOM   1319 C CE2 . TYR B 1 72  ? -6.041  -5.239  -10.719 1.00 42.92  ? 135 TYR B CE2 1 
ATOM   1320 C CZ  . TYR B 1 72  ? -4.766  -4.851  -11.148 1.00 45.96  ? 135 TYR B CZ  1 
ATOM   1321 O OH  . TYR B 1 72  ? -3.779  -4.563  -10.241 1.00 45.38  ? 135 TYR B OH  1 
ATOM   1322 N N   . CYS B 1 73  ? -7.089  -5.032  -16.990 1.00 38.57  ? 136 CYS B N   1 
ATOM   1323 C CA  . CYS B 1 73  ? -6.163  -4.661  -18.051 1.00 41.30  ? 136 CYS B CA  1 
ATOM   1324 C C   . CYS B 1 73  ? -6.629  -3.465  -18.836 1.00 47.10  ? 136 CYS B C   1 
ATOM   1325 O O   . CYS B 1 73  ? -5.852  -2.490  -19.022 1.00 43.42  ? 136 CYS B O   1 
ATOM   1326 C CB  . CYS B 1 73  ? -5.889  -5.850  -18.988 1.00 47.49  ? 136 CYS B CB  1 
ATOM   1327 S SG  . CYS B 1 73  ? -5.096  -7.249  -18.164 1.00 55.56  ? 136 CYS B SG  1 
ATOM   1328 N N   . ALA B 1 74  ? -7.917  -3.499  -19.234 1.00 48.55  ? 137 ALA B N   1 
ATOM   1329 C CA  . ALA B 1 74  ? -8.505  -2.384  -19.993 1.00 41.26  ? 137 ALA B CA  1 
ATOM   1330 C C   . ALA B 1 74  ? -8.454  -1.114  -19.194 1.00 38.72  ? 137 ALA B C   1 
ATOM   1331 O O   . ALA B 1 74  ? -8.090  -0.046  -19.734 1.00 42.18  ? 137 ALA B O   1 
ATOM   1332 C CB  . ALA B 1 74  ? -9.948  -2.708  -20.421 1.00 48.84  ? 137 ALA B CB  1 
ATOM   1333 N N   . MET B 1 75  ? -8.712  -1.184  -17.889 1.00 37.82  ? 138 MET B N   1 
ATOM   1334 C CA  . MET B 1 75  ? -8.539  0.030   -17.059 1.00 39.25  ? 138 MET B CA  1 
ATOM   1335 C C   . MET B 1 75  ? -7.061  0.524   -17.099 1.00 37.87  ? 138 MET B C   1 
ATOM   1336 O O   . MET B 1 75  ? -6.790  1.676   -17.350 1.00 40.77  ? 138 MET B O   1 
ATOM   1337 C CB  . MET B 1 75  ? -8.999  -0.226  -15.618 1.00 48.81  ? 138 MET B CB  1 
ATOM   1338 C CG  . MET B 1 75  ? -10.532 -0.364  -15.426 1.00 48.21  ? 138 MET B CG  1 
ATOM   1339 S SD  . MET B 1 75  ? -11.381 1.229   -15.573 1.00 51.50  ? 138 MET B SD  1 
ATOM   1340 C CE  . MET B 1 75  ? -10.916 1.930   -13.998 1.00 53.78  ? 138 MET B CE  1 
ATOM   1341 N N   . VAL B 1 76  ? -6.122  -0.371  -16.874 1.00 42.66  ? 139 VAL B N   1 
ATOM   1342 C CA  . VAL B 1 76  ? -4.673  -0.018  -16.927 1.00 45.56  ? 139 VAL B CA  1 
ATOM   1343 C C   . VAL B 1 76  ? -4.271  0.589   -18.294 1.00 40.38  ? 139 VAL B C   1 
ATOM   1344 O O   . VAL B 1 76  ? -3.693  1.695   -18.360 1.00 37.42  ? 139 VAL B O   1 
ATOM   1345 C CB  . VAL B 1 76  ? -3.820  -1.279  -16.574 1.00 46.00  ? 139 VAL B CB  1 
ATOM   1346 C CG1 . VAL B 1 76  ? -2.332  -1.057  -16.880 1.00 44.66  ? 139 VAL B CG1 1 
ATOM   1347 C CG2 . VAL B 1 76  ? -4.038  -1.652  -15.086 1.00 43.07  ? 139 VAL B CG2 1 
ATOM   1348 N N   . ALA B 1 77  ? -4.637  -0.124  -19.366 1.00 44.57  ? 140 ALA B N   1 
ATOM   1349 C CA  . ALA B 1 77  ? -4.454  0.352   -20.763 1.00 44.98  ? 140 ALA B CA  1 
ATOM   1350 C C   . ALA B 1 77  ? -4.952  1.773   -20.886 1.00 49.63  ? 140 ALA B C   1 
ATOM   1351 O O   . ALA B 1 77  ? -4.226  2.662   -21.318 1.00 52.47  ? 140 ALA B O   1 
ATOM   1352 C CB  . ALA B 1 77  ? -5.181  -0.564  -21.760 1.00 43.20  ? 140 ALA B CB  1 
ATOM   1353 N N   . ALA B 1 78  ? -6.178  2.011   -20.413 1.00 54.67  ? 141 ALA B N   1 
ATOM   1354 C CA  . ALA B 1 78  ? -6.788  3.325   -20.539 1.00 52.79  ? 141 ALA B CA  1 
ATOM   1355 C C   . ALA B 1 78  ? -6.068  4.401   -19.740 1.00 53.91  ? 141 ALA B C   1 
ATOM   1356 O O   . ALA B 1 78  ? -5.902  5.528   -20.198 1.00 54.63  ? 141 ALA B O   1 
ATOM   1357 C CB  . ALA B 1 78  ? -8.247  3.236   -20.115 1.00 54.89  ? 141 ALA B CB  1 
ATOM   1358 N N   . GLY B 1 79  ? -5.640  4.064   -18.524 1.00 53.50  ? 142 GLY B N   1 
ATOM   1359 C CA  . GLY B 1 79  ? -4.869  5.011   -17.717 1.00 43.32  ? 142 GLY B CA  1 
ATOM   1360 C C   . GLY B 1 79  ? -3.507  5.308   -18.306 1.00 44.21  ? 142 GLY B C   1 
ATOM   1361 O O   . GLY B 1 79  ? -2.982  6.436   -18.167 1.00 47.57  ? 142 GLY B O   1 
ATOM   1362 N N   . GLU B 1 80  ? -2.904  4.284   -18.908 1.00 47.09  ? 143 GLU B N   1 
ATOM   1363 C CA  . GLU B 1 80  ? -1.641  4.469   -19.648 1.00 55.64  ? 143 GLU B CA  1 
ATOM   1364 C C   . GLU B 1 80  ? -1.861  5.412   -20.812 1.00 61.48  ? 143 GLU B C   1 
ATOM   1365 O O   . GLU B 1 80  ? -1.104  6.356   -20.971 1.00 63.50  ? 143 GLU B O   1 
ATOM   1366 C CB  . GLU B 1 80  ? -1.040  3.146   -20.157 1.00 49.68  ? 143 GLU B CB  1 
ATOM   1367 C CG  . GLU B 1 80  ? -0.421  2.293   -19.067 1.00 52.76  ? 143 GLU B CG  1 
ATOM   1368 C CD  . GLU B 1 80  ? 0.187   1.009   -19.615 1.00 55.34  ? 143 GLU B CD  1 
ATOM   1369 O OE1 . GLU B 1 80  ? -0.554  0.094   -20.049 1.00 52.87  ? 143 GLU B OE1 1 
ATOM   1370 O OE2 . GLU B 1 80  ? 1.440   0.909   -19.637 1.00 64.03  ? 143 GLU B OE2 1 
ATOM   1371 N N   . ALA B 1 81  ? -2.897  5.164   -21.606 1.00 63.89  ? 144 ALA B N   1 
ATOM   1372 C CA  . ALA B 1 81  ? -3.263  6.098   -22.691 1.00 66.23  ? 144 ALA B CA  1 
ATOM   1373 C C   . ALA B 1 81  ? -3.439  7.536   -22.212 1.00 60.85  ? 144 ALA B C   1 
ATOM   1374 O O   . ALA B 1 81  ? -2.963  8.448   -22.844 1.00 76.69  ? 144 ALA B O   1 
ATOM   1375 C CB  . ALA B 1 81  ? -4.513  5.638   -23.410 1.00 65.12  ? 144 ALA B CB  1 
ATOM   1376 N N   . SER B 1 82  ? -4.062  7.752   -21.079 1.00 62.32  ? 145 SER B N   1 
ATOM   1377 C CA  . SER B 1 82  ? -4.426  9.105   -20.663 1.00 58.42  ? 145 SER B CA  1 
ATOM   1378 C C   . SER B 1 82  ? -3.369  9.806   -19.820 1.00 63.73  ? 145 SER B C   1 
ATOM   1379 O O   . SER B 1 82  ? -3.571  10.952  -19.382 1.00 61.12  ? 145 SER B O   1 
ATOM   1380 C CB  . SER B 1 82  ? -5.749  9.062   -19.875 1.00 65.65  ? 145 SER B CB  1 
ATOM   1381 O OG  . SER B 1 82  ? -5.555  9.199   -18.469 1.00 59.73  ? 145 SER B OG  1 
ATOM   1382 N N   . GLY B 1 83  ? -2.263  9.116   -19.535 1.00 63.01  ? 146 GLY B N   1 
ATOM   1383 C CA  . GLY B 1 83  ? -1.290  9.627   -18.578 1.00 54.43  ? 146 GLY B CA  1 
ATOM   1384 C C   . GLY B 1 83  ? -1.788  9.646   -17.149 1.00 51.32  ? 146 GLY B C   1 
ATOM   1385 O O   . GLY B 1 83  ? -1.308  10.449  -16.324 1.00 51.96  ? 146 GLY B O   1 
ATOM   1386 N N   . HIS B 1 84  ? -2.726  8.760   -16.824 1.00 51.58  ? 147 HIS B N   1 
ATOM   1387 C CA  . HIS B 1 84  ? -3.232  8.695   -15.440 1.00 58.17  ? 147 HIS B CA  1 
ATOM   1388 C C   . HIS B 1 84  ? -3.244  7.279   -14.853 1.00 53.50  ? 147 HIS B C   1 
ATOM   1389 O O   . HIS B 1 84  ? -4.174  6.927   -14.130 1.00 50.72  ? 147 HIS B O   1 
ATOM   1390 C CB  . HIS B 1 84  ? -4.643  9.303   -15.351 1.00 66.51  ? 147 HIS B CB  1 
ATOM   1391 C CG  . HIS B 1 84  ? -4.684  10.765  -15.630 1.00 70.75  ? 147 HIS B CG  1 
ATOM   1392 N ND1 . HIS B 1 84  ? -5.247  11.288  -16.773 1.00 72.92  ? 147 HIS B ND1 1 
ATOM   1393 C CD2 . HIS B 1 84  ? -4.222  11.818  -14.918 1.00 72.80  ? 147 HIS B CD2 1 
ATOM   1394 C CE1 . HIS B 1 84  ? -5.136  12.604  -16.749 1.00 70.61  ? 147 HIS B CE1 1 
ATOM   1395 N NE2 . HIS B 1 84  ? -4.514  12.950  -15.638 1.00 72.11  ? 147 HIS B NE2 1 
ATOM   1396 N N   . LEU B 1 85  ? -2.211  6.484   -15.139 1.00 50.24  ? 148 LEU B N   1 
ATOM   1397 C CA  . LEU B 1 85  ? -2.056  5.175   -14.504 1.00 47.68  ? 148 LEU B CA  1 
ATOM   1398 C C   . LEU B 1 85  ? -2.181  5.299   -13.001 1.00 42.25  ? 148 LEU B C   1 
ATOM   1399 O O   . LEU B 1 85  ? -2.873  4.523   -12.423 1.00 38.10  ? 148 LEU B O   1 
ATOM   1400 C CB  . LEU B 1 85  ? -0.742  4.505   -14.853 1.00 49.31  ? 148 LEU B CB  1 
ATOM   1401 C CG  . LEU B 1 85  ? -0.626  3.039   -14.460 1.00 45.59  ? 148 LEU B CG  1 
ATOM   1402 C CD1 . LEU B 1 85  ? -1.540  2.107   -15.243 1.00 46.62  ? 148 LEU B CD1 1 
ATOM   1403 C CD2 . LEU B 1 85  ? 0.809   2.611   -14.694 1.00 50.65  ? 148 LEU B CD2 1 
ATOM   1404 N N   . ASP B 1 86  ? -1.604  6.321   -12.382 1.00 42.68  ? 149 ASP B N   1 
ATOM   1405 C CA  . ASP B 1 86  ? -1.731  6.440   -10.944 1.00 45.45  ? 149 ASP B CA  1 
ATOM   1406 C C   . ASP B 1 86  ? -3.196  6.459   -10.467 1.00 48.73  ? 149 ASP B C   1 
ATOM   1407 O O   . ASP B 1 86  ? -3.565  5.692   -9.541  1.00 35.53  ? 149 ASP B O   1 
ATOM   1408 C CB  . ASP B 1 86  ? -0.883  7.580   -10.356 1.00 52.51  ? 149 ASP B CB  1 
ATOM   1409 C CG  . ASP B 1 86  ? -1.316  8.980   -10.795 1.00 64.19  ? 149 ASP B CG  1 
ATOM   1410 O OD1 . ASP B 1 86  ? -1.986  9.157   -11.853 1.00 61.79  ? 149 ASP B OD1 1 
ATOM   1411 O OD2 . ASP B 1 86  ? -0.938  9.917   -10.040 1.00 66.77  ? 149 ASP B OD2 1 
ATOM   1412 N N   . ALA B 1 87  ? -4.047  7.273   -11.132 1.00 44.75  ? 150 ALA B N   1 
ATOM   1413 C CA  . ALA B 1 87  ? -5.446  7.355   -10.753 1.00 40.86  ? 150 ALA B CA  1 
ATOM   1414 C C   . ALA B 1 87  ? -6.180  6.043   -11.019 1.00 40.29  ? 150 ALA B C   1 
ATOM   1415 O O   . ALA B 1 87  ? -7.012  5.628   -10.224 1.00 39.96  ? 150 ALA B O   1 
ATOM   1416 C CB  . ALA B 1 87  ? -6.137  8.508   -11.490 1.00 48.00  ? 150 ALA B CB  1 
ATOM   1417 N N   . VAL B 1 88  ? -5.855  5.390   -12.128 1.00 40.82  ? 151 VAL B N   1 
ATOM   1418 C CA  . VAL B 1 88  ? -6.475  4.100   -12.500 1.00 42.56  ? 151 VAL B CA  1 
ATOM   1419 C C   . VAL B 1 88  ? -6.118  2.964   -11.500 1.00 41.02  ? 151 VAL B C   1 
ATOM   1420 O O   . VAL B 1 88  ? -6.961  2.128   -11.106 1.00 36.84  ? 151 VAL B O   1 
ATOM   1421 C CB  . VAL B 1 88  ? -6.135  3.775   -13.968 1.00 41.98  ? 151 VAL B CB  1 
ATOM   1422 C CG1 . VAL B 1 88  ? -6.153  2.310   -14.292 1.00 45.39  ? 151 VAL B CG1 1 
ATOM   1423 C CG2 . VAL B 1 88  ? -7.120  4.467   -14.878 1.00 46.25  ? 151 VAL B CG2 1 
ATOM   1424 N N   . LEU B 1 89  ? -4.879  2.935   -11.060 1.00 33.69  ? 152 LEU B N   1 
ATOM   1425 C CA  . LEU B 1 89  ? -4.493  1.897   -10.099 1.00 35.10  ? 152 LEU B CA  1 
ATOM   1426 C C   . LEU B 1 89  ? -5.143  2.104   -8.724  1.00 33.96  ? 152 LEU B C   1 
ATOM   1427 O O   . LEU B 1 89  ? -5.461  1.128   -8.076  1.00 31.62  ? 152 LEU B O   1 
ATOM   1428 C CB  . LEU B 1 89  ? -2.990  1.867   -9.951  1.00 35.00  ? 152 LEU B CB  1 
ATOM   1429 C CG  . LEU B 1 89  ? -2.242  1.324   -11.147 1.00 34.68  ? 152 LEU B CG  1 
ATOM   1430 C CD1 . LEU B 1 89  ? -0.721  1.601   -10.930 1.00 37.81  ? 152 LEU B CD1 1 
ATOM   1431 C CD2 . LEU B 1 89  ? -2.543  -0.166  -11.377 1.00 32.75  ? 152 LEU B CD2 1 
ATOM   1432 N N   . ASN B 1 90  ? -5.287  3.358   -8.280  1.00 32.29  ? 153 ASN B N   1 
ATOM   1433 C CA  . ASN B 1 90  ? -6.035  3.669   -7.055  1.00 36.14  ? 153 ASN B CA  1 
ATOM   1434 C C   . ASN B 1 90  ? -7.474  3.154   -7.151  1.00 39.97  ? 153 ASN B C   1 
ATOM   1435 O O   . ASN B 1 90  ? -7.980  2.481   -6.205  1.00 37.01  ? 153 ASN B O   1 
ATOM   1436 C CB  . ASN B 1 90  ? -5.983  5.158   -6.689  1.00 40.12  ? 153 ASN B CB  1 
ATOM   1437 C CG  . ASN B 1 90  ? -6.471  5.437   -5.245  1.00 61.02  ? 153 ASN B CG  1 
ATOM   1438 O OD1 . ASN B 1 90  ? -6.846  4.525   -4.455  1.00 57.27  ? 153 ASN B OD1 1 
ATOM   1439 N ND2 . ASN B 1 90  ? -6.488  6.719   -4.896  1.00 71.12  ? 153 ASN B ND2 1 
ATOM   1440 N N   . ARG B 1 91  ? -8.110  3.358   -8.303  1.00 37.70  ? 154 ARG B N   1 
ATOM   1441 C CA  . ARG B 1 91  ? -9.489  2.874   -8.487  1.00 43.39  ? 154 ARG B CA  1 
ATOM   1442 C C   . ARG B 1 91  ? -9.508  1.360   -8.462  1.00 40.94  ? 154 ARG B C   1 
ATOM   1443 O O   . ARG B 1 91  ? -10.363 0.757   -7.797  1.00 35.17  ? 154 ARG B O   1 
ATOM   1444 C CB  . ARG B 1 91  ? -10.121 3.430   -9.787  1.00 51.01  ? 154 ARG B CB  1 
ATOM   1445 C CG  . ARG B 1 91  ? -11.434 2.787   -10.259 1.00 66.55  ? 154 ARG B CG  1 
ATOM   1446 C CD  . ARG B 1 91  ? -12.685 3.287   -9.514  1.00 78.50  ? 154 ARG B CD  1 
ATOM   1447 N NE  . ARG B 1 91  ? -13.806 2.315   -9.590  1.00 86.29  ? 154 ARG B NE  1 
ATOM   1448 C CZ  . ARG B 1 91  ? -14.192 1.464   -8.625  1.00 88.19  ? 154 ARG B CZ  1 
ATOM   1449 N NH1 . ARG B 1 91  ? -13.578 1.437   -7.437  1.00 81.01  ? 154 ARG B NH1 1 
ATOM   1450 N NH2 . ARG B 1 91  ? -15.226 0.633   -8.834  1.00 84.39  ? 154 ARG B NH2 1 
ATOM   1451 N N   . LEU B 1 92  ? -8.550  0.728   -9.139  1.00 37.55  ? 155 LEU B N   1 
ATOM   1452 C CA  . LEU B 1 92  ? -8.479  -0.748  -9.140  1.00 34.03  ? 155 LEU B CA  1 
ATOM   1453 C C   . LEU B 1 92  ? -8.130  -1.296  -7.759  1.00 33.42  ? 155 LEU B C   1 
ATOM   1454 O O   . LEU B 1 92  ? -8.503  -2.448  -7.371  1.00 33.40  ? 155 LEU B O   1 
ATOM   1455 C CB  . LEU B 1 92  ? -7.453  -1.250  -10.165 1.00 34.06  ? 155 LEU B CB  1 
ATOM   1456 C CG  . LEU B 1 92  ? -7.837  -1.135  -11.656 1.00 38.37  ? 155 LEU B CG  1 
ATOM   1457 C CD1 . LEU B 1 92  ? -6.651  -1.530  -12.556 1.00 36.58  ? 155 LEU B CD1 1 
ATOM   1458 C CD2 . LEU B 1 92  ? -9.041  -1.998  -11.983 1.00 38.46  ? 155 LEU B CD2 1 
ATOM   1459 N N   . ALA B 1 93  ? -7.387  -0.500  -7.028  1.00 33.86  ? 156 ALA B N   1 
ATOM   1460 C CA  . ALA B 1 93  ? -7.027  -0.875  -5.644  1.00 36.25  ? 156 ALA B CA  1 
ATOM   1461 C C   . ALA B 1 93  ? -8.261  -0.848  -4.750  1.00 42.15  ? 156 ALA B C   1 
ATOM   1462 O O   . ALA B 1 93  ? -8.479  -1.808  -4.021  1.00 34.54  ? 156 ALA B O   1 
ATOM   1463 C CB  . ALA B 1 93  ? -5.951  0.022   -5.121  1.00 33.31  ? 156 ALA B CB  1 
ATOM   1464 N N   . ASP B 1 94  ? -9.082  0.215   -4.837  1.00 41.18  ? 157 ASP B N   1 
ATOM   1465 C CA  . ASP B 1 94  ? -10.458 0.138   -4.259  1.00 44.56  ? 157 ASP B CA  1 
ATOM   1466 C C   . ASP B 1 94  ? -11.322 -1.061  -4.761  1.00 43.49  ? 157 ASP B C   1 
ATOM   1467 O O   . ASP B 1 94  ? -11.796 -1.869  -3.978  1.00 46.19  ? 157 ASP B O   1 
ATOM   1468 C CB  . ASP B 1 94  ? -11.204 1.443   -4.457  1.00 45.39  ? 157 ASP B CB  1 
ATOM   1469 C CG  . ASP B 1 94  ? -10.604 2.591   -3.637  1.00 52.65  ? 157 ASP B CG  1 
ATOM   1470 O OD1 . ASP B 1 94  ? -9.628  2.397   -2.900  1.00 55.58  ? 157 ASP B OD1 1 
ATOM   1471 O OD2 . ASP B 1 94  ? -11.102 3.721   -3.726  1.00 62.47  ? 157 ASP B OD2 1 
ATOM   1472 N N   . TYR B 1 95  ? -11.493 -1.220  -6.060  1.00 38.54  ? 158 TYR B N   1 
ATOM   1473 C CA  . TYR B 1 95  ? -12.202 -2.382  -6.559  1.00 41.95  ? 158 TYR B CA  1 
ATOM   1474 C C   . TYR B 1 95  ? -11.751 -3.730  -5.982  1.00 46.40  ? 158 TYR B C   1 
ATOM   1475 O O   . TYR B 1 95  ? -12.573 -4.514  -5.461  1.00 40.29  ? 158 TYR B O   1 
ATOM   1476 C CB  . TYR B 1 95  ? -12.146 -2.393  -8.073  1.00 40.00  ? 158 TYR B CB  1 
ATOM   1477 C CG  . TYR B 1 95  ? -12.657 -3.607  -8.703  1.00 45.74  ? 158 TYR B CG  1 
ATOM   1478 C CD1 . TYR B 1 95  ? -14.008 -3.939  -8.625  1.00 46.55  ? 158 TYR B CD1 1 
ATOM   1479 C CD2 . TYR B 1 95  ? -11.807 -4.433  -9.432  1.00 46.13  ? 158 TYR B CD2 1 
ATOM   1480 C CE1 . TYR B 1 95  ? -14.477 -5.083  -9.229  1.00 44.13  ? 158 TYR B CE1 1 
ATOM   1481 C CE2 . TYR B 1 95  ? -12.269 -5.555  -10.065 1.00 50.92  ? 158 TYR B CE2 1 
ATOM   1482 C CZ  . TYR B 1 95  ? -13.608 -5.878  -9.969  1.00 54.97  ? 158 TYR B CZ  1 
ATOM   1483 O OH  . TYR B 1 95  ? -14.036 -7.023  -10.615 1.00 60.70  ? 158 TYR B OH  1 
ATOM   1484 N N   . THR B 1 96  ? -10.461 -4.018  -6.104  1.00 39.69  ? 159 THR B N   1 
ATOM   1485 C CA  . THR B 1 96  ? -9.925  -5.301  -5.628  1.00 38.02  ? 159 THR B CA  1 
ATOM   1486 C C   . THR B 1 96  ? -10.075 -5.432  -4.092  1.00 38.96  ? 159 THR B C   1 
ATOM   1487 O O   . THR B 1 96  ? -10.215 -6.525  -3.622  1.00 39.31  ? 159 THR B O   1 
ATOM   1488 C CB  . THR B 1 96  ? -8.453  -5.524  -6.102  1.00 37.31  ? 159 THR B CB  1 
ATOM   1489 O OG1 . THR B 1 96  ? -7.634  -4.409  -5.734  1.00 34.43  ? 159 THR B OG1 1 
ATOM   1490 C CG2 . THR B 1 96  ? -8.419  -5.669  -7.569  1.00 33.89  ? 159 THR B CG2 1 
ATOM   1491 N N   . GLU B 1 97  ? -10.041 -4.338  -3.330  1.00 37.13  ? 160 GLU B N   1 
ATOM   1492 C CA  . GLU B 1 97  ? -10.258 -4.439  -1.888  1.00 48.77  ? 160 GLU B CA  1 
ATOM   1493 C C   . GLU B 1 97  ? -11.719 -4.764  -1.537  1.00 52.90  ? 160 GLU B C   1 
ATOM   1494 O O   . GLU B 1 97  ? -11.990 -5.456  -0.525  1.00 46.49  ? 160 GLU B O   1 
ATOM   1495 C CB  . GLU B 1 97  ? -9.890  -3.149  -1.151  1.00 52.67  ? 160 GLU B CB  1 
ATOM   1496 C CG  . GLU B 1 97  ? -8.501  -3.183  -0.529  1.00 67.41  ? 160 GLU B CG  1 
ATOM   1497 C CD  . GLU B 1 97  ? -7.955  -1.793  -0.184  1.00 69.41  ? 160 GLU B CD  1 
ATOM   1498 O OE1 . GLU B 1 97  ? -6.702  -1.603  -0.156  1.00 60.48  ? 160 GLU B OE1 1 
ATOM   1499 O OE2 . GLU B 1 97  ? -8.804  -0.912  0.093   1.00 73.44  ? 160 GLU B OE2 1 
ATOM   1500 N N   . GLN B 1 98  ? -12.631 -4.202  -2.339  1.00 51.66  ? 161 GLN B N   1 
ATOM   1501 C CA  . GLN B 1 98  ? -14.071 -4.397  -2.169  1.00 50.85  ? 161 GLN B CA  1 
ATOM   1502 C C   . GLN B 1 98  ? -14.361 -5.862  -2.386  1.00 43.36  ? 161 GLN B C   1 
ATOM   1503 O O   . GLN B 1 98  ? -14.911 -6.502  -1.519  1.00 42.79  ? 161 GLN B O   1 
ATOM   1504 C CB  . GLN B 1 98  ? -14.875 -3.492  -3.118  1.00 59.29  ? 161 GLN B CB  1 
ATOM   1505 C CG  . GLN B 1 98  ? -15.289 -2.131  -2.553  1.00 68.05  ? 161 GLN B CG  1 
ATOM   1506 C CD  . GLN B 1 98  ? -14.204 -1.410  -1.725  1.00 81.34  ? 161 GLN B CD  1 
ATOM   1507 O OE1 . GLN B 1 98  ? -13.445 -0.570  -2.235  1.00 93.90  ? 161 GLN B OE1 1 
ATOM   1508 N NE2 . GLN B 1 98  ? -14.147 -1.723  -0.431  1.00 95.89  ? 161 GLN B NE2 1 
ATOM   1509 N N   . ARG B 1 99  ? -13.872 -6.399  -3.490  1.00 45.35  ? 162 ARG B N   1 
ATOM   1510 C CA  . ARG B 1 99  ? -13.979 -7.812  -3.814  1.00 46.11  ? 162 ARG B CA  1 
ATOM   1511 C C   . ARG B 1 99  ? -13.424 -8.717  -2.761  1.00 57.70  ? 162 ARG B C   1 
ATOM   1512 O O   . ARG B 1 99  ? -14.053 -9.668  -2.346  1.00 61.39  ? 162 ARG B O   1 
ATOM   1513 C CB  . ARG B 1 99  ? -13.258 -8.110  -5.134  1.00 47.85  ? 162 ARG B CB  1 
ATOM   1514 C CG  . ARG B 1 99  ? -14.174 -8.778  -6.101  1.00 51.24  ? 162 ARG B CG  1 
ATOM   1515 C CD  . ARG B 1 99  ? -13.634 -8.954  -7.499  1.00 51.65  ? 162 ARG B CD  1 
ATOM   1516 N NE  . ARG B 1 99  ? -14.241 -10.153 -8.096  1.00 58.76  ? 162 ARG B NE  1 
ATOM   1517 C CZ  . ARG B 1 99  ? -13.931 -11.411 -7.750  1.00 67.22  ? 162 ARG B CZ  1 
ATOM   1518 N NH1 . ARG B 1 99  ? -13.001 -11.674 -6.823  1.00 76.81  ? 162 ARG B NH1 1 
ATOM   1519 N NH2 . ARG B 1 99  ? -14.538 -12.424 -8.337  1.00 65.92  ? 162 ARG B NH2 1 
ATOM   1520 N N   . GLN B 1 100 ? -12.197 -8.442  -2.352  1.00 59.25  ? 163 GLN B N   1 
ATOM   1521 C CA  . GLN B 1 100 ? -11.548 -9.225  -1.293  1.00 58.28  ? 163 GLN B CA  1 
ATOM   1522 C C   . GLN B 1 100 ? -12.373 -9.269  -0.004  1.00 48.39  ? 163 GLN B C   1 
ATOM   1523 O O   . GLN B 1 100 ? -12.511 -10.308 0.581   1.00 49.45  ? 163 GLN B O   1 
ATOM   1524 C CB  . GLN B 1 100 ? -10.132 -8.658  -0.990  1.00 53.79  ? 163 GLN B CB  1 
ATOM   1525 C CG  . GLN B 1 100 ? -9.310  -9.552  -0.070  1.00 65.41  ? 163 GLN B CG  1 
ATOM   1526 C CD  . GLN B 1 100 ? -9.345  -9.157  1.376   1.00 69.50  ? 163 GLN B CD  1 
ATOM   1527 O OE1 . GLN B 1 100 ? -9.995  -8.177  1.764   1.00 81.08  ? 163 GLN B OE1 1 
ATOM   1528 N NE2 . GLN B 1 100 ? -8.602  -9.904  2.199   1.00 89.51  ? 163 GLN B NE2 1 
ATOM   1529 N N   . GLN B 1 101 ? -12.891 -8.137  0.446   1.00 48.25  ? 164 GLN B N   1 
ATOM   1530 C CA  . GLN B 1 101 ? -13.625 -8.129  1.692   1.00 57.01  ? 164 GLN B CA  1 
ATOM   1531 C C   . GLN B 1 101 ? -15.068 -8.767  1.590   1.00 55.87  ? 164 GLN B C   1 
ATOM   1532 O O   . GLN B 1 101 ? -15.723 -9.005  2.601   1.00 54.30  ? 164 GLN B O   1 
ATOM   1533 C CB  . GLN B 1 101 ? -13.603 -6.721  2.315   1.00 57.78  ? 164 GLN B CB  1 
ATOM   1534 C CG  . GLN B 1 101 ? -14.569 -5.726  1.732   1.00 69.36  ? 164 GLN B CG  1 
ATOM   1535 C CD  . GLN B 1 101 ? -15.066 -4.708  2.751   1.00 81.81  ? 164 GLN B CD  1 
ATOM   1536 O OE1 . GLN B 1 101 ? -15.272 -5.028  3.923   1.00 80.95  ? 164 GLN B OE1 1 
ATOM   1537 N NE2 . GLN B 1 101 ? -15.303 -3.474  2.288   1.00 94.70  ? 164 GLN B NE2 1 
ATOM   1538 N N   . MET B 1 102 ? -15.548 -9.010  0.379   1.00 54.65  ? 165 MET B N   1 
ATOM   1539 C CA  . MET B 1 102 ? -16.719 -9.870  0.170   1.00 58.97  ? 165 MET B CA  1 
ATOM   1540 C C   . MET B 1 102 ? -16.330 -11.328 0.381   1.00 58.33  ? 165 MET B C   1 
ATOM   1541 O O   . MET B 1 102 ? -16.961 -11.997 1.179   1.00 57.94  ? 165 MET B O   1 
ATOM   1542 C CB  . MET B 1 102 ? -17.340 -9.696  -1.228  1.00 51.73  ? 165 MET B CB  1 
ATOM   1543 C CG  . MET B 1 102 ? -17.998 -8.332  -1.417  1.00 55.61  ? 165 MET B CG  1 
ATOM   1544 S SD  . MET B 1 102 ? -19.151 -8.230  -2.822  1.00 56.60  ? 165 MET B SD  1 
ATOM   1545 C CE  . MET B 1 102 ? -18.141 -8.526  -4.239  1.00 54.59  ? 165 MET B CE  1 
ATOM   1546 N N   . ARG B 1 103 ? -15.298 -11.813 -0.307  1.00 61.90  ? 166 ARG B N   1 
ATOM   1547 C CA  . ARG B 1 103 ? -14.834 -13.220 -0.129  1.00 65.70  ? 166 ARG B CA  1 
ATOM   1548 C C   . ARG B 1 103 ? -14.360 -13.517 1.283   1.00 64.28  ? 166 ARG B C   1 
ATOM   1549 O O   . ARG B 1 103 ? -14.163 -14.669 1.618   1.00 62.97  ? 166 ARG B O   1 
ATOM   1550 C CB  . ARG B 1 103 ? -13.706 -13.580 -1.090  1.00 67.86  ? 166 ARG B CB  1 
ATOM   1551 C CG  . ARG B 1 103 ? -13.584 -15.073 -1.310  1.00 73.87  ? 166 ARG B CG  1 
ATOM   1552 C CD  . ARG B 1 103 ? -12.759 -15.398 -2.552  1.00 84.20  ? 166 ARG B CD  1 
ATOM   1553 N NE  . ARG B 1 103 ? -13.373 -15.001 -3.836  1.00 84.39  ? 166 ARG B NE  1 
ATOM   1554 C CZ  . ARG B 1 103 ? -12.847 -15.252 -5.045  1.00 74.73  ? 166 ARG B CZ  1 
ATOM   1555 N NH1 . ARG B 1 103 ? -11.705 -15.900 -5.169  1.00 83.72  ? 166 ARG B NH1 1 
ATOM   1556 N NH2 . ARG B 1 103 ? -13.473 -14.880 -6.146  1.00 69.63  ? 166 ARG B NH2 1 
ATOM   1557 N N   . SER B 1 104 ? -14.159 -12.457 2.069   1.00 65.76  ? 167 SER B N   1 
ATOM   1558 C CA  . SER B 1 104 ? -13.848 -12.502 3.481   1.00 69.33  ? 167 SER B CA  1 
ATOM   1559 C C   . SER B 1 104 ? -15.097 -12.534 4.350   1.00 72.90  ? 167 SER B C   1 
ATOM   1560 O O   . SER B 1 104 ? -15.090 -13.260 5.338   1.00 71.57  ? 167 SER B O   1 
ATOM   1561 C CB  . SER B 1 104 ? -12.953 -11.301 3.876   1.00 78.01  ? 167 SER B CB  1 
ATOM   1562 O OG  . SER B 1 104 ? -13.397 -10.662 5.069   1.00 82.49  ? 167 SER B OG  1 
ATOM   1563 N N   . ARG B 1 105 ? -16.145 -11.757 4.026   1.00 75.92  ? 168 ARG B N   1 
ATOM   1564 C CA  . ARG B 1 105 ? -17.447 -11.900 4.740   1.00 81.77  ? 168 ARG B CA  1 
ATOM   1565 C C   . ARG B 1 105 ? -17.955 -13.341 4.655   1.00 82.65  ? 168 ARG B C   1 
ATOM   1566 O O   . ARG B 1 105 ? -18.415 -13.893 5.651   1.00 79.21  ? 168 ARG B O   1 
ATOM   1567 C CB  . ARG B 1 105 ? -18.535 -10.912 4.290   1.00 85.28  ? 168 ARG B CB  1 
ATOM   1568 C CG  . ARG B 1 105 ? -18.993 -9.980  5.414   1.00 97.43  ? 168 ARG B CG  1 
ATOM   1569 C CD  . ARG B 1 105 ? -19.753 -8.745  4.932   1.00 108.71 ? 168 ARG B CD  1 
ATOM   1570 N NE  . ARG B 1 105 ? -18.849 -7.676  4.457   1.00 115.17 ? 168 ARG B NE  1 
ATOM   1571 C CZ  . ARG B 1 105 ? -18.954 -6.978  3.309   1.00 118.68 ? 168 ARG B CZ  1 
ATOM   1572 N NH1 . ARG B 1 105 ? -18.036 -6.060  3.027   1.00 118.88 ? 168 ARG B NH1 1 
ATOM   1573 N NH2 . ARG B 1 105 ? -19.953 -7.156  2.438   1.00 110.02 ? 168 ARG B NH2 1 
ATOM   1574 N N   . ILE B 1 106 ? -17.793 -13.967 3.492   1.00 81.63  ? 169 ILE B N   1 
ATOM   1575 C CA  . ILE B 1 106 ? -18.208 -15.360 3.307   1.00 76.60  ? 169 ILE B CA  1 
ATOM   1576 C C   . ILE B 1 106 ? -17.243 -16.343 3.963   1.00 83.32  ? 169 ILE B C   1 
ATOM   1577 O O   . ILE B 1 106 ? -17.691 -17.306 4.568   1.00 84.05  ? 169 ILE B O   1 
ATOM   1578 C CB  . ILE B 1 106 ? -18.499 -15.711 1.818   1.00 66.39  ? 169 ILE B CB  1 
ATOM   1579 C CG1 . ILE B 1 106 ? -17.244 -16.138 0.999   1.00 68.82  ? 169 ILE B CG1 1 
ATOM   1580 C CG2 . ILE B 1 106 ? -19.287 -14.580 1.150   1.00 61.08  ? 169 ILE B CG2 1 
ATOM   1581 C CD1 . ILE B 1 106 ? -17.028 -17.643 0.808   1.00 60.33  ? 169 ILE B CD1 1 
ATOM   1582 N N   . GLN B 1 107 ? -15.939 -16.068 3.873   1.00 92.32  ? 170 GLN B N   1 
ATOM   1583 C CA  . GLN B 1 107 ? -14.873 -16.989 4.309   1.00 95.42  ? 170 GLN B CA  1 
ATOM   1584 C C   . GLN B 1 107 ? -15.040 -17.483 5.761   1.00 105.80 ? 170 GLN B C   1 
ATOM   1585 O O   . GLN B 1 107 ? -14.615 -18.594 6.080   1.00 121.34 ? 170 GLN B O   1 
ATOM   1586 C CB  . GLN B 1 107 ? -13.484 -16.338 4.129   1.00 98.30  ? 170 GLN B CB  1 
ATOM   1587 C CG  . GLN B 1 107 ? -12.329 -17.293 3.850   1.00 104.36 ? 170 GLN B CG  1 
ATOM   1588 C CD  . GLN B 1 107 ? -11.670 -17.841 5.119   1.00 109.71 ? 170 GLN B CD  1 
ATOM   1589 O OE1 . GLN B 1 107 ? -11.096 -17.093 5.914   1.00 115.36 ? 170 GLN B OE1 1 
ATOM   1590 N NE2 . GLN B 1 107 ? -11.742 -19.154 5.305   1.00 105.18 ? 170 GLN B NE2 1 
ATOM   1591 N N   . GLN B 1 108 ? -15.638 -16.662 6.631   1.00 108.19 ? 171 GLN B N   1 
ATOM   1592 C CA  . GLN B 1 108 ? -16.060 -17.098 7.968   1.00 101.31 ? 171 GLN B CA  1 
ATOM   1593 C C   . GLN B 1 108 ? -17.537 -16.799 8.120   1.00 88.79  ? 171 GLN B C   1 
ATOM   1594 O O   . GLN B 1 108 ? -18.099 -17.008 9.183   1.00 90.06  ? 171 GLN B O   1 
ATOM   1595 C CB  . GLN B 1 108 ? -15.267 -16.391 9.074   1.00 105.22 ? 171 GLN B CB  1 
ATOM   1596 C CG  . GLN B 1 108 ? -13.740 -16.512 8.990   1.00 110.36 ? 171 GLN B CG  1 
ATOM   1597 C CD  . GLN B 1 108 ? -13.028 -15.190 8.681   1.00 119.41 ? 171 GLN B CD  1 
ATOM   1598 O OE1 . GLN B 1 108 ? -13.279 -14.166 9.319   1.00 124.15 ? 171 GLN B OE1 1 
ATOM   1599 N NE2 . GLN B 1 108 ? -12.123 -15.216 7.712   1.00 117.78 ? 171 GLN B NE2 1 
HETATM 1600 O O   . HOH C 2 .   ? -7.502  -0.118  11.511  1.00 53.50  ? 201 HOH A O   1 
HETATM 1601 O O   . HOH C 2 .   ? -10.886 8.244   10.611  1.00 64.82  ? 202 HOH A O   1 
HETATM 1602 O O   . HOH C 2 .   ? -4.187  14.591  0.125   1.00 53.14  ? 203 HOH A O   1 
HETATM 1603 O O   . HOH C 2 .   ? 8.838   -0.551  21.990  1.00 54.80  ? 204 HOH A O   1 
HETATM 1604 O O   . HOH C 2 .   ? 7.722   -1.134  5.679   1.00 41.20  ? 205 HOH A O   1 
HETATM 1605 O O   . HOH C 2 .   ? -7.258  8.501   1.283   1.00 50.30  ? 206 HOH A O   1 
HETATM 1606 O O   . HOH C 2 .   ? 10.028  10.581  -2.600  1.00 51.95  ? 207 HOH A O   1 
HETATM 1607 O O   . HOH C 2 .   ? -4.768  -1.319  3.883   1.00 49.06  ? 208 HOH A O   1 
HETATM 1608 O O   . HOH C 2 .   ? -2.581  5.948   -3.999  1.00 42.38  ? 209 HOH A O   1 
HETATM 1609 O O   . HOH C 2 .   ? -4.207  3.031   16.454  1.00 48.63  ? 210 HOH A O   1 
HETATM 1610 O O   . HOH C 2 .   ? -3.147  8.571   1.939   1.00 43.00  ? 211 HOH A O   1 
HETATM 1611 O O   . HOH C 2 .   ? 14.345  0.690   10.936  1.00 46.63  ? 212 HOH A O   1 
HETATM 1612 O O   . HOH C 2 .   ? -5.122  7.289   -0.309  1.00 53.90  ? 213 HOH A O   1 
HETATM 1613 O O   . HOH C 2 .   ? 14.439  7.150   6.738   1.00 44.28  ? 214 HOH A O   1 
HETATM 1614 O O   . HOH C 2 .   ? 3.012   -3.344  1.835   1.00 33.23  ? 215 HOH A O   1 
HETATM 1615 O O   . HOH C 2 .   ? 2.400   -6.691  5.164   1.00 45.15  ? 216 HOH A O   1 
HETATM 1616 O O   . HOH C 2 .   ? 11.400  -4.338  0.182   1.00 59.13  ? 217 HOH A O   1 
HETATM 1617 O O   . HOH C 2 .   ? 10.580  14.367  2.464   1.00 49.51  ? 218 HOH A O   1 
HETATM 1618 O O   . HOH C 2 .   ? 7.726   -8.412  11.945  1.00 63.47  ? 219 HOH A O   1 
HETATM 1619 O O   . HOH C 2 .   ? -13.029 0.959   15.002  1.00 50.03  ? 220 HOH A O   1 
HETATM 1620 O O   . HOH C 2 .   ? 6.160   18.312  7.791   1.00 45.95  ? 221 HOH A O   1 
HETATM 1621 O O   . HOH C 2 .   ? 2.639   10.513  -3.260  1.00 42.49  ? 222 HOH A O   1 
HETATM 1622 O O   . HOH C 2 .   ? -8.525  6.001   21.036  1.00 59.46  ? 223 HOH A O   1 
HETATM 1623 O O   . HOH C 2 .   ? -4.024  18.860  15.328  1.00 75.61  ? 224 HOH A O   1 
HETATM 1624 O O   . HOH C 2 .   ? -6.172  17.659  16.267  1.00 66.30  ? 225 HOH A O   1 
HETATM 1625 O O   . HOH D 2 .   ? 2.802   2.371   -18.863 1.00 56.25  ? 201 HOH B O   1 
HETATM 1626 O O   . HOH D 2 .   ? 5.335   6.327   -11.388 1.00 56.51  ? 202 HOH B O   1 
HETATM 1627 O O   . HOH D 2 .   ? 5.506   -3.902  2.711   1.00 37.97  ? 203 HOH B O   1 
HETATM 1628 O O   . HOH D 2 .   ? 9.646   2.155   -15.640 1.00 51.50  ? 204 HOH B O   1 
HETATM 1629 O O   . HOH D 2 .   ? 10.219  -11.080 -2.703  1.00 62.35  ? 205 HOH B O   1 
HETATM 1630 O O   . HOH D 2 .   ? -6.354  -3.258  -2.826  1.00 50.61  ? 206 HOH B O   1 
HETATM 1631 O O   . HOH D 2 .   ? -2.685  2.938   -23.386 1.00 62.44  ? 207 HOH B O   1 
HETATM 1632 O O   . HOH D 2 .   ? 3.968   -7.700  0.295   1.00 47.33  ? 208 HOH B O   1 
HETATM 1633 O O   . HOH D 2 .   ? -7.170  9.248   -4.745  1.00 64.04  ? 209 HOH B O   1 
HETATM 1634 O O   . HOH D 2 .   ? -2.188  -18.327 -10.397 1.00 65.65  ? 210 HOH B O   1 
HETATM 1635 O O   . HOH D 2 .   ? -2.505  3.608   -2.370  1.00 35.34  ? 211 HOH B O   1 
HETATM 1636 O O   . HOH D 2 .   ? -8.442  7.076   -8.430  1.00 54.63  ? 212 HOH B O   1 
HETATM 1637 O O   . HOH D 2 .   ? -15.517 -16.586 -3.278  1.00 57.21  ? 213 HOH B O   1 
HETATM 1638 O O   . HOH D 2 .   ? -3.902  -18.829 -5.756  1.00 71.05  ? 214 HOH B O   1 
HETATM 1639 O O   . HOH D 2 .   ? 4.082   -7.847  -2.343  1.00 41.65  ? 215 HOH B O   1 
HETATM 1640 O O   . HOH D 2 .   ? -9.352  -8.754  -5.182  1.00 43.48  ? 216 HOH B O   1 
HETATM 1641 O O   . HOH D 2 .   ? 12.486  -1.096  -6.466  1.00 52.90  ? 217 HOH B O   1 
HETATM 1642 O O   . HOH D 2 .   ? 9.978   -12.512 3.519   1.00 69.20  ? 218 HOH B O   1 
HETATM 1643 O O   . HOH D 2 .   ? 11.793  -8.318  -9.938  1.00 44.80  ? 219 HOH B O   1 
HETATM 1644 O O   . HOH D 2 .   ? 12.204  -8.157  -14.684 1.00 41.52  ? 220 HOH B O   1 
HETATM 1645 O O   . HOH D 2 .   ? 12.323  -11.543 -25.771 1.00 70.87  ? 221 HOH B O   1 
HETATM 1646 O O   . HOH D 2 .   ? 10.609  -2.936  -1.822  1.00 36.97  ? 222 HOH B O   1 
HETATM 1647 O O   . HOH D 2 .   ? 9.415   -10.679 1.451   1.00 66.02  ? 223 HOH B O   1 
HETATM 1648 O O   . HOH D 2 .   ? -10.227 -10.077 -7.272  1.00 50.41  ? 224 HOH B O   1 
HETATM 1649 O O   . HOH D 2 .   ? 3.827   -18.971 -3.120  1.00 71.15  ? 225 HOH B O   1 
HETATM 1650 O O   . HOH D 2 .   ? 0.656   11.699  -4.894  1.00 49.99  ? 226 HOH B O   1 
HETATM 1651 O O   . HOH D 2 .   ? -6.583  8.817   -7.806  1.00 57.18  ? 227 HOH B O   1 
HETATM 1652 O O   . HOH D 2 .   ? 12.696  -2.209  -3.750  1.00 51.86  ? 228 HOH B O   1 
# 
